data_9GXK
#
_entry.id   9GXK
#
_cell.length_a   1.00
_cell.length_b   1.00
_cell.length_c   1.00
_cell.angle_alpha   90.00
_cell.angle_beta   90.00
_cell.angle_gamma   90.00
#
_symmetry.space_group_name_H-M   'P 1'
#
loop_
_entity.id
_entity.type
_entity.pdbx_description
1 polymer 'UvrABC system protein A'
2 non-polymer 'ZINC ION'
#
_entity_poly.entity_id   1
_entity_poly.type   'polypeptide(L)'
_entity_poly.pdbx_seq_one_letter_code
;MGSSHHHHHHSSGLVPRGSHMKKDYIVVKGAREHNLKNIDVKIPRDKFVVITGLSGSGKSSLAFDTIYAEGQRRYVESLS
SYARQFLGQMEKPDVDYIDGLSPAIAIDQKTTSRNPRSTVGTVTEIYDYLRLLFARIGTPHCYLCGREISQQTVDQMVDR
IMEFEEGTRIQLLAPVVRGRKGEYHKLIEDIKKEGYVRIRVDGEVVDVNDPVNLDKNKKHNIEIVVDRLIVRPGIQKRLT
DSIETVLRLSNGILVVDVIGGKEMLLSQNFACTECNVSMEEITPRMFSFNNPYGACPECTGLGSLMRIDPDLVIPDKKLS
LAQGAVRASGWNIANDESYARMYIDALAKHYNFSVDTPVEELPPHILDIILYGTNGEKIKIEYERENEKGTFMASFPGII
NSMERRYKETTSEVMKQYYENFMSNIPCPVCKGARLKKESLAVTIGGKNIYEVCCLSIGEAKEFFANLNLTERQQLIARQ
ILKEINARLGFLVDVGLDYLTLARAAGTLSGGEAQRIRLATQIGSGLMGVIYILDEPSIGLHQRDNDRLLRSLKKLRDLG
NTLLVVEHDEDTMYASDYIIDLGPGAGSHGGQIVAEGTVEEIKQNPNSVTGEYLSGRKKIEVPKERRKPNGKWLEIIGAR
ENNLKNINVRIPLGVFTCITGVSGSGKSSLINEILYKRLAAELNRASVKPGEHDLIKGIEYLDKVIDIDQSPIGRTPRSN
PATYTGVFDFIREIFANTTEAKTRGYKAGRFSFNVKGGRCEACAGDGINKIEMHFLPDIYVPCEVCKGKRYNRETLEVRY
KGKNIAEVLDMTVEEALEFFKNIPRIHKKIETLYDVGLGYIKLGQSSTTLSGGEAQRVKLATELSRKSTGKTMYILDEPT
TGLHMADVHRLVGILHRLVEAGNSVVVIEHNLDVIKTADYIIDLGPEGGSGGGLVVAEGTPEEVAKVENSYTGQFLKKVL
ST
;
_entity_poly.pdbx_strand_id   A,B
#
loop_
_chem_comp.id
_chem_comp.type
_chem_comp.name
_chem_comp.formula
ZN non-polymer 'ZINC ION' 'Zn 2'
#
# COMPACT_ATOMS: atom_id res chain seq x y z
N ASP A 24 -20.98 14.17 3.12
CA ASP A 24 -20.54 14.55 4.45
C ASP A 24 -20.97 13.52 5.49
N TYR A 25 -21.08 12.26 5.06
CA TYR A 25 -21.50 11.19 5.94
C TYR A 25 -20.87 9.89 5.46
N ILE A 26 -20.80 8.92 6.37
CA ILE A 26 -20.41 7.55 6.05
C ILE A 26 -21.60 6.67 6.37
N VAL A 27 -22.11 5.96 5.37
CA VAL A 27 -23.31 5.16 5.51
C VAL A 27 -22.93 3.69 5.38
N VAL A 28 -23.24 2.91 6.40
CA VAL A 28 -23.01 1.46 6.41
C VAL A 28 -24.37 0.79 6.51
N LYS A 29 -24.65 -0.11 5.59
CA LYS A 29 -25.91 -0.84 5.55
C LYS A 29 -25.64 -2.33 5.60
N GLY A 30 -26.33 -3.03 6.50
CA GLY A 30 -26.23 -4.47 6.58
C GLY A 30 -24.87 -5.01 6.95
N ALA A 31 -24.24 -4.43 7.98
CA ALA A 31 -22.97 -4.94 8.47
C ALA A 31 -23.22 -6.21 9.28
N ARG A 32 -22.64 -7.32 8.85
CA ARG A 32 -22.86 -8.61 9.49
C ARG A 32 -21.55 -9.29 9.84
N GLU A 33 -20.48 -8.53 10.00
CA GLU A 33 -19.19 -9.10 10.34
C GLU A 33 -19.22 -9.66 11.76
N HIS A 34 -18.73 -10.90 11.91
CA HIS A 34 -18.69 -11.58 13.20
C HIS A 34 -20.06 -11.63 13.86
N ASN A 35 -20.22 -10.92 14.98
CA ASN A 35 -21.45 -10.97 15.76
C ASN A 35 -22.34 -9.76 15.55
N LEU A 36 -22.07 -8.94 14.54
CA LEU A 36 -22.91 -7.78 14.28
C LEU A 36 -24.27 -8.22 13.78
N LYS A 37 -25.33 -7.65 14.36
CA LYS A 37 -26.69 -8.10 14.10
C LYS A 37 -27.33 -7.29 12.97
N ASN A 38 -26.65 -7.24 11.83
CA ASN A 38 -27.15 -6.58 10.62
C ASN A 38 -27.61 -5.15 10.91
N ILE A 39 -26.65 -4.33 11.32
CA ILE A 39 -26.93 -2.99 11.81
C ILE A 39 -26.66 -1.97 10.71
N ASP A 40 -27.27 -0.80 10.86
CA ASP A 40 -27.07 0.34 9.97
C ASP A 40 -26.63 1.53 10.80
N VAL A 41 -25.56 2.20 10.36
CA VAL A 41 -25.00 3.31 11.11
C VAL A 41 -24.63 4.43 10.15
N LYS A 42 -24.77 5.67 10.63
CA LYS A 42 -24.38 6.86 9.88
C LYS A 42 -23.36 7.62 10.70
N ILE A 43 -22.11 7.62 10.26
CA ILE A 43 -21.01 8.24 10.98
C ILE A 43 -20.71 9.59 10.34
N PRO A 44 -20.86 10.70 11.06
CA PRO A 44 -20.54 12.00 10.46
C PRO A 44 -19.06 12.09 10.09
N ARG A 45 -18.78 12.82 9.02
CA ARG A 45 -17.43 12.94 8.50
C ARG A 45 -16.73 14.16 9.07
N ASP A 46 -15.40 14.07 9.13
CA ASP A 46 -14.55 15.17 9.60
C ASP A 46 -14.93 15.60 11.02
N LYS A 47 -15.12 14.61 11.89
CA LYS A 47 -15.49 14.87 13.28
C LYS A 47 -14.76 13.87 14.17
N PHE A 48 -14.76 14.15 15.47
CA PHE A 48 -14.15 13.29 16.49
C PHE A 48 -15.23 12.34 16.98
N VAL A 49 -15.26 11.14 16.42
CA VAL A 49 -16.29 10.14 16.72
C VAL A 49 -15.67 9.04 17.56
N VAL A 50 -16.35 8.69 18.66
CA VAL A 50 -15.86 7.69 19.60
C VAL A 50 -16.81 6.50 19.59
N ILE A 51 -16.25 5.31 19.41
CA ILE A 51 -17.00 4.06 19.46
C ILE A 51 -16.66 3.34 20.75
N THR A 52 -17.67 3.09 21.58
CA THR A 52 -17.47 2.50 22.89
C THR A 52 -18.52 1.44 23.17
N GLY A 53 -18.19 0.55 24.10
CA GLY A 53 -19.08 -0.53 24.47
C GLY A 53 -18.34 -1.54 25.32
N LEU A 54 -19.07 -2.60 25.68
CA LEU A 54 -18.46 -3.66 26.46
C LEU A 54 -17.46 -4.43 25.62
N SER A 55 -16.54 -5.12 26.31
CA SER A 55 -15.57 -5.95 25.61
C SER A 55 -16.28 -7.12 24.94
N GLY A 56 -15.99 -7.35 23.68
CA GLY A 56 -16.64 -8.39 22.92
C GLY A 56 -18.01 -8.03 22.38
N SER A 57 -18.41 -6.77 22.49
CA SER A 57 -19.71 -6.34 21.99
C SER A 57 -19.72 -6.11 20.49
N GLY A 58 -18.57 -6.14 19.83
CA GLY A 58 -18.49 -5.98 18.39
C GLY A 58 -18.06 -4.62 17.91
N LYS A 59 -17.69 -3.71 18.80
CA LYS A 59 -17.20 -2.40 18.37
C LYS A 59 -15.91 -2.53 17.58
N SER A 60 -14.98 -3.36 18.04
CA SER A 60 -13.73 -3.56 17.32
C SER A 60 -13.99 -4.17 15.95
N SER A 61 -14.91 -5.14 15.88
CA SER A 61 -15.29 -5.68 14.58
C SER A 61 -15.82 -4.58 13.66
N LEU A 62 -16.83 -3.85 14.14
CA LEU A 62 -17.47 -2.83 13.32
C LEU A 62 -16.46 -1.82 12.80
N ALA A 63 -15.51 -1.42 13.63
CA ALA A 63 -14.53 -0.44 13.16
C ALA A 63 -13.49 -1.09 12.25
N PHE A 64 -12.67 -1.98 12.81
CA PHE A 64 -11.50 -2.44 12.08
C PHE A 64 -11.85 -3.39 10.95
N ASP A 65 -12.71 -4.37 11.21
CA ASP A 65 -12.96 -5.39 10.20
C ASP A 65 -13.82 -4.87 9.05
N THR A 66 -14.65 -3.86 9.31
CA THR A 66 -15.48 -3.30 8.25
C THR A 66 -14.88 -2.04 7.63
N ILE A 67 -14.76 -0.96 8.41
CA ILE A 67 -14.46 0.33 7.82
C ILE A 67 -13.00 0.39 7.40
N TYR A 68 -12.09 0.01 8.31
CA TYR A 68 -10.68 0.02 7.98
C TYR A 68 -10.38 -0.93 6.83
N ALA A 69 -10.97 -2.12 6.85
CA ALA A 69 -10.71 -3.10 5.80
C ALA A 69 -11.17 -2.58 4.45
N GLU A 70 -12.39 -2.05 4.37
CA GLU A 70 -12.88 -1.55 3.09
C GLU A 70 -12.07 -0.36 2.61
N GLY A 71 -11.75 0.58 3.51
CA GLY A 71 -11.00 1.76 3.09
C GLY A 71 -9.60 1.42 2.63
N GLN A 72 -8.94 0.46 3.30
CA GLN A 72 -7.61 0.05 2.88
C GLN A 72 -7.65 -0.73 1.58
N ARG A 73 -8.65 -1.60 1.41
CA ARG A 73 -8.74 -2.41 0.20
C ARG A 73 -9.00 -1.55 -1.02
N ARG A 74 -9.95 -0.61 -0.91
CA ARG A 74 -10.31 0.19 -2.07
C ARG A 74 -9.16 1.07 -2.55
N TYR A 75 -8.17 1.32 -1.71
CA TYR A 75 -6.99 2.06 -2.12
C TYR A 75 -5.86 1.16 -2.57
N VAL A 76 -5.64 0.03 -1.88
CA VAL A 76 -4.52 -0.84 -2.22
C VAL A 76 -4.78 -1.55 -3.55
N GLU A 77 -6.02 -1.98 -3.79
CA GLU A 77 -6.31 -2.72 -5.02
C GLU A 77 -6.07 -1.90 -6.27
N SER A 78 -6.03 -0.57 -6.15
CA SER A 78 -5.80 0.30 -7.30
C SER A 78 -4.32 0.49 -7.59
N LEU A 79 -3.43 -0.06 -6.79
CA LEU A 79 -2.00 0.09 -7.01
C LEU A 79 -1.48 -0.96 -7.98
N MET A 90 -6.37 -7.50 2.24
CA MET A 90 -7.42 -7.64 3.24
C MET A 90 -8.66 -8.31 2.65
N GLU A 91 -9.29 -9.18 3.44
CA GLU A 91 -10.48 -9.88 2.98
C GLU A 91 -11.66 -8.91 2.86
N LYS A 92 -12.59 -9.24 1.97
CA LYS A 92 -13.76 -8.39 1.77
C LYS A 92 -14.75 -8.58 2.91
N PRO A 93 -15.15 -7.53 3.61
CA PRO A 93 -16.08 -7.71 4.74
C PRO A 93 -17.48 -8.06 4.27
N ASP A 94 -18.25 -8.63 5.21
CA ASP A 94 -19.64 -9.00 4.97
C ASP A 94 -20.51 -7.78 5.23
N VAL A 95 -20.79 -7.03 4.16
CA VAL A 95 -21.57 -5.81 4.27
C VAL A 95 -22.24 -5.55 2.92
N ASP A 96 -23.45 -4.99 2.97
CA ASP A 96 -24.16 -4.66 1.74
C ASP A 96 -23.41 -3.60 0.93
N TYR A 97 -23.27 -2.40 1.49
CA TYR A 97 -22.52 -1.35 0.81
C TYR A 97 -22.08 -0.32 1.84
N ILE A 98 -20.97 0.35 1.53
CA ILE A 98 -20.45 1.45 2.34
C ILE A 98 -20.28 2.66 1.44
N ASP A 99 -20.75 3.81 1.89
CA ASP A 99 -20.72 5.03 1.10
C ASP A 99 -19.93 6.11 1.83
N GLY A 100 -19.41 7.05 1.05
CA GLY A 100 -18.66 8.17 1.59
C GLY A 100 -17.37 7.75 2.29
N LEU A 101 -16.63 6.84 1.66
CA LEU A 101 -15.40 6.32 2.25
C LEU A 101 -14.19 7.05 1.70
N SER A 102 -13.10 7.00 2.46
CA SER A 102 -11.82 7.59 2.10
C SER A 102 -10.73 6.61 2.52
N PRO A 103 -9.50 6.76 2.02
CA PRO A 103 -8.42 5.86 2.47
C PRO A 103 -8.28 5.92 3.98
N ALA A 104 -8.09 4.76 4.60
CA ALA A 104 -8.12 4.61 6.04
C ALA A 104 -6.76 4.15 6.55
N ILE A 105 -6.31 4.76 7.65
CA ILE A 105 -5.06 4.39 8.31
C ILE A 105 -5.40 4.01 9.75
N ALA A 106 -4.98 2.82 10.15
CA ALA A 106 -5.25 2.29 11.48
C ALA A 106 -3.96 2.33 12.30
N ILE A 107 -4.05 2.89 13.50
CA ILE A 107 -2.92 2.97 14.42
C ILE A 107 -3.28 2.14 15.66
N ASP A 108 -2.45 1.14 15.95
CA ASP A 108 -2.71 0.22 17.06
C ASP A 108 -1.39 -0.16 17.69
N GLN A 109 -1.46 -0.92 18.78
CA GLN A 109 -0.29 -1.37 19.52
C GLN A 109 0.15 -2.71 18.93
N LYS A 110 0.81 -2.65 17.79
CA LYS A 110 1.31 -3.85 17.11
C LYS A 110 2.75 -3.61 16.65
N THR A 111 3.60 -3.12 17.55
CA THR A 111 4.98 -2.80 17.20
C THR A 111 5.74 -4.06 16.81
N THR A 112 6.66 -3.91 15.88
CA THR A 112 7.48 -5.02 15.38
C THR A 112 8.94 -4.58 15.36
N SER A 113 9.84 -5.55 15.50
CA SER A 113 11.27 -5.26 15.49
C SER A 113 11.70 -4.70 14.14
N ARG A 114 11.13 -5.24 13.06
CA ARG A 114 11.38 -4.77 11.70
C ARG A 114 12.86 -4.84 11.35
N ASN A 115 13.50 -3.68 11.26
CA ASN A 115 14.88 -3.57 10.81
C ASN A 115 15.69 -2.74 11.79
N PRO A 116 17.00 -2.98 11.87
CA PRO A 116 17.84 -2.18 12.77
C PRO A 116 18.29 -0.88 12.14
N ARG A 117 17.78 -0.59 10.94
CA ARG A 117 18.15 0.62 10.21
C ARG A 117 17.17 1.77 10.46
N SER A 118 16.18 1.58 11.33
CA SER A 118 15.20 2.61 11.64
C SER A 118 15.31 2.99 13.10
N THR A 119 15.32 4.29 13.37
CA THR A 119 15.34 4.79 14.74
C THR A 119 14.19 5.77 14.94
N VAL A 120 14.14 6.42 16.10
CA VAL A 120 13.09 7.41 16.35
C VAL A 120 13.22 8.58 15.38
N GLY A 121 14.44 9.04 15.15
CA GLY A 121 14.64 10.17 14.26
C GLY A 121 14.23 9.89 12.83
N THR A 122 14.55 8.69 12.34
CA THR A 122 14.16 8.35 10.97
C THR A 122 12.66 8.13 10.86
N VAL A 123 12.05 7.51 11.88
CA VAL A 123 10.61 7.27 11.84
C VAL A 123 9.85 8.59 11.85
N THR A 124 10.25 9.52 12.73
CA THR A 124 9.56 10.80 12.83
C THR A 124 10.01 11.80 11.78
N GLU A 125 10.94 11.41 10.90
CA GLU A 125 11.39 12.26 9.79
C GLU A 125 12.02 13.56 10.28
N ILE A 126 12.74 13.48 11.40
CA ILE A 126 13.53 14.61 11.88
C ILE A 126 15.01 14.46 11.54
N TYR A 127 15.48 13.22 11.30
CA TYR A 127 16.88 13.03 10.94
C TYR A 127 17.18 13.66 9.58
N ASP A 128 16.22 13.63 8.66
CA ASP A 128 16.44 14.25 7.36
C ASP A 128 16.65 15.75 7.50
N TYR A 129 15.83 16.41 8.32
CA TYR A 129 16.01 17.83 8.55
C TYR A 129 17.30 18.12 9.29
N LEU A 130 17.70 17.23 10.21
CA LEU A 130 18.99 17.41 10.86
C LEU A 130 20.13 17.33 9.87
N ARG A 131 20.07 16.37 8.93
CA ARG A 131 21.09 16.26 7.89
C ARG A 131 21.12 17.51 7.03
N LEU A 132 19.94 18.03 6.66
CA LEU A 132 19.90 19.26 5.87
C LEU A 132 20.52 20.43 6.62
N LEU A 133 20.19 20.56 7.90
CA LEU A 133 20.74 21.66 8.70
C LEU A 133 22.25 21.55 8.83
N PHE A 134 22.76 20.33 9.04
CA PHE A 134 24.20 20.16 9.17
C PHE A 134 24.92 20.39 7.85
N ALA A 135 24.28 20.05 6.73
CA ALA A 135 24.87 20.38 5.44
C ALA A 135 24.90 21.89 5.21
N ARG A 136 23.85 22.59 5.65
CA ARG A 136 23.77 24.03 5.42
C ARG A 136 24.78 24.79 6.27
N ILE A 137 24.65 24.68 7.60
CA ILE A 137 25.40 25.54 8.51
C ILE A 137 26.39 24.76 9.37
N GLY A 138 26.62 23.48 9.06
CA GLY A 138 27.56 22.72 9.85
C GLY A 138 28.98 23.24 9.69
N THR A 139 29.67 23.38 10.81
CA THR A 139 31.04 23.88 10.80
C THR A 139 32.00 22.73 10.54
N PRO A 140 32.78 22.76 9.45
CA PRO A 140 33.71 21.66 9.19
C PRO A 140 34.85 21.65 10.19
N HIS A 141 35.47 20.47 10.32
CA HIS A 141 36.56 20.28 11.25
C HIS A 141 37.48 19.19 10.71
N CYS A 142 38.65 19.07 11.33
CA CYS A 142 39.58 18.00 10.99
C CYS A 142 39.51 16.90 12.04
N TYR A 143 39.43 15.66 11.58
CA TYR A 143 39.38 14.50 12.47
C TYR A 143 40.77 14.04 12.88
N LEU A 144 41.82 14.69 12.39
CA LEU A 144 43.19 14.37 12.75
C LEU A 144 43.85 15.44 13.60
N CYS A 145 43.66 16.71 13.28
CA CYS A 145 44.26 17.80 14.04
C CYS A 145 43.25 18.66 14.78
N GLY A 146 41.98 18.62 14.38
CA GLY A 146 40.95 19.39 15.06
C GLY A 146 40.85 20.84 14.66
N ARG A 147 41.51 21.24 13.58
CA ARG A 147 41.46 22.63 13.13
C ARG A 147 40.17 22.85 12.33
N GLU A 148 40.03 24.05 11.76
CA GLU A 148 38.86 24.40 10.98
C GLU A 148 39.25 24.61 9.52
N ILE A 149 38.37 24.18 8.61
CA ILE A 149 38.60 24.29 7.18
C ILE A 149 37.71 25.42 6.65
N SER A 150 38.33 26.38 5.97
CA SER A 150 37.60 27.49 5.38
C SER A 150 38.05 27.69 3.93
N GLN A 151 37.11 28.10 3.10
CA GLN A 151 37.39 28.31 1.68
C GLN A 151 36.36 29.26 1.06
N ASN A 269 41.86 26.21 -1.07
CA ASN A 269 41.26 24.88 -1.18
C ASN A 269 40.45 24.55 0.06
N PHE A 270 39.50 23.62 -0.09
CA PHE A 270 38.63 23.21 1.01
C PHE A 270 39.26 22.01 1.73
N ALA A 271 40.44 22.26 2.30
CA ALA A 271 41.17 21.23 3.00
C ALA A 271 42.12 21.89 4.00
N CYS A 272 42.59 21.11 4.96
CA CYS A 272 43.54 21.59 5.94
C CYS A 272 44.96 21.53 5.38
N THR A 273 45.77 22.53 5.71
CA THR A 273 47.16 22.62 5.28
C THR A 273 48.13 21.96 6.23
N GLU A 274 47.66 21.50 7.39
CA GLU A 274 48.54 20.87 8.38
C GLU A 274 48.58 19.35 8.22
N CYS A 275 47.40 18.70 8.31
CA CYS A 275 47.35 17.25 8.19
C CYS A 275 47.31 16.79 6.75
N ASN A 276 47.22 17.71 5.78
CA ASN A 276 47.17 17.39 4.36
C ASN A 276 46.03 16.42 4.05
N VAL A 277 44.87 16.67 4.65
CA VAL A 277 43.68 15.84 4.47
C VAL A 277 42.67 16.63 3.65
N SER A 278 42.19 16.02 2.57
CA SER A 278 41.25 16.67 1.66
C SER A 278 39.82 16.29 2.04
N MET A 279 38.96 17.30 2.13
CA MET A 279 37.55 17.10 2.46
C MET A 279 36.70 17.69 1.35
N GLU A 280 35.73 16.91 0.87
CA GLU A 280 34.85 17.38 -0.18
C GLU A 280 33.81 18.34 0.38
N GLU A 281 33.04 18.95 -0.53
CA GLU A 281 31.98 19.85 -0.11
C GLU A 281 30.90 19.10 0.65
N ILE A 282 30.37 19.73 1.69
CA ILE A 282 29.41 19.07 2.56
C ILE A 282 28.06 18.99 1.88
N THR A 283 27.47 17.79 1.89
CA THR A 283 26.17 17.53 1.27
C THR A 283 25.26 16.84 2.28
N PRO A 284 23.95 16.99 2.12
CA PRO A 284 23.02 16.30 3.03
C PRO A 284 23.18 14.80 3.03
N ARG A 285 23.48 14.19 1.89
CA ARG A 285 23.64 12.75 1.82
C ARG A 285 24.88 12.25 2.56
N MET A 286 25.81 13.15 2.89
CA MET A 286 27.03 12.73 3.58
C MET A 286 26.73 12.25 5.00
N PHE A 287 25.73 12.82 5.66
CA PHE A 287 25.41 12.48 7.03
C PHE A 287 24.48 11.28 7.16
N SER A 288 23.87 10.82 6.06
CA SER A 288 22.97 9.68 6.13
C SER A 288 23.76 8.39 6.30
N PHE A 289 23.25 7.50 7.14
CA PHE A 289 23.87 6.20 7.34
C PHE A 289 23.23 5.11 6.47
N ASN A 290 22.32 5.48 5.58
CA ASN A 290 21.72 4.54 4.64
C ASN A 290 22.33 4.62 3.26
N ASN A 291 23.41 5.36 3.09
CA ASN A 291 24.12 5.52 1.83
C ASN A 291 25.60 5.23 2.03
N PRO A 292 26.28 4.74 0.99
CA PRO A 292 27.71 4.42 1.15
C PRO A 292 28.57 5.63 1.46
N TYR A 293 28.10 6.84 1.18
CA TYR A 293 28.91 8.03 1.34
C TYR A 293 29.14 8.41 2.80
N GLY A 294 28.26 8.02 3.70
CA GLY A 294 28.39 8.43 5.09
C GLY A 294 28.42 7.30 6.11
N ALA A 295 27.93 6.14 5.73
CA ALA A 295 27.84 5.02 6.68
C ALA A 295 29.22 4.57 7.11
N CYS A 296 29.33 4.19 8.38
CA CYS A 296 30.58 3.63 8.89
C CYS A 296 30.88 2.32 8.16
N PRO A 297 32.10 2.13 7.65
CA PRO A 297 32.34 0.96 6.77
C PRO A 297 32.31 -0.37 7.50
N GLU A 298 32.71 -0.41 8.78
CA GLU A 298 32.76 -1.69 9.48
C GLU A 298 31.37 -2.26 9.68
N CYS A 299 30.42 -1.43 10.10
CA CYS A 299 29.07 -1.88 10.38
C CYS A 299 28.06 -1.48 9.31
N THR A 300 28.55 -0.99 8.15
CA THR A 300 27.73 -0.46 7.06
C THR A 300 26.55 0.38 7.57
N GLY A 301 26.79 1.17 8.62
CA GLY A 301 25.80 2.08 9.12
C GLY A 301 24.82 1.53 10.12
N LEU A 302 24.89 0.23 10.42
CA LEU A 302 23.97 -0.38 11.38
C LEU A 302 24.30 -0.01 12.83
N GLY A 303 25.56 0.29 13.13
CA GLY A 303 25.95 0.62 14.47
C GLY A 303 26.19 -0.57 15.38
N SER A 304 25.99 -1.79 14.88
CA SER A 304 26.19 -2.99 15.67
C SER A 304 26.56 -4.14 14.74
N LEU A 305 27.15 -5.18 15.32
CA LEU A 305 27.59 -6.34 14.58
C LEU A 305 26.77 -7.56 15.01
N MET A 306 26.21 -8.27 14.04
CA MET A 306 25.40 -9.44 14.33
C MET A 306 26.27 -10.67 14.58
N ASN A 425 24.47 -9.45 19.67
CA ASN A 425 24.80 -8.18 19.04
C ASN A 425 25.73 -7.35 19.92
N ILE A 426 26.73 -6.73 19.31
CA ILE A 426 27.69 -5.91 20.04
C ILE A 426 27.87 -4.59 19.29
N PRO A 427 28.15 -3.49 19.97
CA PRO A 427 28.35 -2.23 19.27
C PRO A 427 29.58 -2.27 18.37
N CYS A 428 29.51 -1.53 17.27
CA CYS A 428 30.63 -1.48 16.34
C CYS A 428 31.81 -0.81 17.02
N PRO A 429 32.96 -1.47 17.10
CA PRO A 429 34.11 -0.88 17.81
C PRO A 429 34.64 0.39 17.17
N VAL A 430 34.34 0.64 15.89
CA VAL A 430 34.89 1.80 15.22
C VAL A 430 34.12 3.05 15.59
N CYS A 431 32.83 3.10 15.26
CA CYS A 431 32.03 4.29 15.49
C CYS A 431 31.38 4.33 16.86
N LYS A 432 31.46 3.24 17.64
CA LYS A 432 30.84 3.16 18.95
C LYS A 432 29.34 3.45 18.88
N GLY A 433 28.69 2.93 17.84
CA GLY A 433 27.27 3.10 17.67
C GLY A 433 26.83 4.36 16.98
N ALA A 434 27.77 5.20 16.55
CA ALA A 434 27.39 6.46 15.90
C ALA A 434 26.90 6.27 14.48
N ARG A 435 27.11 5.08 13.90
CA ARG A 435 26.58 4.72 12.58
C ARG A 435 27.17 5.55 11.45
N LEU A 436 28.16 6.39 11.74
CA LEU A 436 28.73 7.27 10.72
C LEU A 436 30.24 7.20 10.77
N LYS A 437 30.86 7.41 9.60
CA LYS A 437 32.31 7.41 9.53
C LYS A 437 32.88 8.63 10.24
N LYS A 438 34.15 8.54 10.63
CA LYS A 438 34.76 9.60 11.43
C LYS A 438 34.81 10.92 10.68
N GLU A 439 34.80 10.88 9.35
CA GLU A 439 34.81 12.13 8.59
C GLU A 439 33.55 12.94 8.82
N SER A 440 32.38 12.28 8.84
CA SER A 440 31.13 13.01 8.99
C SER A 440 30.96 13.56 10.40
N LEU A 441 31.48 12.86 11.40
CA LEU A 441 31.29 13.26 12.79
C LEU A 441 32.10 14.50 13.16
N ALA A 442 33.01 14.95 12.30
CA ALA A 442 33.80 16.13 12.60
C ALA A 442 33.00 17.43 12.47
N VAL A 443 31.94 17.43 11.67
CA VAL A 443 31.14 18.63 11.44
C VAL A 443 30.24 18.82 12.66
N THR A 444 30.41 19.94 13.36
CA THR A 444 29.69 20.21 14.60
C THR A 444 28.89 21.50 14.47
N ILE A 445 27.72 21.51 15.10
CA ILE A 445 26.88 22.70 15.21
C ILE A 445 26.72 23.03 16.68
N GLY A 446 27.18 24.22 17.07
CA GLY A 446 27.07 24.62 18.46
C GLY A 446 27.81 23.73 19.43
N GLY A 447 28.94 23.17 19.02
CA GLY A 447 29.74 22.33 19.88
C GLY A 447 29.34 20.87 19.92
N LYS A 448 28.33 20.46 19.16
CA LYS A 448 27.89 19.07 19.15
C LYS A 448 27.71 18.61 17.71
N ASN A 449 28.16 17.39 17.43
CA ASN A 449 27.99 16.81 16.10
C ASN A 449 26.57 16.25 15.99
N ILE A 450 26.28 15.52 14.92
CA ILE A 450 24.92 15.05 14.69
C ILE A 450 24.55 13.95 15.67
N TYR A 451 25.49 13.04 15.98
CA TYR A 451 25.19 11.97 16.91
C TYR A 451 24.95 12.49 18.32
N GLU A 452 25.76 13.46 18.75
CA GLU A 452 25.57 14.00 20.10
C GLU A 452 24.25 14.75 20.21
N VAL A 453 23.83 15.41 19.14
CA VAL A 453 22.50 16.01 19.14
C VAL A 453 21.42 14.95 19.21
N CYS A 454 21.57 13.86 18.45
CA CYS A 454 20.60 12.78 18.47
C CYS A 454 20.59 12.04 19.80
N CYS A 455 21.65 12.16 20.61
CA CYS A 455 21.70 11.49 21.90
C CYS A 455 20.97 12.25 23.01
N LEU A 456 20.56 13.49 22.76
CA LEU A 456 19.83 14.25 23.75
C LEU A 456 18.37 13.79 23.82
N SER A 457 17.74 14.04 24.96
CA SER A 457 16.30 13.83 25.06
C SER A 457 15.57 14.86 24.21
N ILE A 458 14.31 14.57 23.89
CA ILE A 458 13.57 15.41 22.97
C ILE A 458 13.39 16.81 23.54
N GLY A 459 13.03 16.91 24.82
CA GLY A 459 12.93 18.22 25.45
C GLY A 459 14.27 18.94 25.50
N GLU A 460 15.34 18.20 25.80
CA GLU A 460 16.67 18.80 25.79
C GLU A 460 17.03 19.32 24.40
N ALA A 461 16.71 18.55 23.36
CA ALA A 461 17.01 18.98 22.00
C ALA A 461 16.21 20.22 21.63
N LYS A 462 14.94 20.28 22.04
CA LYS A 462 14.13 21.47 21.77
C LYS A 462 14.71 22.69 22.46
N GLU A 463 15.12 22.54 23.72
CA GLU A 463 15.73 23.67 24.42
C GLU A 463 17.05 24.07 23.78
N PHE A 464 17.83 23.09 23.32
CA PHE A 464 19.12 23.37 22.69
C PHE A 464 18.93 24.14 21.39
N PHE A 465 17.96 23.73 20.58
CA PHE A 465 17.71 24.43 19.32
C PHE A 465 17.02 25.77 19.51
N ALA A 466 16.31 25.95 20.63
CA ALA A 466 15.62 27.21 20.86
C ALA A 466 16.60 28.37 21.04
N ASN A 467 17.64 28.16 21.85
CA ASN A 467 18.59 29.22 22.17
C ASN A 467 19.91 29.07 21.42
N LEU A 468 19.85 28.65 20.16
CA LEU A 468 21.05 28.55 19.33
C LEU A 468 21.40 29.92 18.79
N ASN A 469 22.68 30.29 18.90
CA ASN A 469 23.17 31.59 18.43
C ASN A 469 23.72 31.41 17.02
N LEU A 470 23.27 32.25 16.09
CA LEU A 470 23.64 32.14 14.70
C LEU A 470 23.93 33.52 14.12
N THR A 471 24.70 33.53 13.04
CA THR A 471 24.96 34.75 12.30
C THR A 471 23.75 35.14 11.47
N GLU A 472 23.83 36.32 10.86
CA GLU A 472 22.73 36.78 10.01
C GLU A 472 22.57 35.88 8.79
N ARG A 473 23.69 35.53 8.15
CA ARG A 473 23.63 34.66 6.98
C ARG A 473 23.12 33.26 7.36
N GLN A 474 23.60 32.72 8.48
CA GLN A 474 23.14 31.41 8.93
C GLN A 474 21.65 31.43 9.24
N GLN A 475 21.18 32.48 9.92
CA GLN A 475 19.77 32.60 10.23
C GLN A 475 18.94 32.71 8.97
N LEU A 476 19.43 33.46 7.98
CA LEU A 476 18.72 33.57 6.71
C LEU A 476 18.66 32.24 5.98
N ILE A 477 19.75 31.48 5.99
CA ILE A 477 19.80 30.27 5.17
C ILE A 477 19.13 29.09 5.85
N ALA A 478 19.01 29.10 7.18
CA ALA A 478 18.48 27.95 7.91
C ALA A 478 17.22 28.29 8.70
N ARG A 479 16.42 29.25 8.23
CA ARG A 479 15.20 29.60 8.95
C ARG A 479 14.14 28.51 8.81
N GLN A 480 13.91 28.05 7.58
CA GLN A 480 12.84 27.08 7.35
C GLN A 480 13.14 25.73 8.00
N ILE A 481 14.39 25.28 7.91
CA ILE A 481 14.77 24.00 8.51
C ILE A 481 14.61 24.05 10.02
N LEU A 482 15.06 25.15 10.64
CA LEU A 482 14.89 25.30 12.08
C LEU A 482 13.42 25.33 12.45
N LYS A 483 12.60 26.03 11.67
CA LYS A 483 11.17 26.08 11.95
C LYS A 483 10.55 24.69 11.90
N GLU A 484 10.90 23.91 10.87
CA GLU A 484 10.33 22.58 10.75
C GLU A 484 10.79 21.67 11.89
N ILE A 485 12.07 21.73 12.24
CA ILE A 485 12.58 20.91 13.33
C ILE A 485 11.89 21.27 14.63
N ASN A 486 11.73 22.57 14.90
CA ASN A 486 11.07 23.00 16.12
C ASN A 486 9.61 22.53 16.15
N ALA A 487 8.92 22.63 15.02
CA ALA A 487 7.52 22.19 14.98
C ALA A 487 7.41 20.70 15.24
N ARG A 488 8.28 19.90 14.63
CA ARG A 488 8.20 18.45 14.83
C ARG A 488 8.54 18.06 16.25
N LEU A 489 9.56 18.70 16.84
CA LEU A 489 9.88 18.42 18.23
C LEU A 489 8.75 18.84 19.16
N GLY A 490 8.08 19.95 18.84
CA GLY A 490 6.92 20.35 19.63
C GLY A 490 5.78 19.36 19.53
N PHE A 491 5.55 18.81 18.33
CA PHE A 491 4.55 17.75 18.20
C PHE A 491 4.90 16.54 19.04
N LEU A 492 6.17 16.13 19.01
CA LEU A 492 6.58 14.98 19.80
C LEU A 492 6.41 15.24 21.30
N VAL A 493 6.75 16.45 21.75
CA VAL A 493 6.58 16.80 23.15
C VAL A 493 5.10 16.79 23.52
N ASP A 494 4.25 17.34 22.66
CA ASP A 494 2.83 17.42 22.96
C ASP A 494 2.17 16.05 23.01
N VAL A 495 2.64 15.11 22.18
CA VAL A 495 2.10 13.75 22.26
C VAL A 495 2.41 13.11 23.61
N GLY A 496 3.43 13.60 24.32
CA GLY A 496 3.74 13.09 25.65
C GLY A 496 4.98 12.21 25.66
N LEU A 497 5.97 12.54 24.85
CA LEU A 497 7.17 11.73 24.69
C LEU A 497 8.41 12.60 24.76
N ASP A 498 8.48 13.49 25.75
CA ASP A 498 9.60 14.41 25.88
C ASP A 498 10.78 13.82 26.62
N TYR A 499 10.76 12.51 26.91
CA TYR A 499 11.86 11.85 27.58
C TYR A 499 12.64 10.93 26.65
N LEU A 500 12.12 10.61 25.47
CA LEU A 500 12.81 9.74 24.55
C LEU A 500 14.00 10.45 23.92
N THR A 501 14.90 9.65 23.34
CA THR A 501 16.05 10.16 22.61
C THR A 501 15.88 9.87 21.13
N LEU A 502 16.37 10.78 20.29
CA LEU A 502 16.25 10.62 18.85
C LEU A 502 17.05 9.45 18.31
N ALA A 503 18.05 8.99 19.05
CA ALA A 503 18.91 7.89 18.60
C ALA A 503 18.40 6.53 19.03
N ARG A 504 17.31 6.46 19.79
CA ARG A 504 16.81 5.19 20.26
C ARG A 504 16.25 4.36 19.11
N ALA A 505 16.56 3.07 19.11
CA ALA A 505 16.05 2.19 18.07
C ALA A 505 14.55 1.99 18.21
N ALA A 506 13.85 2.00 17.08
CA ALA A 506 12.40 1.84 17.09
C ALA A 506 11.98 0.44 17.51
N GLY A 507 12.88 -0.53 17.45
CA GLY A 507 12.53 -1.89 17.87
C GLY A 507 12.26 -2.01 19.35
N THR A 508 12.97 -1.23 20.18
CA THR A 508 12.89 -1.37 21.62
C THR A 508 11.71 -0.63 22.24
N LEU A 509 10.93 0.10 21.46
CA LEU A 509 9.82 0.85 22.02
C LEU A 509 8.66 -0.09 22.40
N SER A 510 7.87 0.35 23.37
CA SER A 510 6.69 -0.39 23.77
C SER A 510 5.54 -0.09 22.80
N GLY A 511 4.39 -0.75 23.03
CA GLY A 511 3.26 -0.54 22.15
C GLY A 511 2.72 0.87 22.20
N GLY A 512 2.54 1.40 23.42
CA GLY A 512 2.00 2.74 23.55
C GLY A 512 2.93 3.81 23.02
N GLU A 513 4.23 3.67 23.28
CA GLU A 513 5.20 4.63 22.76
C GLU A 513 5.23 4.61 21.24
N ALA A 514 5.19 3.42 20.64
CA ALA A 514 5.17 3.32 19.19
C ALA A 514 3.90 3.94 18.61
N GLN A 515 2.76 3.68 19.25
CA GLN A 515 1.51 4.26 18.77
C GLN A 515 1.54 5.78 18.85
N ARG A 516 2.06 6.34 19.94
CA ARG A 516 2.10 7.79 20.07
C ARG A 516 3.12 8.40 19.10
N ILE A 517 4.22 7.70 18.84
CA ILE A 517 5.19 8.17 17.85
C ILE A 517 4.55 8.21 16.47
N ARG A 518 3.80 7.16 16.13
CA ARG A 518 3.08 7.16 14.85
C ARG A 518 2.07 8.29 14.77
N LEU A 519 1.38 8.56 15.88
CA LEU A 519 0.42 9.67 15.91
C LEU A 519 1.12 11.00 15.66
N ALA A 520 2.25 11.23 16.33
CA ALA A 520 2.99 12.48 16.14
C ALA A 520 3.50 12.60 14.71
N THR A 521 3.98 11.50 14.13
CA THR A 521 4.43 11.53 12.75
C THR A 521 3.29 11.88 11.80
N GLN A 522 2.11 11.30 12.04
CA GLN A 522 0.96 11.59 11.19
C GLN A 522 0.54 13.05 11.32
N ILE A 523 0.59 13.60 12.53
CA ILE A 523 0.28 15.01 12.71
C ILE A 523 1.28 15.88 11.95
N GLY A 524 2.56 15.53 12.04
CA GLY A 524 3.58 16.36 11.40
C GLY A 524 3.61 16.24 9.90
N SER A 525 3.14 15.12 9.35
CA SER A 525 3.20 14.93 7.90
C SER A 525 2.31 15.92 7.17
N GLY A 526 1.14 16.21 7.73
CA GLY A 526 0.21 17.14 7.11
C GLY A 526 -0.76 16.53 6.12
N LEU A 527 -0.86 15.21 6.08
CA LEU A 527 -1.80 14.56 5.17
C LEU A 527 -3.23 14.91 5.55
N MET A 528 -4.09 15.07 4.54
CA MET A 528 -5.48 15.46 4.75
C MET A 528 -6.39 14.56 3.93
N GLY A 529 -7.67 14.54 4.33
CA GLY A 529 -8.65 13.70 3.68
C GLY A 529 -8.46 12.22 3.91
N VAL A 530 -8.10 11.84 5.13
CA VAL A 530 -7.85 10.46 5.50
C VAL A 530 -8.67 10.14 6.74
N ILE A 531 -9.19 8.92 6.80
CA ILE A 531 -9.90 8.43 7.97
C ILE A 531 -8.89 7.72 8.88
N TYR A 532 -8.78 8.17 10.11
CA TYR A 532 -7.86 7.58 11.09
C TYR A 532 -8.66 6.77 12.10
N ILE A 533 -8.24 5.53 12.31
CA ILE A 533 -8.87 4.63 13.27
C ILE A 533 -7.85 4.32 14.36
N LEU A 534 -8.17 4.69 15.59
CA LEU A 534 -7.25 4.57 16.72
C LEU A 534 -7.79 3.56 17.71
N ASP A 535 -6.93 2.65 18.16
CA ASP A 535 -7.30 1.60 19.10
C ASP A 535 -6.79 1.99 20.48
N GLU A 536 -7.61 2.76 21.20
CA GLU A 536 -7.34 3.17 22.57
C GLU A 536 -5.98 3.86 22.68
N PRO A 537 -5.82 5.06 22.13
CA PRO A 537 -4.52 5.72 22.17
C PRO A 537 -4.07 6.09 23.58
N SER A 538 -4.98 6.18 24.54
CA SER A 538 -4.65 6.63 25.88
C SER A 538 -4.10 5.52 26.77
N ILE A 539 -4.02 4.29 26.27
CA ILE A 539 -3.50 3.21 27.10
C ILE A 539 -2.01 3.39 27.32
N GLY A 540 -1.52 2.93 28.47
CA GLY A 540 -0.13 3.10 28.80
C GLY A 540 0.30 4.54 29.00
N LEU A 541 -0.62 5.42 29.35
CA LEU A 541 -0.34 6.84 29.50
C LEU A 541 -0.86 7.33 30.84
N HIS A 542 -0.07 8.16 31.51
CA HIS A 542 -0.46 8.69 32.80
C HIS A 542 -1.65 9.64 32.64
N GLN A 543 -2.35 9.88 33.75
CA GLN A 543 -3.54 10.72 33.71
C GLN A 543 -3.19 12.17 33.40
N ARG A 544 -1.99 12.62 33.77
CA ARG A 544 -1.63 14.02 33.55
C ARG A 544 -1.43 14.34 32.07
N ASP A 545 -1.28 13.34 31.21
CA ASP A 545 -1.05 13.56 29.79
C ASP A 545 -2.33 13.44 28.97
N ASN A 546 -3.48 13.23 29.60
CA ASN A 546 -4.72 13.08 28.85
C ASN A 546 -5.08 14.35 28.10
N ASP A 547 -4.90 15.51 28.74
CA ASP A 547 -5.22 16.77 28.06
C ASP A 547 -4.33 16.98 26.84
N ARG A 548 -3.04 16.70 26.97
CA ARG A 548 -2.14 16.84 25.84
C ARG A 548 -2.51 15.89 24.71
N LEU A 549 -2.84 14.64 25.05
CA LEU A 549 -3.23 13.68 24.02
C LEU A 549 -4.51 14.12 23.32
N LEU A 550 -5.49 14.62 24.08
CA LEU A 550 -6.74 15.08 23.46
C LEU A 550 -6.50 16.29 22.56
N ARG A 551 -5.64 17.22 22.98
CA ARG A 551 -5.33 18.36 22.14
C ARG A 551 -4.63 17.92 20.86
N SER A 552 -3.74 16.93 20.96
CA SER A 552 -3.09 16.41 19.77
C SER A 552 -4.09 15.74 18.84
N LEU A 553 -5.05 15.00 19.39
CA LEU A 553 -6.08 14.38 18.56
C LEU A 553 -6.91 15.43 17.85
N LYS A 554 -7.29 16.49 18.56
CA LYS A 554 -8.02 17.58 17.94
C LYS A 554 -7.21 18.29 16.85
N LYS A 555 -5.91 18.49 17.07
CA LYS A 555 -5.03 19.04 16.06
C LYS A 555 -4.95 18.16 14.82
N LEU A 556 -4.86 16.84 15.00
CA LEU A 556 -4.87 15.93 13.85
C LEU A 556 -6.20 16.01 13.11
N ARG A 557 -7.31 16.10 13.83
CA ARG A 557 -8.61 16.21 13.18
C ARG A 557 -8.73 17.52 12.41
N ASP A 558 -8.17 18.61 12.94
CA ASP A 558 -8.32 19.92 12.33
C ASP A 558 -7.65 20.03 10.96
N LEU A 559 -6.79 19.08 10.59
CA LEU A 559 -6.20 19.08 9.26
C LEU A 559 -7.19 18.72 8.17
N GLY A 560 -8.39 18.26 8.53
CA GLY A 560 -9.35 17.82 7.54
C GLY A 560 -9.46 16.31 7.48
N ASN A 561 -9.46 15.67 8.65
CA ASN A 561 -9.51 14.22 8.75
C ASN A 561 -10.64 13.80 9.68
N THR A 562 -11.06 12.55 9.53
CA THR A 562 -12.09 11.95 10.37
C THR A 562 -11.43 10.99 11.35
N LEU A 563 -11.80 11.09 12.62
CA LEU A 563 -11.21 10.27 13.67
C LEU A 563 -12.25 9.31 14.23
N LEU A 564 -11.89 8.02 14.24
CA LEU A 564 -12.70 6.98 14.87
C LEU A 564 -11.87 6.39 16.00
N VAL A 565 -12.23 6.71 17.24
CA VAL A 565 -11.45 6.33 18.42
C VAL A 565 -12.24 5.30 19.21
N VAL A 566 -11.63 4.13 19.42
CA VAL A 566 -12.22 3.08 20.25
C VAL A 566 -11.62 3.25 21.63
N GLU A 567 -12.28 4.04 22.46
CA GLU A 567 -11.75 4.41 23.76
C GLU A 567 -12.84 4.30 24.82
N HIS A 568 -12.43 3.92 26.02
CA HIS A 568 -13.34 3.84 27.17
C HIS A 568 -13.09 4.91 28.22
N ASP A 569 -12.20 5.87 27.96
CA ASP A 569 -11.91 6.91 28.93
C ASP A 569 -13.05 7.90 29.03
N GLU A 570 -13.28 8.41 30.25
CA GLU A 570 -14.33 9.39 30.47
C GLU A 570 -13.98 10.73 29.85
N ASP A 571 -12.71 11.15 29.92
CA ASP A 571 -12.31 12.41 29.32
C ASP A 571 -12.48 12.37 27.80
N THR A 572 -12.14 11.25 27.17
CA THR A 572 -12.37 11.09 25.75
C THR A 572 -13.87 11.11 25.43
N MET A 573 -14.71 10.55 26.29
CA MET A 573 -16.15 10.63 26.09
C MET A 573 -16.61 12.09 26.12
N TYR A 574 -16.09 12.87 27.07
CA TYR A 574 -16.54 14.25 27.22
C TYR A 574 -15.95 15.18 26.17
N ALA A 575 -14.86 14.77 25.52
CA ALA A 575 -14.19 15.62 24.53
C ALA A 575 -14.55 15.27 23.10
N SER A 576 -15.57 14.45 22.88
CA SER A 576 -15.91 13.97 21.56
C SER A 576 -17.12 14.70 21.00
N ASP A 577 -17.22 14.67 19.67
CA ASP A 577 -18.36 15.27 18.98
C ASP A 577 -19.53 14.31 18.82
N TYR A 578 -19.26 13.02 18.66
CA TYR A 578 -20.30 12.02 18.46
C TYR A 578 -19.87 10.73 19.12
N ILE A 579 -20.82 10.03 19.73
CA ILE A 579 -20.56 8.78 20.44
C ILE A 579 -21.49 7.71 19.89
N ILE A 580 -20.91 6.56 19.55
CA ILE A 580 -21.65 5.39 19.09
C ILE A 580 -21.49 4.29 20.13
N ASP A 581 -22.61 3.80 20.66
CA ASP A 581 -22.62 2.81 21.72
C ASP A 581 -23.12 1.48 21.18
N LEU A 582 -22.38 0.41 21.46
CA LEU A 582 -22.75 -0.93 21.03
C LEU A 582 -23.05 -1.80 22.24
N GLY A 583 -23.97 -2.73 22.07
CA GLY A 583 -24.37 -3.62 23.13
C GLY A 583 -25.63 -4.39 22.81
N PRO A 584 -26.46 -4.63 23.82
CA PRO A 584 -26.33 -4.23 25.23
C PRO A 584 -25.29 -5.06 25.98
N GLY A 585 -25.12 -6.32 25.61
CA GLY A 585 -24.19 -7.21 26.27
C GLY A 585 -22.94 -7.45 25.44
N ALA A 586 -22.46 -8.70 25.46
CA ALA A 586 -21.28 -9.09 24.72
C ALA A 586 -21.55 -10.40 24.00
N GLY A 587 -20.82 -10.63 22.92
CA GLY A 587 -20.98 -11.83 22.13
C GLY A 587 -22.34 -11.94 21.48
N SER A 588 -23.07 -13.02 21.76
CA SER A 588 -24.37 -13.22 21.17
C SER A 588 -25.39 -12.18 21.63
N HIS A 589 -25.16 -11.54 22.77
CA HIS A 589 -26.06 -10.52 23.27
C HIS A 589 -25.70 -9.12 22.79
N GLY A 590 -24.58 -8.96 22.11
CA GLY A 590 -24.18 -7.66 21.59
C GLY A 590 -24.44 -7.52 20.11
N GLY A 591 -23.65 -6.68 19.45
CA GLY A 591 -23.75 -6.50 18.02
C GLY A 591 -24.80 -5.51 17.55
N GLN A 592 -25.47 -4.82 18.46
CA GLN A 592 -26.46 -3.81 18.11
C GLN A 592 -25.92 -2.42 18.46
N ILE A 593 -26.72 -1.41 18.17
CA ILE A 593 -26.39 -0.03 18.49
C ILE A 593 -27.43 0.45 19.49
N VAL A 594 -27.08 0.37 20.78
CA VAL A 594 -28.05 0.68 21.82
C VAL A 594 -28.35 2.17 21.86
N ALA A 595 -27.33 3.01 21.71
CA ALA A 595 -27.52 4.45 21.81
C ALA A 595 -26.48 5.16 20.95
N GLU A 596 -26.79 6.40 20.58
CA GLU A 596 -25.87 7.24 19.84
C GLU A 596 -26.29 8.69 20.01
N GLY A 597 -25.34 9.58 19.76
CA GLY A 597 -25.56 11.01 19.90
C GLY A 597 -24.41 11.64 20.65
N THR A 598 -24.65 12.85 21.14
CA THR A 598 -23.64 13.55 21.91
C THR A 598 -23.56 12.95 23.32
N VAL A 599 -22.63 13.48 24.12
CA VAL A 599 -22.41 12.94 25.46
C VAL A 599 -23.64 13.14 26.34
N GLU A 600 -24.27 14.30 26.25
CA GLU A 600 -25.47 14.55 27.04
C GLU A 600 -26.59 13.59 26.66
N GLU A 601 -26.78 13.36 25.36
CA GLU A 601 -27.81 12.43 24.91
C GLU A 601 -27.51 11.02 25.40
N ILE A 602 -26.23 10.62 25.38
CA ILE A 602 -25.85 9.30 25.89
C ILE A 602 -26.17 9.20 27.38
N LYS A 603 -25.86 10.26 28.14
CA LYS A 603 -26.15 10.24 29.56
C LYS A 603 -27.65 10.16 29.83
N GLN A 604 -28.46 10.85 29.03
CA GLN A 604 -29.90 10.81 29.20
C GLN A 604 -30.53 9.49 28.76
N ASN A 605 -29.81 8.67 28.00
CA ASN A 605 -30.38 7.45 27.46
C ASN A 605 -30.51 6.41 28.58
N PRO A 606 -31.70 5.88 28.83
CA PRO A 606 -31.85 4.92 29.93
C PRO A 606 -31.22 3.56 29.66
N ASN A 607 -31.14 3.15 28.38
CA ASN A 607 -30.68 1.82 28.02
C ASN A 607 -29.27 1.82 27.48
N SER A 608 -28.39 2.65 28.04
CA SER A 608 -26.98 2.69 27.65
C SER A 608 -26.13 2.45 28.90
N VAL A 609 -25.20 1.51 28.81
CA VAL A 609 -24.31 1.24 29.93
C VAL A 609 -23.34 2.39 30.13
N THR A 610 -22.80 2.93 29.04
CA THR A 610 -21.87 4.05 29.15
C THR A 610 -22.55 5.26 29.80
N GLY A 611 -23.78 5.55 29.38
CA GLY A 611 -24.52 6.63 30.02
C GLY A 611 -24.83 6.33 31.47
N GLU A 612 -25.11 5.06 31.79
CA GLU A 612 -25.39 4.68 33.16
C GLU A 612 -24.18 4.93 34.06
N TYR A 613 -22.99 4.63 33.56
CA TYR A 613 -21.78 4.85 34.35
C TYR A 613 -21.38 6.32 34.39
N LEU A 614 -21.63 7.06 33.30
CA LEU A 614 -21.28 8.48 33.28
C LEU A 614 -22.18 9.30 34.19
N SER A 615 -23.47 8.96 34.22
CA SER A 615 -24.43 9.74 34.99
C SER A 615 -24.30 9.51 36.49
N GLY A 616 -23.51 8.53 36.92
CA GLY A 616 -23.34 8.25 38.32
C GLY A 616 -24.31 7.24 38.90
N ARG A 617 -25.19 6.66 38.09
CA ARG A 617 -26.09 5.63 38.60
C ARG A 617 -25.30 4.41 39.07
N LYS A 618 -24.27 4.02 38.33
CA LYS A 618 -23.38 2.95 38.72
C LYS A 618 -21.97 3.50 38.87
N LYS A 619 -21.29 3.10 39.93
CA LYS A 619 -19.94 3.59 40.18
C LYS A 619 -19.21 2.59 41.08
N ILE A 620 -17.89 2.70 41.10
CA ILE A 620 -17.03 1.86 41.92
C ILE A 620 -16.81 2.57 43.24
N GLU A 621 -17.19 1.92 44.34
CA GLU A 621 -17.15 2.54 45.66
C GLU A 621 -15.76 2.40 46.27
N VAL A 622 -15.31 3.47 46.92
CA VAL A 622 -14.02 3.46 47.63
C VAL A 622 -14.17 2.62 48.89
N PRO A 623 -13.30 1.64 49.11
CA PRO A 623 -13.42 0.80 50.31
C PRO A 623 -13.24 1.61 51.58
N LYS A 624 -13.98 1.24 52.62
CA LYS A 624 -13.87 1.90 53.91
C LYS A 624 -12.75 1.33 54.78
N GLU A 625 -12.42 0.06 54.61
CA GLU A 625 -11.34 -0.58 55.35
C GLU A 625 -10.37 -1.22 54.38
N ARG A 626 -9.08 -1.08 54.67
CA ARG A 626 -8.03 -1.61 53.79
C ARG A 626 -7.19 -2.62 54.57
N ARG A 627 -6.69 -3.63 53.86
CA ARG A 627 -5.85 -4.64 54.48
C ARG A 627 -4.53 -4.03 54.91
N LYS A 628 -3.86 -4.71 55.84
CA LYS A 628 -2.59 -4.25 56.37
C LYS A 628 -1.53 -5.34 56.24
N PRO A 629 -0.27 -4.96 56.07
CA PRO A 629 0.80 -5.96 55.98
C PRO A 629 0.92 -6.75 57.28
N ASN A 630 1.30 -8.02 57.13
CA ASN A 630 1.42 -8.94 58.26
C ASN A 630 2.88 -9.16 58.67
N GLY A 631 3.76 -8.24 58.34
CA GLY A 631 5.16 -8.36 58.68
C GLY A 631 6.01 -9.12 57.68
N LYS A 632 5.41 -9.67 56.63
CA LYS A 632 6.15 -10.38 55.59
C LYS A 632 6.32 -9.45 54.40
N TRP A 633 7.58 -9.19 54.02
CA TRP A 633 7.90 -8.25 52.96
C TRP A 633 8.90 -8.86 52.00
N LEU A 634 8.83 -8.42 50.75
CA LEU A 634 9.79 -8.79 49.72
C LEU A 634 10.58 -7.53 49.34
N GLU A 635 11.86 -7.52 49.65
CA GLU A 635 12.70 -6.34 49.49
C GLU A 635 13.67 -6.55 48.33
N ILE A 636 13.73 -5.56 47.44
CA ILE A 636 14.67 -5.54 46.33
C ILE A 636 15.81 -4.59 46.69
N ILE A 637 17.04 -5.08 46.60
CA ILE A 637 18.21 -4.33 47.03
C ILE A 637 19.06 -4.00 45.80
N GLY A 638 19.40 -2.73 45.66
CA GLY A 638 20.30 -2.31 44.60
C GLY A 638 19.78 -2.48 43.19
N ALA A 639 18.51 -2.15 42.94
CA ALA A 639 17.96 -2.23 41.60
C ALA A 639 18.45 -1.04 40.78
N ARG A 640 19.19 -1.31 39.71
CA ARG A 640 19.76 -0.24 38.91
C ARG A 640 19.69 -0.51 37.41
N GLU A 641 18.78 -1.37 36.96
CA GLU A 641 18.64 -1.63 35.54
C GLU A 641 18.05 -0.42 34.84
N ASN A 642 18.52 -0.15 33.62
CA ASN A 642 18.03 0.93 32.77
C ASN A 642 18.21 2.25 33.50
N ASN A 643 17.15 2.98 33.82
CA ASN A 643 17.27 4.31 34.42
C ASN A 643 16.99 4.30 35.93
N LEU A 644 16.91 3.12 36.55
CA LEU A 644 16.70 3.06 37.98
C LEU A 644 17.96 3.52 38.71
N LYS A 645 17.80 4.44 39.66
CA LYS A 645 18.92 5.09 40.32
C LYS A 645 19.35 4.36 41.59
N ASN A 646 19.60 3.06 41.48
CA ASN A 646 20.11 2.24 42.58
C ASN A 646 19.23 2.39 43.84
N ILE A 647 17.98 1.97 43.70
CA ILE A 647 16.97 2.18 44.73
C ILE A 647 16.71 0.87 45.45
N ASN A 648 16.05 0.97 46.61
CA ASN A 648 15.58 -0.17 47.37
C ASN A 648 14.07 -0.07 47.51
N VAL A 649 13.36 -1.14 47.17
CA VAL A 649 11.91 -1.17 47.15
C VAL A 649 11.43 -2.29 48.05
N ARG A 650 10.42 -1.99 48.88
CA ARG A 650 9.80 -2.98 49.74
C ARG A 650 8.36 -3.20 49.28
N ILE A 651 8.04 -4.44 48.93
CA ILE A 651 6.71 -4.81 48.45
C ILE A 651 6.06 -5.70 49.50
N PRO A 652 4.96 -5.26 50.12
CA PRO A 652 4.30 -6.10 51.12
C PRO A 652 3.65 -7.32 50.47
N LEU A 653 3.51 -8.37 51.27
CA LEU A 653 2.92 -9.62 50.81
C LEU A 653 1.54 -9.80 51.44
N GLY A 654 0.66 -10.48 50.69
CA GLY A 654 -0.68 -10.77 51.16
C GLY A 654 -1.69 -9.66 50.95
N VAL A 655 -1.33 -8.59 50.23
CA VAL A 655 -2.23 -7.48 49.98
C VAL A 655 -2.21 -7.16 48.49
N PHE A 656 -3.13 -6.28 48.09
CA PHE A 656 -3.21 -5.81 46.70
C PHE A 656 -2.35 -4.57 46.54
N THR A 657 -1.33 -4.67 45.69
CA THR A 657 -0.34 -3.62 45.51
C THR A 657 -0.40 -3.11 44.07
N CYS A 658 -0.34 -1.79 43.91
CA CYS A 658 -0.35 -1.16 42.60
C CYS A 658 0.94 -0.36 42.42
N ILE A 659 1.57 -0.49 41.26
CA ILE A 659 2.77 0.25 40.92
C ILE A 659 2.36 1.38 39.97
N THR A 660 2.56 2.62 40.41
CA THR A 660 2.13 3.79 39.66
C THR A 660 3.33 4.68 39.35
N GLY A 661 3.14 5.55 38.37
CA GLY A 661 4.17 6.48 37.97
C GLY A 661 3.91 7.01 36.59
N VAL A 662 4.70 8.01 36.21
CA VAL A 662 4.59 8.61 34.88
C VAL A 662 5.20 7.66 33.87
N SER A 663 4.96 7.90 32.59
CA SER A 663 5.53 7.07 31.55
C SER A 663 7.04 7.25 31.49
N GLY A 664 7.75 6.14 31.31
CA GLY A 664 9.20 6.18 31.23
C GLY A 664 9.91 6.27 32.57
N SER A 665 9.21 6.13 33.68
CA SER A 665 9.83 6.23 35.00
C SER A 665 10.51 4.94 35.42
N GLY A 666 10.48 3.90 34.59
CA GLY A 666 11.16 2.66 34.89
C GLY A 666 10.38 1.66 35.70
N LYS A 667 9.08 1.87 35.91
CA LYS A 667 8.29 0.92 36.69
C LYS A 667 8.19 -0.42 35.96
N SER A 668 7.99 -0.40 34.65
CA SER A 668 7.87 -1.65 33.91
C SER A 668 9.17 -2.43 33.94
N SER A 669 10.29 -1.77 33.64
CA SER A 669 11.58 -2.46 33.65
C SER A 669 11.86 -3.03 35.04
N LEU A 670 11.74 -2.21 36.08
CA LEU A 670 11.93 -2.69 37.44
C LEU A 670 11.08 -3.91 37.71
N ILE A 671 9.76 -3.75 37.65
CA ILE A 671 8.86 -4.84 38.04
C ILE A 671 9.17 -6.09 37.22
N ASN A 672 8.99 -6.02 35.90
CA ASN A 672 9.17 -7.20 35.08
C ASN A 672 10.55 -7.79 35.25
N GLU A 673 11.58 -7.08 34.79
CA GLU A 673 12.90 -7.66 34.66
C GLU A 673 13.72 -7.67 35.94
N ILE A 674 13.12 -7.38 37.10
CA ILE A 674 13.89 -7.51 38.34
C ILE A 674 13.10 -8.39 39.31
N LEU A 675 11.79 -8.53 39.09
CA LEU A 675 10.98 -9.35 39.97
C LEU A 675 10.50 -10.63 39.30
N TYR A 676 9.85 -10.53 38.13
CA TYR A 676 9.27 -11.73 37.54
C TYR A 676 10.35 -12.72 37.12
N LYS A 677 11.39 -12.24 36.44
CA LYS A 677 12.46 -13.13 35.99
C LYS A 677 13.19 -13.75 37.17
N ARG A 678 13.49 -12.94 38.20
CA ARG A 678 14.19 -13.47 39.35
C ARG A 678 13.36 -14.50 40.10
N LEU A 679 12.07 -14.21 40.29
CA LEU A 679 11.21 -15.17 40.98
C LEU A 679 11.05 -16.45 40.18
N ALA A 680 10.93 -16.33 38.84
CA ALA A 680 10.84 -17.52 38.01
C ALA A 680 12.10 -18.36 38.11
N ALA A 681 13.27 -17.72 38.07
CA ALA A 681 14.51 -18.47 38.19
C ALA A 681 14.62 -19.13 39.56
N GLU A 682 14.20 -18.43 40.62
CA GLU A 682 14.34 -18.98 41.96
C GLU A 682 13.35 -20.11 42.25
N LEU A 683 12.13 -20.04 41.72
CA LEU A 683 11.08 -20.97 42.08
C LEU A 683 10.77 -21.98 40.99
N ASN A 684 10.53 -21.53 39.76
CA ASN A 684 10.15 -22.43 38.68
C ASN A 684 11.35 -23.03 37.96
N ARG A 685 12.57 -22.74 38.42
CA ARG A 685 13.80 -23.26 37.82
C ARG A 685 13.90 -22.85 36.34
N ALA A 686 13.47 -21.63 36.04
CA ALA A 686 13.57 -21.09 34.70
C ALA A 686 14.99 -20.61 34.43
N SER A 687 15.32 -20.52 33.15
CA SER A 687 16.65 -20.11 32.69
C SER A 687 16.52 -18.79 31.93
N VAL A 688 16.56 -17.68 32.68
CA VAL A 688 16.51 -16.35 32.10
C VAL A 688 17.50 -15.46 32.84
N LYS A 689 17.86 -14.35 32.21
CA LYS A 689 18.82 -13.43 32.78
C LYS A 689 18.08 -12.25 33.39
N PRO A 690 18.08 -12.10 34.71
CA PRO A 690 17.41 -10.94 35.32
C PRO A 690 18.15 -9.64 35.07
N GLY A 691 17.61 -8.54 35.58
CA GLY A 691 18.22 -7.24 35.40
C GLY A 691 19.33 -6.99 36.41
N GLU A 692 19.90 -5.79 36.33
CA GLU A 692 21.02 -5.42 37.19
C GLU A 692 20.50 -5.08 38.58
N HIS A 693 20.67 -6.01 39.52
CA HIS A 693 20.29 -5.77 40.90
C HIS A 693 21.20 -6.60 41.80
N ASP A 694 21.25 -6.21 43.08
CA ASP A 694 22.12 -6.89 44.02
C ASP A 694 21.53 -8.23 44.47
N LEU A 695 20.38 -8.19 45.14
CA LEU A 695 19.75 -9.40 45.66
C LEU A 695 18.33 -9.07 46.09
N ILE A 696 17.53 -10.11 46.28
CA ILE A 696 16.16 -9.99 46.77
C ILE A 696 16.01 -10.90 47.99
N LYS A 697 15.50 -10.35 49.08
CA LYS A 697 15.26 -11.10 50.31
C LYS A 697 13.76 -11.19 50.55
N GLY A 698 13.31 -12.38 50.94
CA GLY A 698 11.89 -12.61 51.15
C GLY A 698 11.32 -13.62 50.18
N ILE A 699 12.20 -14.20 49.36
CA ILE A 699 11.75 -15.18 48.36
C ILE A 699 11.20 -16.43 49.05
N GLU A 700 11.79 -16.83 50.19
CA GLU A 700 11.35 -18.05 50.87
C GLU A 700 9.89 -17.96 51.31
N TYR A 701 9.35 -16.75 51.41
CA TYR A 701 7.96 -16.58 51.82
C TYR A 701 6.97 -16.99 50.74
N LEU A 702 7.43 -17.17 49.51
CA LEU A 702 6.57 -17.55 48.40
C LEU A 702 6.87 -18.98 47.96
N ASP A 703 5.92 -19.56 47.23
CA ASP A 703 6.06 -20.92 46.70
C ASP A 703 6.07 -20.96 45.19
N LYS A 704 5.28 -20.10 44.54
CA LYS A 704 5.22 -20.08 43.09
C LYS A 704 4.85 -18.68 42.63
N VAL A 705 5.17 -18.37 41.37
CA VAL A 705 4.83 -17.11 40.75
C VAL A 705 4.10 -17.39 39.44
N ILE A 706 3.16 -16.52 39.09
CA ILE A 706 2.38 -16.65 37.86
C ILE A 706 2.23 -15.28 37.24
N ASP A 707 2.39 -15.19 35.92
CA ASP A 707 2.25 -13.94 35.19
C ASP A 707 1.06 -14.09 34.23
N ILE A 708 0.12 -13.16 34.31
CA ILE A 708 -1.09 -13.17 33.50
C ILE A 708 -1.03 -12.00 32.54
N ASP A 709 -1.19 -12.28 31.25
CA ASP A 709 -1.16 -11.24 30.23
C ASP A 709 -2.22 -11.57 29.18
N GLN A 710 -2.16 -10.85 28.05
CA GLN A 710 -3.14 -11.01 26.98
C GLN A 710 -2.63 -11.89 25.85
N SER A 711 -1.53 -12.61 26.08
CA SER A 711 -1.03 -13.55 25.08
C SER A 711 -2.02 -14.69 24.88
N PRO A 712 -2.07 -15.27 23.69
CA PRO A 712 -3.01 -16.37 23.44
C PRO A 712 -2.67 -17.60 24.29
N ILE A 713 -3.73 -18.35 24.65
CA ILE A 713 -3.55 -19.57 25.44
C ILE A 713 -3.16 -20.76 24.60
N GLY A 714 -3.08 -20.61 23.28
CA GLY A 714 -2.69 -21.70 22.41
C GLY A 714 -2.69 -21.24 20.97
N ARG A 715 -2.02 -22.04 20.14
CA ARG A 715 -1.90 -21.76 18.72
C ARG A 715 -2.53 -22.85 17.86
N THR A 716 -3.29 -23.75 18.48
CA THR A 716 -3.89 -24.88 17.78
C THR A 716 -5.35 -25.01 18.17
N PRO A 717 -6.20 -25.51 17.26
CA PRO A 717 -7.60 -25.76 17.62
C PRO A 717 -7.79 -26.80 18.70
N ARG A 718 -6.78 -27.63 18.98
CA ARG A 718 -6.89 -28.64 20.01
C ARG A 718 -7.06 -28.08 21.41
N SER A 719 -6.71 -26.81 21.62
CA SER A 719 -6.82 -26.17 22.92
C SER A 719 -8.01 -25.21 22.93
N ASN A 720 -8.91 -25.40 23.88
CA ASN A 720 -10.10 -24.59 24.05
C ASN A 720 -10.27 -24.31 25.53
N PRO A 721 -11.11 -23.35 25.90
CA PRO A 721 -11.30 -23.05 27.34
C PRO A 721 -11.68 -24.26 28.18
N ALA A 722 -12.43 -25.20 27.62
CA ALA A 722 -12.84 -26.38 28.38
C ALA A 722 -11.63 -27.19 28.83
N THR A 723 -10.65 -27.38 27.94
CA THR A 723 -9.45 -28.12 28.32
C THR A 723 -8.51 -27.28 29.16
N TYR A 724 -8.44 -25.96 28.89
CA TYR A 724 -7.55 -25.10 29.66
C TYR A 724 -7.96 -25.05 31.12
N THR A 725 -9.26 -24.93 31.39
CA THR A 725 -9.73 -24.89 32.77
C THR A 725 -9.70 -26.27 33.43
N GLY A 726 -9.54 -27.34 32.65
CA GLY A 726 -9.52 -28.68 33.19
C GLY A 726 -10.87 -29.31 33.42
N VAL A 727 -11.96 -28.66 33.02
CA VAL A 727 -13.28 -29.24 33.21
C VAL A 727 -13.59 -30.30 32.17
N PHE A 728 -12.84 -30.34 31.07
CA PHE A 728 -13.08 -31.32 30.03
C PHE A 728 -12.83 -32.73 30.52
N ASP A 729 -11.85 -32.92 31.41
CA ASP A 729 -11.61 -34.25 31.96
C ASP A 729 -12.81 -34.74 32.76
N PHE A 730 -13.39 -33.87 33.58
CA PHE A 730 -14.59 -34.26 34.33
C PHE A 730 -15.75 -34.53 33.39
N ILE A 731 -15.90 -33.72 32.34
CA ILE A 731 -16.98 -33.96 31.37
C ILE A 731 -16.81 -35.32 30.71
N ARG A 732 -15.60 -35.65 30.30
CA ARG A 732 -15.34 -36.95 29.69
C ARG A 732 -15.61 -38.09 30.67
N GLU A 733 -15.23 -37.89 31.94
CA GLU A 733 -15.46 -38.94 32.94
C GLU A 733 -16.96 -39.19 33.13
N ILE A 734 -17.75 -38.12 33.26
CA ILE A 734 -19.19 -38.32 33.45
C ILE A 734 -19.83 -38.87 32.20
N PHE A 735 -19.29 -38.54 31.01
CA PHE A 735 -19.82 -39.12 29.78
C PHE A 735 -19.53 -40.62 29.71
N ALA A 736 -18.32 -41.02 30.08
CA ALA A 736 -17.98 -42.44 30.08
C ALA A 736 -18.69 -43.20 31.18
N ASN A 737 -19.15 -42.51 32.23
CA ASN A 737 -19.88 -43.18 33.31
C ASN A 737 -21.29 -43.57 32.91
N THR A 738 -21.78 -43.14 31.74
CA THR A 738 -23.14 -43.42 31.34
C THR A 738 -23.34 -44.90 31.07
N THR A 739 -24.61 -45.32 31.02
CA THR A 739 -24.94 -46.72 30.85
C THR A 739 -24.50 -47.24 29.48
N GLU A 740 -24.71 -46.45 28.43
CA GLU A 740 -24.35 -46.89 27.09
C GLU A 740 -22.84 -47.11 26.97
N ALA A 741 -22.05 -46.19 27.52
CA ALA A 741 -20.59 -46.33 27.45
C ALA A 741 -20.12 -47.57 28.21
N LYS A 742 -20.71 -47.82 29.38
CA LYS A 742 -20.37 -48.99 30.17
C LYS A 742 -20.73 -50.26 29.43
N THR A 743 -21.89 -50.28 28.78
CA THR A 743 -22.31 -51.44 28.01
C THR A 743 -21.37 -51.68 26.82
N ARG A 744 -20.96 -50.62 26.16
CA ARG A 744 -20.10 -50.73 24.97
C ARG A 744 -18.61 -50.83 25.33
N GLY A 745 -18.26 -50.77 26.60
CA GLY A 745 -16.88 -50.87 27.00
C GLY A 745 -16.03 -49.67 26.66
N TYR A 746 -16.64 -48.51 26.47
CA TYR A 746 -15.91 -47.30 26.11
C TYR A 746 -15.17 -46.76 27.33
N LYS A 747 -13.96 -46.27 27.13
CA LYS A 747 -13.15 -45.70 28.20
C LYS A 747 -13.24 -44.17 28.19
N ALA A 748 -12.71 -43.56 29.24
CA ALA A 748 -12.74 -42.11 29.36
C ALA A 748 -11.91 -41.43 28.29
N GLY A 749 -10.82 -42.06 27.86
CA GLY A 749 -9.98 -41.46 26.84
C GLY A 749 -10.57 -41.55 25.45
N ARG A 750 -11.64 -42.32 25.29
CA ARG A 750 -12.31 -42.43 24.00
C ARG A 750 -12.91 -41.10 23.58
N PHE A 751 -13.47 -40.35 24.53
CA PHE A 751 -14.16 -39.10 24.25
C PHE A 751 -13.20 -37.92 24.12
N SER A 752 -11.92 -38.17 23.88
CA SER A 752 -10.93 -37.11 23.71
C SER A 752 -10.41 -37.13 22.28
N PHE A 753 -10.37 -35.94 21.67
CA PHE A 753 -9.94 -35.80 20.29
C PHE A 753 -8.43 -35.70 20.13
N ASN A 754 -7.68 -35.73 21.22
CA ASN A 754 -6.23 -35.65 21.17
C ASN A 754 -5.56 -37.00 21.02
N VAL A 755 -6.31 -38.10 21.05
CA VAL A 755 -5.77 -39.44 20.90
C VAL A 755 -6.58 -40.19 19.86
N LYS A 756 -5.95 -41.19 19.25
CA LYS A 756 -6.62 -42.01 18.26
C LYS A 756 -7.59 -42.98 18.93
N GLY A 757 -8.72 -43.21 18.27
CA GLY A 757 -9.71 -44.14 18.78
C GLY A 757 -11.12 -43.59 18.80
N GLY A 758 -11.25 -42.30 19.13
CA GLY A 758 -12.56 -41.67 19.16
C GLY A 758 -12.69 -40.51 18.19
N ARG A 759 -11.56 -39.86 17.89
CA ARG A 759 -11.58 -38.73 16.98
C ARG A 759 -11.80 -39.19 15.55
N CYS A 760 -12.16 -38.23 14.69
CA CYS A 760 -12.32 -38.52 13.27
C CYS A 760 -10.95 -38.75 12.64
N GLU A 761 -10.84 -39.82 11.85
CA GLU A 761 -9.55 -40.16 11.27
C GLU A 761 -9.15 -39.21 10.16
N ALA A 762 -10.13 -38.65 9.43
CA ALA A 762 -9.81 -37.80 8.29
C ALA A 762 -9.12 -36.51 8.73
N CYS A 763 -9.71 -35.81 9.69
CA CYS A 763 -9.17 -34.54 10.16
C CYS A 763 -8.28 -34.70 11.39
N ALA A 764 -8.08 -35.92 11.87
CA ALA A 764 -7.26 -36.19 13.06
C ALA A 764 -7.77 -35.42 14.28
N GLY A 765 -9.07 -35.18 14.34
CA GLY A 765 -9.67 -34.46 15.44
C GLY A 765 -9.65 -32.96 15.33
N ASP A 766 -9.00 -32.41 14.30
CA ASP A 766 -8.98 -30.96 14.14
C ASP A 766 -10.32 -30.42 13.64
N GLY A 767 -11.04 -31.20 12.84
CA GLY A 767 -12.31 -30.77 12.29
C GLY A 767 -12.19 -29.92 11.04
N ILE A 768 -10.98 -29.62 10.58
CA ILE A 768 -10.77 -28.82 9.40
C ILE A 768 -9.75 -29.50 8.50
N ASN A 769 -9.75 -29.09 7.24
CA ASN A 769 -8.84 -29.63 6.24
C ASN A 769 -8.11 -28.48 5.55
N LYS A 770 -6.96 -28.79 4.98
CA LYS A 770 -6.15 -27.82 4.25
C LYS A 770 -6.20 -28.15 2.78
N ILE A 771 -6.61 -27.18 1.96
CA ILE A 771 -6.66 -27.33 0.52
C ILE A 771 -5.78 -26.25 -0.11
N GLU A 772 -4.88 -26.68 -0.99
CA GLU A 772 -3.92 -25.78 -1.62
C GLU A 772 -4.32 -25.51 -3.06
N MET A 773 -4.38 -24.23 -3.42
CA MET A 773 -4.68 -23.80 -4.77
C MET A 773 -3.39 -23.37 -5.46
N HIS A 774 -3.41 -23.38 -6.80
CA HIS A 774 -2.18 -23.19 -7.55
C HIS A 774 -1.56 -21.81 -7.33
N PHE A 775 -2.39 -20.78 -7.28
CA PHE A 775 -1.90 -19.42 -7.14
C PHE A 775 -2.54 -18.70 -5.96
N LEU A 776 -2.93 -19.45 -4.93
CA LEU A 776 -3.57 -18.89 -3.76
C LEU A 776 -2.95 -19.46 -2.50
N PRO A 777 -3.00 -18.73 -1.39
CA PRO A 777 -2.55 -19.29 -0.11
C PRO A 777 -3.46 -20.44 0.31
N ASP A 778 -2.92 -21.27 1.22
CA ASP A 778 -3.66 -22.42 1.70
C ASP A 778 -4.97 -21.98 2.34
N ILE A 779 -6.04 -22.71 2.05
CA ILE A 779 -7.38 -22.39 2.51
C ILE A 779 -7.85 -23.52 3.42
N TYR A 780 -8.41 -23.16 4.57
CA TYR A 780 -8.94 -24.13 5.53
C TYR A 780 -10.45 -24.19 5.41
N VAL A 781 -10.96 -25.42 5.21
CA VAL A 781 -12.39 -25.63 5.05
C VAL A 781 -12.84 -26.70 6.04
N PRO A 782 -14.09 -26.71 6.47
CA PRO A 782 -14.56 -27.76 7.38
C PRO A 782 -14.44 -29.14 6.75
N CYS A 783 -14.09 -30.12 7.60
CA CYS A 783 -13.95 -31.50 7.12
C CYS A 783 -15.31 -32.06 6.71
N GLU A 784 -15.33 -32.73 5.56
CA GLU A 784 -16.58 -33.25 5.04
C GLU A 784 -17.05 -34.51 5.76
N VAL A 785 -16.11 -35.35 6.23
CA VAL A 785 -16.50 -36.63 6.81
C VAL A 785 -17.22 -36.44 8.13
N CYS A 786 -16.66 -35.61 9.02
CA CYS A 786 -17.23 -35.41 10.35
C CYS A 786 -18.03 -34.12 10.47
N LYS A 787 -18.13 -33.34 9.39
CA LYS A 787 -18.86 -32.08 9.37
C LYS A 787 -18.35 -31.09 10.42
N GLY A 788 -17.08 -31.21 10.80
CA GLY A 788 -16.51 -30.33 11.81
C GLY A 788 -16.77 -30.74 13.23
N LYS A 789 -17.40 -31.89 13.46
CA LYS A 789 -17.69 -32.35 14.82
C LYS A 789 -16.49 -33.00 15.50
N ARG A 790 -15.44 -33.31 14.75
CA ARG A 790 -14.17 -33.83 15.26
C ARG A 790 -14.31 -35.16 16.00
N TYR A 791 -15.39 -35.90 15.77
CA TYR A 791 -15.59 -37.16 16.46
C TYR A 791 -16.14 -38.20 15.47
N ASN A 792 -15.89 -39.46 15.78
CA ASN A 792 -16.38 -40.56 14.95
C ASN A 792 -17.89 -40.71 15.14
N ARG A 793 -18.52 -41.30 14.12
CA ARG A 793 -19.96 -41.49 14.17
C ARG A 793 -20.37 -42.43 15.29
N GLU A 794 -19.57 -43.49 15.52
CA GLU A 794 -19.89 -44.44 16.57
C GLU A 794 -19.84 -43.79 17.95
N THR A 795 -18.85 -42.94 18.19
CA THR A 795 -18.72 -42.29 19.49
C THR A 795 -19.82 -41.26 19.73
N LEU A 796 -20.34 -40.66 18.65
CA LEU A 796 -21.36 -39.64 18.79
C LEU A 796 -22.71 -40.25 19.13
N GLU A 797 -22.81 -41.58 19.01
CA GLU A 797 -24.05 -42.28 19.32
C GLU A 797 -24.35 -42.34 20.81
N VAL A 798 -23.39 -42.01 21.67
CA VAL A 798 -23.60 -42.03 23.11
C VAL A 798 -24.13 -40.67 23.54
N ARG A 799 -25.29 -40.66 24.18
CA ARG A 799 -25.95 -39.43 24.62
C ARG A 799 -26.14 -39.48 26.13
N TYR A 800 -25.71 -38.41 26.81
CA TYR A 800 -25.91 -38.26 28.24
C TYR A 800 -26.94 -37.15 28.46
N LYS A 801 -28.07 -37.52 29.08
CA LYS A 801 -29.17 -36.59 29.32
C LYS A 801 -29.62 -35.92 28.03
N GLY A 802 -29.64 -36.70 26.94
CA GLY A 802 -30.12 -36.22 25.66
C GLY A 802 -29.13 -35.41 24.86
N LYS A 803 -27.88 -35.31 25.29
CA LYS A 803 -26.87 -34.53 24.59
C LYS A 803 -25.59 -35.33 24.45
N ASN A 804 -24.94 -35.18 23.30
CA ASN A 804 -23.68 -35.86 23.01
C ASN A 804 -22.52 -34.90 23.20
N ILE A 805 -21.32 -35.35 22.83
CA ILE A 805 -20.12 -34.54 23.03
C ILE A 805 -20.15 -33.30 22.16
N ALA A 806 -20.70 -33.40 20.94
CA ALA A 806 -20.69 -32.25 20.04
C ALA A 806 -21.57 -31.13 20.58
N GLU A 807 -22.77 -31.46 21.05
CA GLU A 807 -23.66 -30.43 21.59
C GLU A 807 -23.11 -29.87 22.89
N VAL A 808 -22.46 -30.70 23.70
CA VAL A 808 -21.86 -30.20 24.95
C VAL A 808 -20.75 -29.21 24.64
N LEU A 809 -19.89 -29.52 23.67
CA LEU A 809 -18.85 -28.58 23.29
C LEU A 809 -19.44 -27.31 22.68
N ASP A 810 -20.50 -27.43 21.88
CA ASP A 810 -21.09 -26.25 21.26
C ASP A 810 -21.83 -25.39 22.27
N MET A 811 -22.16 -25.93 23.44
CA MET A 811 -22.91 -25.18 24.44
C MET A 811 -22.06 -24.04 25.02
N THR A 812 -22.73 -22.93 25.32
CA THR A 812 -22.07 -21.78 25.91
C THR A 812 -21.95 -21.97 27.42
N VAL A 813 -21.26 -21.03 28.07
CA VAL A 813 -21.06 -21.12 29.51
C VAL A 813 -22.39 -20.94 30.25
N GLU A 814 -23.22 -20.00 29.78
CA GLU A 814 -24.51 -19.78 30.42
C GLU A 814 -25.39 -21.02 30.37
N GLU A 815 -25.44 -21.67 29.21
CA GLU A 815 -26.23 -22.90 29.09
C GLU A 815 -25.64 -24.02 29.94
N ALA A 816 -24.30 -24.16 29.93
CA ALA A 816 -23.67 -25.22 30.69
C ALA A 816 -23.84 -25.02 32.18
N LEU A 817 -24.02 -23.77 32.63
CA LEU A 817 -24.25 -23.53 34.05
C LEU A 817 -25.54 -24.20 34.52
N GLU A 818 -26.61 -24.09 33.74
CA GLU A 818 -27.85 -24.76 34.08
C GLU A 818 -27.81 -26.25 33.76
N PHE A 819 -27.10 -26.63 32.70
CA PHE A 819 -27.07 -28.04 32.31
C PHE A 819 -26.37 -28.90 33.35
N PHE A 820 -25.26 -28.42 33.92
CA PHE A 820 -24.47 -29.18 34.88
C PHE A 820 -24.76 -28.75 36.31
N LYS A 821 -25.99 -28.36 36.61
CA LYS A 821 -26.33 -27.93 37.96
C LYS A 821 -26.26 -29.09 38.94
N ASN A 822 -26.63 -30.30 38.50
CA ASN A 822 -26.64 -31.45 39.41
C ASN A 822 -25.23 -31.80 39.87
N ILE A 823 -24.27 -31.80 38.95
CA ILE A 823 -22.88 -32.16 39.28
C ILE A 823 -22.22 -30.96 39.95
N PRO A 824 -21.76 -31.09 41.19
CA PRO A 824 -21.20 -29.92 41.90
C PRO A 824 -19.81 -29.55 41.44
N ARG A 825 -18.97 -30.54 41.17
CA ARG A 825 -17.58 -30.26 40.81
C ARG A 825 -17.49 -29.52 39.48
N ILE A 826 -18.27 -29.96 38.49
CA ILE A 826 -18.29 -29.28 37.20
C ILE A 826 -18.95 -27.91 37.33
N HIS A 827 -20.01 -27.83 38.13
CA HIS A 827 -20.72 -26.57 38.32
C HIS A 827 -19.82 -25.51 38.93
N LYS A 828 -18.94 -25.90 39.86
CA LYS A 828 -18.04 -24.93 40.47
C LYS A 828 -17.14 -24.28 39.43
N LYS A 829 -16.52 -25.08 38.56
CA LYS A 829 -15.64 -24.52 37.54
C LYS A 829 -16.40 -23.74 36.48
N ILE A 830 -17.61 -24.18 36.12
CA ILE A 830 -18.41 -23.42 35.17
C ILE A 830 -18.78 -22.07 35.76
N GLU A 831 -19.15 -22.03 37.03
CA GLU A 831 -19.45 -20.77 37.69
C GLU A 831 -18.23 -19.89 37.78
N THR A 832 -17.06 -20.48 38.01
CA THR A 832 -15.82 -19.71 38.00
C THR A 832 -15.58 -19.06 36.64
N LEU A 833 -15.82 -19.81 35.57
CA LEU A 833 -15.69 -19.24 34.22
C LEU A 833 -16.72 -18.14 34.00
N TYR A 834 -17.93 -18.33 34.53
CA TYR A 834 -19.00 -17.35 34.33
C TYR A 834 -18.75 -16.07 35.10
N ASP A 835 -18.07 -16.15 36.25
CA ASP A 835 -17.88 -14.98 37.09
C ASP A 835 -16.93 -13.95 36.47
N VAL A 836 -16.04 -14.36 35.57
CA VAL A 836 -15.11 -13.44 34.96
C VAL A 836 -15.75 -12.78 33.74
N GLY A 837 -17.04 -12.99 33.57
CA GLY A 837 -17.77 -12.36 32.48
C GLY A 837 -17.67 -13.07 31.15
N LEU A 838 -17.38 -14.37 31.15
CA LEU A 838 -17.25 -15.14 29.92
C LEU A 838 -18.47 -16.04 29.69
N GLY A 839 -19.64 -15.60 30.15
CA GLY A 839 -20.84 -16.40 29.99
C GLY A 839 -21.33 -16.49 28.56
N TYR A 840 -20.92 -15.56 27.70
CA TYR A 840 -21.33 -15.58 26.30
C TYR A 840 -20.51 -16.54 25.45
N ILE A 841 -19.34 -16.96 25.94
CA ILE A 841 -18.45 -17.79 25.14
C ILE A 841 -18.87 -19.26 25.25
N LYS A 842 -18.40 -20.06 24.29
CA LYS A 842 -18.71 -21.48 24.27
C LYS A 842 -17.47 -22.29 24.60
N LEU A 843 -17.69 -23.46 25.20
CA LEU A 843 -16.59 -24.29 25.68
C LEU A 843 -15.71 -24.81 24.56
N GLY A 844 -16.25 -25.00 23.36
CA GLY A 844 -15.52 -25.58 22.26
C GLY A 844 -14.80 -24.60 21.35
N GLN A 845 -14.78 -23.31 21.70
CA GLN A 845 -14.17 -22.32 20.82
C GLN A 845 -12.66 -22.51 20.78
N SER A 846 -12.10 -22.55 19.58
CA SER A 846 -10.66 -22.74 19.42
C SER A 846 -9.89 -21.55 19.98
N SER A 847 -8.73 -21.84 20.58
CA SER A 847 -7.92 -20.79 21.17
C SER A 847 -7.36 -19.83 20.12
N THR A 848 -7.32 -20.24 18.85
CA THR A 848 -6.82 -19.35 17.80
C THR A 848 -7.72 -18.13 17.64
N THR A 849 -9.04 -18.32 17.76
CA THR A 849 -9.99 -17.24 17.54
C THR A 849 -10.18 -16.35 18.77
N LEU A 850 -9.68 -16.74 19.93
CA LEU A 850 -9.83 -15.93 21.12
C LEU A 850 -9.00 -14.65 21.01
N SER A 851 -9.51 -13.59 21.62
CA SER A 851 -8.81 -12.31 21.64
C SER A 851 -7.94 -12.21 22.90
N GLY A 852 -7.32 -11.04 23.09
CA GLY A 852 -6.50 -10.84 24.27
C GLY A 852 -7.33 -10.82 25.55
N GLY A 853 -8.46 -10.12 25.53
CA GLY A 853 -9.30 -10.08 26.73
C GLY A 853 -9.88 -11.43 27.08
N GLU A 854 -10.31 -12.19 26.07
CA GLU A 854 -10.85 -13.52 26.32
C GLU A 854 -9.78 -14.44 26.91
N ALA A 855 -8.56 -14.39 26.37
CA ALA A 855 -7.48 -15.21 26.89
C ALA A 855 -7.13 -14.82 28.33
N GLN A 856 -7.08 -13.51 28.61
CA GLN A 856 -6.79 -13.07 29.97
C GLN A 856 -7.87 -13.52 30.94
N ARG A 857 -9.14 -13.43 30.53
CA ARG A 857 -10.22 -13.88 31.40
C ARG A 857 -10.17 -15.39 31.61
N VAL A 858 -9.81 -16.15 30.57
CA VAL A 858 -9.67 -17.60 30.72
C VAL A 858 -8.57 -17.92 31.73
N LYS A 859 -7.44 -17.21 31.63
CA LYS A 859 -6.36 -17.44 32.59
C LYS A 859 -6.78 -17.09 34.00
N LEU A 860 -7.51 -15.98 34.17
CA LEU A 860 -7.99 -15.60 35.50
C LEU A 860 -8.95 -16.64 36.07
N ALA A 861 -9.84 -17.16 35.23
CA ALA A 861 -10.76 -18.20 35.69
C ALA A 861 -10.00 -19.46 36.09
N THR A 862 -8.98 -19.83 35.31
CA THR A 862 -8.17 -21.00 35.66
C THR A 862 -7.47 -20.80 36.99
N GLU A 863 -6.93 -19.60 37.23
CA GLU A 863 -6.28 -19.33 38.51
C GLU A 863 -7.28 -19.35 39.66
N LEU A 864 -8.49 -18.85 39.44
CA LEU A 864 -9.50 -18.87 40.49
C LEU A 864 -9.94 -20.29 40.82
N SER A 865 -10.02 -21.15 39.80
CA SER A 865 -10.46 -22.53 40.03
C SER A 865 -9.48 -23.31 40.90
N ARG A 866 -8.18 -23.13 40.70
CA ARG A 866 -7.18 -23.89 41.43
C ARG A 866 -7.25 -23.60 42.93
N LYS A 867 -7.01 -24.64 43.72
CA LYS A 867 -7.00 -24.52 45.17
C LYS A 867 -5.69 -23.86 45.58
N SER A 868 -5.73 -22.56 45.83
CA SER A 868 -4.52 -21.81 46.17
C SER A 868 -4.00 -22.23 47.54
N THR A 869 -2.67 -22.29 47.64
CA THR A 869 -2.02 -22.64 48.90
C THR A 869 -1.66 -21.42 49.74
N GLY A 870 -2.00 -20.22 49.27
CA GLY A 870 -1.71 -19.01 50.02
C GLY A 870 -0.30 -18.50 49.88
N LYS A 871 0.50 -19.06 48.98
CA LYS A 871 1.89 -18.65 48.78
C LYS A 871 2.18 -18.47 47.29
N THR A 872 1.31 -17.74 46.61
CA THR A 872 1.45 -17.46 45.19
C THR A 872 1.42 -15.96 44.95
N MET A 873 2.12 -15.52 43.92
CA MET A 873 2.17 -14.11 43.53
C MET A 873 1.74 -13.97 42.08
N TYR A 874 0.83 -13.04 41.83
CA TYR A 874 0.32 -12.77 40.50
C TYR A 874 0.80 -11.40 40.04
N ILE A 875 1.31 -11.32 38.82
CA ILE A 875 1.83 -10.07 38.26
C ILE A 875 1.03 -9.76 36.99
N LEU A 876 0.45 -8.56 36.94
CA LEU A 876 -0.36 -8.14 35.81
C LEU A 876 0.15 -6.80 35.30
N ASP A 877 0.32 -6.68 33.99
CA ASP A 877 0.80 -5.46 33.34
C ASP A 877 -0.36 -4.85 32.57
N GLU A 878 -0.90 -3.75 33.09
CA GLU A 878 -2.03 -3.05 32.48
C GLU A 878 -3.20 -4.00 32.20
N PRO A 879 -3.78 -4.61 33.23
CA PRO A 879 -4.90 -5.52 32.99
C PRO A 879 -6.13 -4.85 32.41
N THR A 880 -6.27 -3.53 32.57
CA THR A 880 -7.45 -2.81 32.07
C THR A 880 -7.21 -2.28 30.66
N THR A 881 -6.80 -3.16 29.76
CA THR A 881 -6.60 -2.82 28.36
C THR A 881 -7.80 -3.29 27.56
N GLY A 882 -8.54 -2.35 26.96
CA GLY A 882 -9.72 -2.70 26.22
C GLY A 882 -10.90 -3.10 27.08
N LEU A 883 -10.95 -2.63 28.33
CA LEU A 883 -12.01 -2.98 29.26
C LEU A 883 -12.91 -1.78 29.52
N HIS A 884 -14.22 -2.00 29.43
CA HIS A 884 -15.20 -0.98 29.76
C HIS A 884 -15.16 -0.68 31.26
N MET A 885 -15.97 0.30 31.68
CA MET A 885 -16.06 0.60 33.11
C MET A 885 -16.64 -0.57 33.89
N ALA A 886 -17.68 -1.21 33.36
CA ALA A 886 -18.24 -2.39 34.01
C ALA A 886 -17.23 -3.54 34.05
N ASP A 887 -16.47 -3.69 32.96
CA ASP A 887 -15.41 -4.71 32.95
C ASP A 887 -14.35 -4.40 34.00
N VAL A 888 -14.02 -3.12 34.18
CA VAL A 888 -13.06 -2.73 35.22
C VAL A 888 -13.62 -3.06 36.60
N HIS A 889 -14.91 -2.80 36.81
CA HIS A 889 -15.54 -3.14 38.09
C HIS A 889 -15.45 -4.65 38.37
N ARG A 890 -15.79 -5.46 37.36
CA ARG A 890 -15.73 -6.90 37.52
C ARG A 890 -14.30 -7.37 37.79
N LEU A 891 -13.33 -6.80 37.07
CA LEU A 891 -11.93 -7.18 37.27
C LEU A 891 -11.45 -6.80 38.65
N VAL A 892 -11.86 -5.64 39.16
CA VAL A 892 -11.49 -5.25 40.51
C VAL A 892 -12.06 -6.23 41.52
N GLY A 893 -13.32 -6.62 41.35
CA GLY A 893 -13.89 -7.63 42.23
C GLY A 893 -13.14 -8.94 42.19
N ILE A 894 -12.77 -9.39 40.99
CA ILE A 894 -12.05 -10.65 40.85
C ILE A 894 -10.68 -10.58 41.53
N LEU A 895 -9.97 -9.47 41.33
CA LEU A 895 -8.65 -9.32 41.94
C LEU A 895 -8.75 -9.28 43.47
N HIS A 896 -9.76 -8.59 43.99
CA HIS A 896 -9.94 -8.56 45.44
C HIS A 896 -10.28 -9.94 45.97
N ARG A 897 -11.07 -10.72 45.23
CA ARG A 897 -11.34 -12.10 45.64
C ARG A 897 -10.06 -12.94 45.66
N LEU A 898 -9.22 -12.77 44.64
CA LEU A 898 -7.95 -13.49 44.61
C LEU A 898 -7.07 -13.13 45.80
N VAL A 899 -7.01 -11.84 46.14
CA VAL A 899 -6.23 -11.41 47.29
C VAL A 899 -6.79 -12.00 48.58
N GLU A 900 -8.12 -11.94 48.74
CA GLU A 900 -8.73 -12.48 49.95
C GLU A 900 -8.55 -13.99 50.05
N ALA A 901 -8.31 -14.66 48.93
CA ALA A 901 -8.02 -16.09 48.99
C ALA A 901 -6.72 -16.39 49.73
N GLY A 902 -5.82 -15.41 49.85
CA GLY A 902 -4.59 -15.58 50.59
C GLY A 902 -3.33 -15.33 49.78
N ASN A 903 -3.41 -14.85 48.55
CA ASN A 903 -2.24 -14.64 47.71
C ASN A 903 -1.89 -13.16 47.66
N SER A 904 -0.88 -12.83 46.84
CA SER A 904 -0.42 -11.47 46.66
C SER A 904 -0.54 -11.09 45.19
N VAL A 905 -1.05 -9.89 44.93
CA VAL A 905 -1.28 -9.40 43.58
C VAL A 905 -0.53 -8.09 43.40
N VAL A 906 0.29 -8.01 42.36
CA VAL A 906 1.02 -6.80 42.00
C VAL A 906 0.61 -6.41 40.60
N VAL A 907 0.15 -5.18 40.43
CA VAL A 907 -0.42 -4.70 39.17
C VAL A 907 0.21 -3.37 38.80
N ILE A 908 0.71 -3.28 37.56
CA ILE A 908 1.17 -2.02 37.00
C ILE A 908 -0.02 -1.36 36.31
N GLU A 909 -0.56 -0.31 36.92
CA GLU A 909 -1.79 0.28 36.43
C GLU A 909 -1.68 1.80 36.34
N HIS A 910 -2.35 2.36 35.35
CA HIS A 910 -2.50 3.79 35.20
C HIS A 910 -3.93 4.26 35.44
N ASN A 911 -4.85 3.33 35.68
CA ASN A 911 -6.27 3.65 35.89
C ASN A 911 -6.50 4.04 37.33
N LEU A 912 -7.15 5.19 37.54
CA LEU A 912 -7.39 5.67 38.90
C LEU A 912 -8.46 4.87 39.61
N ASP A 913 -9.43 4.31 38.87
CA ASP A 913 -10.46 3.50 39.49
C ASP A 913 -9.87 2.26 40.13
N VAL A 914 -8.93 1.61 39.45
CA VAL A 914 -8.24 0.46 40.04
C VAL A 914 -7.33 0.91 41.18
N ILE A 915 -6.67 2.05 41.01
CA ILE A 915 -5.68 2.50 41.99
C ILE A 915 -6.34 2.82 43.31
N LYS A 916 -7.50 3.49 43.28
CA LYS A 916 -8.14 3.94 44.51
C LYS A 916 -8.59 2.78 45.39
N THR A 917 -8.69 1.57 44.85
CA THR A 917 -9.09 0.41 45.63
C THR A 917 -7.93 -0.41 46.15
N ALA A 918 -6.70 -0.09 45.76
CA ALA A 918 -5.55 -0.88 46.18
C ALA A 918 -5.22 -0.63 47.64
N ASP A 919 -4.64 -1.63 48.29
CA ASP A 919 -4.23 -1.53 49.68
C ASP A 919 -2.83 -0.94 49.84
N TYR A 920 -2.06 -0.85 48.75
CA TYR A 920 -0.70 -0.32 48.83
C TYR A 920 -0.31 0.22 47.46
N ILE A 921 0.31 1.38 47.44
CA ILE A 921 0.69 2.06 46.21
C ILE A 921 2.16 2.43 46.29
N ILE A 922 2.91 2.10 45.24
CA ILE A 922 4.32 2.49 45.12
C ILE A 922 4.45 3.39 43.90
N ASP A 923 4.91 4.61 44.11
CA ASP A 923 4.99 5.63 43.07
C ASP A 923 6.44 5.87 42.69
N LEU A 924 6.73 5.83 41.39
CA LEU A 924 8.07 6.04 40.88
C LEU A 924 8.10 7.30 40.03
N GLY A 925 9.25 7.99 40.05
CA GLY A 925 9.41 9.19 39.26
C GLY A 925 10.61 10.00 39.70
N PRO A 926 10.44 11.32 39.81
CA PRO A 926 9.19 12.07 39.60
C PRO A 926 8.93 12.37 38.13
N GLU A 927 9.87 12.06 37.25
CA GLU A 927 9.67 12.28 35.82
C GLU A 927 10.00 11.02 35.04
N GLY A 928 10.08 11.13 33.72
CA GLY A 928 10.43 9.99 32.90
C GLY A 928 11.84 10.03 32.35
N GLY A 929 12.28 8.96 31.71
CA GLY A 929 13.62 8.95 31.15
C GLY A 929 14.67 9.02 32.24
N SER A 930 15.72 9.80 31.97
CA SER A 930 16.79 9.96 32.95
C SER A 930 16.36 10.78 34.15
N GLY A 931 15.23 11.46 34.08
CA GLY A 931 14.74 12.24 35.21
C GLY A 931 14.02 11.44 36.26
N GLY A 932 13.74 10.17 36.01
CA GLY A 932 13.03 9.34 36.96
C GLY A 932 13.91 8.29 37.62
N GLY A 933 13.36 7.11 37.86
CA GLY A 933 14.10 6.03 38.47
C GLY A 933 14.18 6.07 39.98
N LEU A 934 13.48 6.99 40.64
CA LEU A 934 13.48 7.09 42.09
C LEU A 934 12.11 6.74 42.64
N VAL A 935 12.04 6.60 43.95
CA VAL A 935 10.79 6.32 44.65
C VAL A 935 10.28 7.61 45.26
N VAL A 936 9.05 7.98 44.93
CA VAL A 936 8.47 9.25 45.36
C VAL A 936 7.64 9.06 46.61
N ALA A 937 6.62 8.20 46.53
CA ALA A 937 5.70 7.98 47.64
C ALA A 937 5.37 6.50 47.75
N GLU A 938 4.99 6.09 48.96
CA GLU A 938 4.60 4.72 49.23
C GLU A 938 3.59 4.69 50.37
N GLY A 939 2.80 3.63 50.41
CA GLY A 939 1.82 3.43 51.44
C GLY A 939 0.40 3.34 50.91
N THR A 940 -0.55 3.54 51.82
CA THR A 940 -1.96 3.50 51.44
C THR A 940 -2.30 4.67 50.55
N PRO A 941 -3.40 4.56 49.78
CA PRO A 941 -3.75 5.67 48.87
C PRO A 941 -3.89 7.01 49.57
N GLU A 942 -4.38 7.03 50.81
CA GLU A 942 -4.46 8.30 51.54
C GLU A 942 -3.07 8.86 51.82
N GLU A 943 -2.13 8.00 52.23
CA GLU A 943 -0.78 8.47 52.48
C GLU A 943 -0.14 9.01 51.22
N VAL A 944 -0.36 8.35 50.08
CA VAL A 944 0.18 8.84 48.82
C VAL A 944 -0.46 10.17 48.46
N ALA A 945 -1.78 10.29 48.67
CA ALA A 945 -2.46 11.55 48.39
C ALA A 945 -1.95 12.67 49.26
N LYS A 946 -1.45 12.36 50.45
CA LYS A 946 -0.87 13.39 51.30
C LYS A 946 0.42 13.98 50.73
N VAL A 947 1.09 13.28 49.84
CA VAL A 947 2.36 13.74 49.28
C VAL A 947 2.08 14.82 48.25
N GLU A 948 2.69 15.99 48.42
CA GLU A 948 2.42 17.11 47.53
C GLU A 948 3.11 16.94 46.17
N ASN A 949 4.35 16.49 46.17
CA ASN A 949 5.14 16.41 44.94
C ASN A 949 4.99 15.05 44.27
N SER A 950 3.73 14.70 43.97
CA SER A 950 3.43 13.44 43.31
C SER A 950 2.16 13.62 42.48
N TYR A 951 2.27 13.37 41.18
CA TYR A 951 1.10 13.52 40.31
C TYR A 951 0.02 12.51 40.67
N THR A 952 0.41 11.27 40.98
CA THR A 952 -0.56 10.28 41.39
C THR A 952 -1.27 10.70 42.67
N GLY A 953 -0.52 11.24 43.62
CA GLY A 953 -1.15 11.76 44.84
C GLY A 953 -2.09 12.91 44.55
N GLN A 954 -1.69 13.80 43.65
CA GLN A 954 -2.53 14.95 43.31
C GLN A 954 -3.85 14.49 42.72
N PHE A 955 -3.81 13.50 41.83
CA PHE A 955 -5.05 13.02 41.22
C PHE A 955 -5.88 12.21 42.21
N LEU A 956 -5.22 11.43 43.06
CA LEU A 956 -5.93 10.66 44.07
C LEU A 956 -6.63 11.56 45.08
N LYS A 957 -6.06 12.73 45.34
CA LYS A 957 -6.71 13.67 46.26
C LYS A 957 -8.07 14.10 45.73
N LYS A 958 -8.17 14.35 44.42
CA LYS A 958 -9.45 14.71 43.84
C LYS A 958 -10.37 13.50 43.71
N VAL A 959 -9.80 12.34 43.38
CA VAL A 959 -10.63 11.15 43.16
C VAL A 959 -11.32 10.73 44.46
N LEU A 960 -10.57 10.72 45.56
CA LEU A 960 -11.12 10.29 46.84
C LEU A 960 -12.09 11.33 47.38
N ASP B 24 -7.43 24.40 0.59
CA ASP B 24 -8.04 24.25 -0.72
C ASP B 24 -7.03 24.49 -1.83
N TYR B 25 -5.76 24.19 -1.55
CA TYR B 25 -4.70 24.38 -2.52
C TYR B 25 -3.61 23.36 -2.27
N ILE B 26 -2.80 23.10 -3.29
CA ILE B 26 -1.58 22.31 -3.17
C ILE B 26 -0.42 23.22 -3.50
N VAL B 27 0.50 23.37 -2.55
CA VAL B 27 1.61 24.30 -2.67
C VAL B 27 2.90 23.50 -2.77
N VAL B 28 3.64 23.70 -3.84
CA VAL B 28 4.94 23.07 -4.04
C VAL B 28 5.97 24.17 -4.11
N LYS B 29 7.01 24.06 -3.28
CA LYS B 29 8.08 25.05 -3.21
C LYS B 29 9.41 24.36 -3.49
N GLY B 30 10.19 24.93 -4.39
CA GLY B 30 11.53 24.44 -4.66
C GLY B 30 11.59 23.03 -5.21
N ALA B 31 10.77 22.73 -6.22
CA ALA B 31 10.82 21.43 -6.88
C ALA B 31 12.03 21.41 -7.82
N ARG B 32 12.95 20.48 -7.58
CA ARG B 32 14.19 20.39 -8.35
C ARG B 32 14.40 19.00 -8.92
N GLU B 33 13.33 18.22 -9.07
CA GLU B 33 13.47 16.87 -9.59
C GLU B 33 13.87 16.91 -11.06
N HIS B 34 14.88 16.12 -11.41
CA HIS B 34 15.40 16.03 -12.78
C HIS B 34 15.80 17.40 -13.31
N ASN B 35 15.09 17.90 -14.30
CA ASN B 35 15.42 19.15 -14.97
C ASN B 35 14.55 20.32 -14.54
N LEU B 36 13.78 20.17 -13.46
CA LEU B 36 12.96 21.27 -12.97
C LEU B 36 13.85 22.38 -12.42
N LYS B 37 13.57 23.62 -12.82
CA LYS B 37 14.42 24.76 -12.49
C LYS B 37 13.95 25.45 -11.22
N ASN B 38 13.79 24.68 -10.16
CA ASN B 38 13.45 25.20 -8.83
C ASN B 38 12.20 26.07 -8.89
N ILE B 39 11.09 25.46 -9.29
CA ILE B 39 9.86 26.17 -9.58
C ILE B 39 8.91 26.07 -8.39
N ASP B 40 7.97 27.01 -8.33
CA ASP B 40 6.91 27.03 -7.33
C ASP B 40 5.57 27.06 -8.05
N VAL B 41 4.65 26.19 -7.63
CA VAL B 41 3.35 26.07 -8.28
C VAL B 41 2.27 25.93 -7.22
N LYS B 42 1.10 26.47 -7.52
CA LYS B 42 -0.09 26.36 -6.68
C LYS B 42 -1.20 25.71 -7.50
N ILE B 43 -1.53 24.47 -7.17
CA ILE B 43 -2.51 23.68 -7.91
C ILE B 43 -3.82 23.71 -7.13
N PRO B 44 -4.90 24.26 -7.69
CA PRO B 44 -6.18 24.26 -6.97
C PRO B 44 -6.67 22.85 -6.73
N ARG B 45 -7.35 22.65 -5.61
CA ARG B 45 -7.82 21.34 -5.20
C ARG B 45 -9.24 21.10 -5.68
N ASP B 46 -9.57 19.81 -5.87
CA ASP B 46 -10.90 19.38 -6.28
C ASP B 46 -11.34 20.05 -7.59
N LYS B 47 -10.42 20.06 -8.56
CA LYS B 47 -10.67 20.65 -9.87
C LYS B 47 -10.03 19.77 -10.93
N PHE B 48 -10.41 20.02 -12.18
CA PHE B 48 -9.87 19.31 -13.34
C PHE B 48 -8.68 20.14 -13.86
N VAL B 49 -7.48 19.74 -13.45
CA VAL B 49 -6.26 20.46 -13.77
C VAL B 49 -5.48 19.66 -14.81
N VAL B 50 -5.04 20.34 -15.86
CA VAL B 50 -4.32 19.70 -16.96
C VAL B 50 -2.91 20.26 -17.01
N ILE B 51 -1.92 19.37 -17.04
CA ILE B 51 -0.51 19.73 -17.16
C ILE B 51 -0.06 19.36 -18.57
N THR B 52 0.41 20.35 -19.32
CA THR B 52 0.78 20.15 -20.72
C THR B 52 2.08 20.86 -21.02
N GLY B 53 2.75 20.42 -22.08
CA GLY B 53 4.01 20.99 -22.49
C GLY B 53 4.67 20.11 -23.53
N LEU B 54 5.85 20.54 -23.96
CA LEU B 54 6.60 19.75 -24.91
C LEU B 54 7.11 18.47 -24.27
N SER B 55 7.43 17.49 -25.12
CA SER B 55 7.99 16.25 -24.62
C SER B 55 9.38 16.49 -24.05
N GLY B 56 9.62 15.99 -22.84
CA GLY B 56 10.87 16.22 -22.16
C GLY B 56 10.99 17.54 -21.46
N SER B 57 9.91 18.32 -21.37
CA SER B 57 9.94 19.61 -20.71
C SER B 57 9.85 19.50 -19.19
N GLY B 58 9.60 18.31 -18.66
CA GLY B 58 9.56 18.11 -17.23
C GLY B 58 8.18 18.03 -16.61
N LYS B 59 7.12 18.05 -17.43
CA LYS B 59 5.77 17.92 -16.87
C LYS B 59 5.57 16.55 -16.22
N SER B 60 6.05 15.49 -16.88
CA SER B 60 5.93 14.16 -16.30
C SER B 60 6.71 14.05 -15.01
N SER B 61 7.90 14.65 -14.96
CA SER B 61 8.66 14.69 -13.72
C SER B 61 7.86 15.39 -12.63
N LEU B 62 7.42 16.62 -12.91
CA LEU B 62 6.73 17.42 -11.91
C LEU B 62 5.50 16.69 -11.36
N ALA B 63 4.77 16.01 -12.23
CA ALA B 63 3.58 15.31 -11.74
C ALA B 63 3.97 14.02 -11.01
N PHE B 64 4.52 13.05 -11.74
CA PHE B 64 4.66 11.71 -11.19
C PHE B 64 5.78 11.63 -10.16
N ASP B 65 6.95 12.20 -10.45
CA ASP B 65 8.08 12.01 -9.56
C ASP B 65 7.94 12.84 -8.29
N THR B 66 7.22 13.95 -8.34
CA THR B 66 7.03 14.77 -7.14
C THR B 66 5.71 14.48 -6.43
N ILE B 67 4.58 14.78 -7.08
CA ILE B 67 3.32 14.80 -6.36
C ILE B 67 2.85 13.37 -6.07
N TYR B 68 2.87 12.52 -7.10
CA TYR B 68 2.46 11.13 -6.90
C TYR B 68 3.38 10.43 -5.91
N ALA B 69 4.68 10.65 -6.03
CA ALA B 69 5.63 9.99 -5.14
C ALA B 69 5.40 10.40 -3.70
N GLU B 70 5.27 11.71 -3.44
CA GLU B 70 5.07 12.17 -2.08
C GLU B 70 3.73 11.68 -1.52
N GLY B 71 2.66 11.76 -2.31
CA GLY B 71 1.36 11.34 -1.83
C GLY B 71 1.30 9.85 -1.54
N GLN B 72 1.95 9.04 -2.39
CA GLN B 72 1.97 7.60 -2.14
C GLN B 72 2.84 7.25 -0.95
N ARG B 73 3.99 7.93 -0.81
CA ARG B 73 4.90 7.62 0.30
C ARG B 73 4.27 7.97 1.64
N ARG B 74 3.66 9.15 1.73
CA ARG B 74 3.11 9.59 3.02
C ARG B 74 1.97 8.70 3.49
N TYR B 75 1.36 7.92 2.59
CA TYR B 75 0.33 6.97 2.98
C TYR B 75 0.89 5.57 3.22
N VAL B 76 1.84 5.14 2.39
CA VAL B 76 2.36 3.78 2.50
C VAL B 76 3.24 3.65 3.75
N GLU B 77 4.04 4.67 4.05
CA GLU B 77 4.94 4.58 5.20
C GLU B 77 4.20 4.44 6.52
N SER B 78 2.92 4.80 6.56
CA SER B 78 2.13 4.69 7.78
C SER B 78 1.52 3.30 7.96
N LEU B 79 1.72 2.40 7.02
CA LEU B 79 1.16 1.06 7.12
C LEU B 79 2.08 0.14 7.90
N MET B 90 8.82 4.16 -2.56
CA MET B 90 9.19 5.25 -3.47
C MET B 90 10.25 6.14 -2.86
N GLU B 91 11.20 6.60 -3.68
CA GLU B 91 12.25 7.47 -3.20
C GLU B 91 11.70 8.85 -2.86
N LYS B 92 12.38 9.53 -1.95
CA LYS B 92 11.94 10.87 -1.54
C LYS B 92 12.32 11.88 -2.60
N PRO B 93 11.38 12.66 -3.12
CA PRO B 93 11.71 13.63 -4.17
C PRO B 93 12.51 14.81 -3.63
N ASP B 94 13.20 15.48 -4.55
CA ASP B 94 13.99 16.66 -4.23
C ASP B 94 13.07 17.87 -4.25
N VAL B 95 12.54 18.23 -3.08
CA VAL B 95 11.61 19.34 -2.96
C VAL B 95 11.69 19.88 -1.54
N ASP B 96 11.51 21.19 -1.41
CA ASP B 96 11.52 21.81 -0.09
C ASP B 96 10.38 21.30 0.77
N TYR B 97 9.14 21.58 0.35
CA TYR B 97 7.98 21.10 1.08
C TYR B 97 6.77 21.10 0.16
N ILE B 98 5.83 20.20 0.44
CA ILE B 98 4.55 20.13 -0.27
C ILE B 98 3.44 20.20 0.76
N ASP B 99 2.45 21.04 0.50
CA ASP B 99 1.35 21.26 1.43
C ASP B 99 0.02 20.92 0.77
N GLY B 100 -0.96 20.59 1.61
CA GLY B 100 -2.29 20.27 1.13
C GLY B 100 -2.34 19.01 0.29
N LEU B 101 -1.65 17.97 0.72
CA LEU B 101 -1.56 16.72 -0.03
C LEU B 101 -2.59 15.72 0.48
N SER B 102 -2.94 14.77 -0.36
CA SER B 102 -3.84 13.68 -0.06
C SER B 102 -3.29 12.41 -0.69
N PRO B 103 -3.74 11.22 -0.29
CA PRO B 103 -3.26 10.00 -0.94
C PRO B 103 -3.50 10.07 -2.45
N ALA B 104 -2.50 9.62 -3.22
CA ALA B 104 -2.49 9.79 -4.66
C ALA B 104 -2.51 8.43 -5.34
N ILE B 105 -3.32 8.31 -6.39
CA ILE B 105 -3.41 7.11 -7.20
C ILE B 105 -3.07 7.50 -8.64
N ALA B 106 -2.11 6.80 -9.22
CA ALA B 106 -1.65 7.07 -10.58
C ALA B 106 -2.14 5.97 -11.50
N ILE B 107 -2.75 6.36 -12.62
CA ILE B 107 -3.25 5.43 -13.62
C ILE B 107 -2.48 5.67 -14.91
N ASP B 108 -1.80 4.64 -15.40
CA ASP B 108 -0.95 4.75 -16.58
C ASP B 108 -1.05 3.46 -17.37
N GLN B 109 -0.40 3.46 -18.54
CA GLN B 109 -0.39 2.30 -19.43
C GLN B 109 0.79 1.42 -19.06
N LYS B 110 0.64 0.67 -17.97
CA LYS B 110 1.69 -0.24 -17.51
C LYS B 110 1.08 -1.59 -17.14
N THR B 111 0.27 -2.13 -18.05
CA THR B 111 -0.41 -3.40 -17.80
C THR B 111 0.60 -4.54 -17.64
N THR B 112 0.27 -5.49 -16.77
CA THR B 112 1.10 -6.64 -16.51
C THR B 112 0.26 -7.90 -16.56
N SER B 113 0.90 -9.02 -16.91
CA SER B 113 0.19 -10.30 -16.98
C SER B 113 -0.35 -10.70 -15.61
N ARG B 114 0.44 -10.46 -14.57
CA ARG B 114 0.03 -10.73 -13.20
C ARG B 114 -0.31 -12.20 -12.99
N ASN B 115 -1.59 -12.49 -12.81
CA ASN B 115 -2.07 -13.82 -12.48
C ASN B 115 -3.20 -14.22 -13.42
N PRO B 116 -3.36 -15.52 -13.66
CA PRO B 116 -4.46 -15.98 -14.52
C PRO B 116 -5.78 -16.11 -13.77
N ARG B 117 -5.78 -15.70 -12.50
CA ARG B 117 -6.97 -15.78 -11.67
C ARG B 117 -7.80 -14.50 -11.68
N SER B 118 -7.40 -13.50 -12.47
CA SER B 118 -8.11 -12.23 -12.55
C SER B 118 -8.63 -12.05 -13.97
N THR B 119 -9.90 -11.65 -14.08
CA THR B 119 -10.50 -11.35 -15.37
C THR B 119 -11.10 -9.95 -15.34
N VAL B 120 -11.82 -9.57 -16.40
CA VAL B 120 -12.47 -8.26 -16.43
C VAL B 120 -13.52 -8.17 -15.34
N GLY B 121 -14.31 -9.23 -15.16
CA GLY B 121 -15.37 -9.20 -14.16
C GLY B 121 -14.85 -9.06 -12.75
N THR B 122 -13.76 -9.77 -12.44
CA THR B 122 -13.18 -9.67 -11.10
C THR B 122 -12.52 -8.32 -10.87
N VAL B 123 -11.84 -7.79 -11.90
CA VAL B 123 -11.18 -6.51 -11.76
C VAL B 123 -12.19 -5.40 -11.55
N THR B 124 -13.28 -5.40 -12.33
CA THR B 124 -14.29 -4.37 -12.21
C THR B 124 -15.29 -4.64 -11.09
N GLU B 125 -15.12 -5.73 -10.35
CA GLU B 125 -15.96 -6.06 -9.20
C GLU B 125 -17.42 -6.22 -9.58
N ILE B 126 -17.67 -6.79 -10.76
CA ILE B 126 -19.02 -7.16 -11.16
C ILE B 126 -19.29 -8.65 -10.97
N TYR B 127 -18.24 -9.47 -10.94
CA TYR B 127 -18.45 -10.90 -10.74
C TYR B 127 -19.00 -11.18 -9.34
N ASP B 128 -18.61 -10.39 -8.35
CA ASP B 128 -19.14 -10.57 -7.01
C ASP B 128 -20.65 -10.33 -6.98
N TYR B 129 -21.09 -9.26 -7.63
CA TYR B 129 -22.52 -8.99 -7.69
C TYR B 129 -23.26 -10.04 -8.51
N LEU B 130 -22.62 -10.56 -9.56
CA LEU B 130 -23.22 -11.66 -10.31
C LEU B 130 -23.40 -12.89 -9.43
N ARG B 131 -22.39 -13.21 -8.63
CA ARG B 131 -22.50 -14.34 -7.71
C ARG B 131 -23.62 -14.12 -6.70
N LEU B 132 -23.72 -12.90 -6.16
CA LEU B 132 -24.80 -12.60 -5.23
C LEU B 132 -26.17 -12.76 -5.88
N LEU B 133 -26.31 -12.25 -7.11
CA LEU B 133 -27.60 -12.36 -7.80
C LEU B 133 -27.96 -13.81 -8.08
N PHE B 134 -26.97 -14.61 -8.49
CA PHE B 134 -27.25 -16.02 -8.77
C PHE B 134 -27.56 -16.79 -7.50
N ALA B 135 -26.95 -16.43 -6.38
CA ALA B 135 -27.32 -17.05 -5.12
C ALA B 135 -28.74 -16.67 -4.71
N ARG B 136 -29.13 -15.41 -4.95
CA ARG B 136 -30.45 -14.96 -4.54
C ARG B 136 -31.55 -15.58 -5.39
N ILE B 137 -31.53 -15.33 -6.70
CA ILE B 137 -32.65 -15.68 -7.56
C ILE B 137 -32.29 -16.73 -8.59
N GLY B 138 -31.12 -17.37 -8.47
CA GLY B 138 -30.76 -18.39 -9.43
C GLY B 138 -31.66 -19.60 -9.34
N THR B 139 -32.10 -20.08 -10.49
CA THR B 139 -32.99 -21.24 -10.55
C THR B 139 -32.16 -22.51 -10.52
N PRO B 140 -32.33 -23.37 -9.51
CA PRO B 140 -31.54 -24.61 -9.47
C PRO B 140 -31.95 -25.57 -10.57
N HIS B 141 -31.04 -26.47 -10.90
CA HIS B 141 -31.27 -27.47 -11.94
C HIS B 141 -30.46 -28.71 -11.62
N CYS B 142 -30.76 -29.79 -12.36
CA CYS B 142 -29.99 -31.01 -12.24
C CYS B 142 -29.03 -31.14 -13.40
N TYR B 143 -27.77 -31.47 -13.10
CA TYR B 143 -26.74 -31.66 -14.11
C TYR B 143 -26.76 -33.06 -14.71
N LEU B 144 -27.65 -33.92 -14.24
CA LEU B 144 -27.79 -35.27 -14.76
C LEU B 144 -29.08 -35.49 -15.53
N CYS B 145 -30.20 -34.97 -15.04
CA CYS B 145 -31.49 -35.14 -15.70
C CYS B 145 -32.07 -33.84 -16.24
N GLY B 146 -31.61 -32.69 -15.75
CA GLY B 146 -32.09 -31.41 -16.22
C GLY B 146 -33.40 -30.95 -15.63
N ARG B 147 -33.89 -31.59 -14.58
CA ARG B 147 -35.15 -31.19 -13.95
C ARG B 147 -34.89 -30.01 -13.01
N GLU B 148 -35.93 -29.60 -12.29
CA GLU B 148 -35.85 -28.48 -11.36
C GLU B 148 -36.03 -28.98 -9.93
N ILE B 149 -35.28 -28.38 -9.02
CA ILE B 149 -35.32 -28.74 -7.60
C ILE B 149 -36.07 -27.64 -6.86
N SER B 150 -37.11 -28.03 -6.12
CA SER B 150 -37.90 -27.09 -5.34
C SER B 150 -38.08 -27.64 -3.93
N GLN B 151 -38.12 -26.74 -2.96
CA GLN B 151 -38.27 -27.11 -1.56
C GLN B 151 -38.81 -25.94 -0.74
N ASN B 269 -37.37 -32.31 0.49
CA ASN B 269 -35.92 -32.14 0.48
C ASN B 269 -35.47 -31.30 -0.71
N PHE B 270 -34.29 -30.68 -0.59
CA PHE B 270 -33.74 -29.85 -1.65
C PHE B 270 -32.86 -30.70 -2.56
N ALA B 271 -33.51 -31.67 -3.21
CA ALA B 271 -32.81 -32.59 -4.10
C ALA B 271 -33.81 -33.16 -5.09
N CYS B 272 -33.30 -33.73 -6.17
CA CYS B 272 -34.13 -34.37 -7.17
C CYS B 272 -34.45 -35.81 -6.75
N THR B 273 -35.67 -36.23 -7.03
CA THR B 273 -36.13 -37.58 -6.72
C THR B 273 -35.89 -38.58 -7.83
N GLU B 274 -35.41 -38.13 -8.99
CA GLU B 274 -35.17 -39.02 -10.12
C GLU B 274 -33.73 -39.51 -10.16
N CYS B 275 -32.76 -38.58 -10.22
CA CYS B 275 -31.36 -38.96 -10.28
C CYS B 275 -30.77 -39.23 -8.90
N ASN B 276 -31.54 -39.00 -7.84
CA ASN B 276 -31.09 -39.22 -6.46
C ASN B 276 -29.80 -38.46 -6.17
N VAL B 277 -29.74 -37.21 -6.63
CA VAL B 277 -28.57 -36.35 -6.45
C VAL B 277 -28.94 -35.26 -5.44
N SER B 278 -28.13 -35.11 -4.41
CA SER B 278 -28.37 -34.14 -3.35
C SER B 278 -27.62 -32.85 -3.63
N MET B 279 -28.33 -31.73 -3.51
CA MET B 279 -27.76 -30.41 -3.73
C MET B 279 -27.96 -29.57 -2.49
N GLU B 280 -26.89 -28.93 -2.03
CA GLU B 280 -26.96 -28.09 -0.85
C GLU B 280 -27.62 -26.75 -1.19
N GLU B 281 -27.87 -25.96 -0.15
CA GLU B 281 -28.45 -24.64 -0.35
C GLU B 281 -27.48 -23.74 -1.10
N ILE B 282 -28.01 -22.92 -2.00
CA ILE B 282 -27.19 -22.09 -2.86
C ILE B 282 -26.63 -20.92 -2.06
N THR B 283 -25.33 -20.70 -2.16
CA THR B 283 -24.63 -19.63 -1.48
C THR B 283 -23.79 -18.84 -2.46
N PRO B 284 -23.52 -17.56 -2.17
CA PRO B 284 -22.68 -16.78 -3.09
C PRO B 284 -21.29 -17.35 -3.29
N ARG B 285 -20.70 -17.96 -2.25
CA ARG B 285 -19.37 -18.54 -2.38
C ARG B 285 -19.35 -19.76 -3.28
N MET B 286 -20.51 -20.35 -3.59
CA MET B 286 -20.54 -21.54 -4.43
C MET B 286 -20.12 -21.22 -5.86
N PHE B 287 -20.43 -20.02 -6.35
CA PHE B 287 -20.13 -19.64 -7.72
C PHE B 287 -18.72 -19.09 -7.91
N SER B 288 -18.00 -18.79 -6.83
CA SER B 288 -16.66 -18.24 -6.95
C SER B 288 -15.68 -19.34 -7.36
N PHE B 289 -14.76 -19.01 -8.25
CA PHE B 289 -13.73 -19.96 -8.66
C PHE B 289 -12.43 -19.77 -7.89
N ASN B 290 -12.42 -18.91 -6.87
CA ASN B 290 -11.26 -18.73 -6.00
C ASN B 290 -11.39 -19.46 -4.68
N ASN B 291 -12.42 -20.30 -4.54
CA ASN B 291 -12.65 -21.07 -3.33
C ASN B 291 -12.84 -22.53 -3.70
N PRO B 292 -12.49 -23.46 -2.80
CA PRO B 292 -12.63 -24.89 -3.12
C PRO B 292 -14.06 -25.32 -3.35
N TYR B 293 -15.04 -24.55 -2.89
CA TYR B 293 -16.44 -24.96 -2.97
C TYR B 293 -17.00 -24.89 -4.38
N GLY B 294 -16.44 -24.04 -5.25
CA GLY B 294 -17.00 -23.88 -6.58
C GLY B 294 -16.04 -24.12 -7.72
N ALA B 295 -14.74 -24.04 -7.45
CA ALA B 295 -13.75 -24.15 -8.51
C ALA B 295 -13.77 -25.54 -9.13
N CYS B 296 -13.55 -25.60 -10.44
CA CYS B 296 -13.45 -26.88 -11.13
C CYS B 296 -12.23 -27.63 -10.60
N PRO B 297 -12.36 -28.91 -10.22
CA PRO B 297 -11.26 -29.58 -9.53
C PRO B 297 -10.05 -29.85 -10.41
N GLU B 298 -10.25 -30.09 -11.71
CA GLU B 298 -9.11 -30.41 -12.57
C GLU B 298 -8.17 -29.23 -12.71
N CYS B 299 -8.71 -28.04 -12.94
CA CYS B 299 -7.90 -26.84 -13.15
C CYS B 299 -7.89 -25.91 -11.94
N THR B 300 -8.39 -26.37 -10.79
CA THR B 300 -8.55 -25.57 -9.56
C THR B 300 -9.03 -24.15 -9.86
N GLY B 301 -9.95 -24.03 -10.82
CA GLY B 301 -10.57 -22.75 -11.11
C GLY B 301 -9.83 -21.87 -12.09
N LEU B 302 -8.65 -22.27 -12.55
CA LEU B 302 -7.89 -21.45 -13.49
C LEU B 302 -8.46 -21.48 -14.89
N GLY B 303 -9.15 -22.54 -15.26
CA GLY B 303 -9.71 -22.66 -16.60
C GLY B 303 -8.73 -23.11 -17.66
N SER B 304 -7.48 -23.34 -17.29
CA SER B 304 -6.47 -23.79 -18.25
C SER B 304 -5.40 -24.58 -17.50
N LEU B 305 -4.65 -25.37 -18.25
CA LEU B 305 -3.60 -26.21 -17.70
C LEU B 305 -2.24 -25.73 -18.22
N MET B 306 -1.31 -25.52 -17.30
CA MET B 306 0.02 -25.06 -17.65
C MET B 306 0.90 -26.21 -18.14
N ASN B 425 -0.19 -23.51 -22.85
CA ASN B 425 -1.43 -23.54 -22.09
C ASN B 425 -2.57 -24.08 -22.95
N ILE B 426 -3.41 -24.92 -22.36
CA ILE B 426 -4.54 -25.50 -23.06
C ILE B 426 -5.78 -25.39 -22.18
N PRO B 427 -6.98 -25.26 -22.75
CA PRO B 427 -8.17 -25.17 -21.90
C PRO B 427 -8.42 -26.46 -21.14
N CYS B 428 -8.99 -26.31 -19.95
CA CYS B 428 -9.29 -27.47 -19.12
C CYS B 428 -10.35 -28.32 -19.83
N PRO B 429 -10.07 -29.60 -20.09
CA PRO B 429 -11.05 -30.43 -20.83
C PRO B 429 -12.36 -30.64 -20.08
N VAL B 430 -12.38 -30.46 -18.77
CA VAL B 430 -13.59 -30.72 -18.01
C VAL B 430 -14.58 -29.58 -18.15
N CYS B 431 -14.20 -28.38 -17.70
CA CYS B 431 -15.12 -27.25 -17.70
C CYS B 431 -15.08 -26.45 -18.99
N LYS B 432 -14.15 -26.75 -19.89
CA LYS B 432 -14.00 -26.02 -21.15
C LYS B 432 -13.83 -24.52 -20.91
N GLY B 433 -13.04 -24.18 -19.89
CA GLY B 433 -12.75 -22.80 -19.56
C GLY B 433 -13.76 -22.10 -18.69
N ALA B 434 -14.81 -22.80 -18.24
CA ALA B 434 -15.83 -22.16 -17.42
C ALA B 434 -15.37 -21.93 -15.99
N ARG B 435 -14.25 -22.54 -15.58
CA ARG B 435 -13.63 -22.31 -14.28
C ARG B 435 -14.48 -22.77 -13.11
N LEU B 436 -15.60 -23.43 -13.37
CA LEU B 436 -16.52 -23.85 -12.31
C LEU B 436 -16.91 -25.30 -12.51
N LYS B 437 -17.19 -25.97 -11.39
CA LYS B 437 -17.62 -27.36 -11.45
C LYS B 437 -19.02 -27.45 -12.04
N LYS B 438 -19.34 -28.64 -12.56
CA LYS B 438 -20.60 -28.81 -13.28
C LYS B 438 -21.81 -28.57 -12.39
N GLU B 439 -21.65 -28.72 -11.07
CA GLU B 439 -22.76 -28.49 -10.16
C GLU B 439 -23.18 -27.02 -10.17
N SER B 440 -22.20 -26.11 -10.16
CA SER B 440 -22.53 -24.68 -10.12
C SER B 440 -23.13 -24.19 -11.42
N LEU B 441 -22.71 -24.75 -12.55
CA LEU B 441 -23.18 -24.29 -13.85
C LEU B 441 -24.61 -24.66 -14.14
N ALA B 442 -25.24 -25.50 -13.32
CA ALA B 442 -26.63 -25.87 -13.54
C ALA B 442 -27.60 -24.75 -13.17
N VAL B 443 -27.21 -23.85 -12.29
CA VAL B 443 -28.08 -22.76 -11.85
C VAL B 443 -28.12 -21.70 -12.93
N THR B 444 -29.29 -21.47 -13.51
CA THR B 444 -29.46 -20.54 -14.63
C THR B 444 -30.42 -19.43 -14.27
N ILE B 445 -30.14 -18.23 -14.79
CA ILE B 445 -31.01 -17.08 -14.66
C ILE B 445 -31.43 -16.65 -16.07
N GLY B 446 -32.72 -16.69 -16.35
CA GLY B 446 -33.21 -16.29 -17.66
C GLY B 446 -32.66 -17.14 -18.79
N GLY B 447 -32.44 -18.42 -18.56
CA GLY B 447 -31.95 -19.32 -19.58
C GLY B 447 -30.46 -19.36 -19.78
N LYS B 448 -29.69 -18.62 -18.98
CA LYS B 448 -28.24 -18.60 -19.10
C LYS B 448 -27.62 -18.74 -17.73
N ASN B 449 -26.57 -19.56 -17.63
CA ASN B 449 -25.85 -19.71 -16.37
C ASN B 449 -24.87 -18.54 -16.21
N ILE B 450 -24.00 -18.62 -15.21
CA ILE B 450 -23.12 -17.50 -14.92
C ILE B 450 -22.06 -17.35 -16.00
N TYR B 451 -21.51 -18.45 -16.50
CA TYR B 451 -20.48 -18.36 -17.52
C TYR B 451 -21.03 -17.82 -18.82
N GLU B 452 -22.23 -18.24 -19.22
CA GLU B 452 -22.81 -17.74 -20.45
C GLU B 452 -23.14 -16.26 -20.35
N VAL B 453 -23.54 -15.79 -19.17
CA VAL B 453 -23.72 -14.37 -18.97
C VAL B 453 -22.38 -13.64 -19.08
N CYS B 454 -21.34 -14.20 -18.47
CA CYS B 454 -20.03 -13.57 -18.55
C CYS B 454 -19.44 -13.61 -19.96
N CYS B 455 -19.94 -14.47 -20.83
CA CYS B 455 -19.44 -14.56 -22.20
C CYS B 455 -20.04 -13.52 -23.13
N LEU B 456 -21.07 -12.80 -22.69
CA LEU B 456 -21.66 -11.76 -23.52
C LEU B 456 -20.78 -10.50 -23.50
N SER B 457 -20.94 -9.69 -24.54
CA SER B 457 -20.32 -8.38 -24.54
C SER B 457 -21.01 -7.49 -23.50
N ILE B 458 -20.31 -6.42 -23.11
CA ILE B 458 -20.82 -5.58 -22.02
C ILE B 458 -22.14 -4.94 -22.39
N GLY B 459 -22.24 -4.41 -23.61
CA GLY B 459 -23.51 -3.86 -24.06
C GLY B 459 -24.60 -4.91 -24.15
N GLU B 460 -24.26 -6.10 -24.63
CA GLU B 460 -25.22 -7.20 -24.68
C GLU B 460 -25.69 -7.56 -23.28
N ALA B 461 -24.76 -7.61 -22.31
CA ALA B 461 -25.15 -7.94 -20.94
C ALA B 461 -26.05 -6.87 -20.34
N LYS B 462 -25.76 -5.59 -20.62
CA LYS B 462 -26.61 -4.52 -20.13
C LYS B 462 -28.02 -4.63 -20.72
N GLU B 463 -28.12 -4.90 -22.02
CA GLU B 463 -29.43 -5.08 -22.63
C GLU B 463 -30.15 -6.29 -22.07
N PHE B 464 -29.41 -7.37 -21.81
CA PHE B 464 -30.01 -8.59 -21.27
C PHE B 464 -30.56 -8.36 -19.87
N PHE B 465 -29.81 -7.65 -19.03
CA PHE B 465 -30.28 -7.36 -17.68
C PHE B 465 -31.36 -6.29 -17.64
N ALA B 466 -31.43 -5.44 -18.65
CA ALA B 466 -32.44 -4.39 -18.65
C ALA B 466 -33.85 -4.96 -18.79
N ASN B 467 -34.04 -5.90 -19.71
CA ASN B 467 -35.36 -6.46 -19.98
C ASN B 467 -35.54 -7.85 -19.38
N LEU B 468 -34.99 -8.07 -18.18
CA LEU B 468 -35.19 -9.33 -17.49
C LEU B 468 -36.56 -9.35 -16.82
N ASN B 469 -37.30 -10.44 -16.99
CA ASN B 469 -38.63 -10.59 -16.41
C ASN B 469 -38.50 -11.35 -15.09
N LEU B 470 -39.08 -10.79 -14.03
CA LEU B 470 -38.96 -11.34 -12.69
C LEU B 470 -40.30 -11.29 -11.98
N THR B 471 -40.45 -12.15 -10.98
CA THR B 471 -41.63 -12.14 -10.13
C THR B 471 -41.55 -10.99 -9.14
N GLU B 472 -42.64 -10.78 -8.40
CA GLU B 472 -42.66 -9.72 -7.40
C GLU B 472 -41.66 -9.98 -6.29
N ARG B 473 -41.59 -11.23 -5.81
CA ARG B 473 -40.64 -11.56 -4.76
C ARG B 473 -39.21 -11.44 -5.26
N GLN B 474 -38.94 -11.91 -6.48
CA GLN B 474 -37.60 -11.79 -7.04
C GLN B 474 -37.19 -10.33 -7.20
N GLN B 475 -38.11 -9.51 -7.71
CA GLN B 475 -37.82 -8.08 -7.87
C GLN B 475 -37.56 -7.42 -6.53
N LEU B 476 -38.33 -7.80 -5.51
CA LEU B 476 -38.11 -7.24 -4.18
C LEU B 476 -36.76 -7.66 -3.61
N ILE B 477 -36.36 -8.92 -3.82
CA ILE B 477 -35.17 -9.42 -3.16
C ILE B 477 -33.90 -9.04 -3.92
N ALA B 478 -34.00 -8.76 -5.22
CA ALA B 478 -32.81 -8.49 -6.04
C ALA B 478 -32.83 -7.11 -6.66
N ARG B 479 -33.46 -6.13 -6.01
CA ARG B 479 -33.49 -4.78 -6.55
C ARG B 479 -32.13 -4.11 -6.47
N GLN B 480 -31.50 -4.16 -5.28
CA GLN B 480 -30.24 -3.45 -5.08
C GLN B 480 -29.12 -4.05 -5.91
N ILE B 481 -29.06 -5.38 -5.99
CA ILE B 481 -28.01 -6.03 -6.78
C ILE B 481 -28.14 -5.68 -8.25
N LEU B 482 -29.37 -5.71 -8.77
CA LEU B 482 -29.59 -5.33 -10.15
C LEU B 482 -29.23 -3.88 -10.39
N LYS B 483 -29.56 -3.00 -9.45
CA LYS B 483 -29.21 -1.59 -9.60
C LYS B 483 -27.70 -1.40 -9.66
N GLU B 484 -26.98 -2.09 -8.77
CA GLU B 484 -25.52 -1.96 -8.77
C GLU B 484 -24.90 -2.51 -10.03
N ILE B 485 -25.37 -3.67 -10.50
CA ILE B 485 -24.85 -4.25 -11.73
C ILE B 485 -25.10 -3.32 -12.91
N ASN B 486 -26.31 -2.77 -13.00
CA ASN B 486 -26.64 -1.87 -14.09
C ASN B 486 -25.77 -0.62 -14.04
N ALA B 487 -25.54 -0.07 -12.84
CA ALA B 487 -24.70 1.12 -12.74
C ALA B 487 -23.27 0.83 -13.17
N ARG B 488 -22.71 -0.29 -12.75
CA ARG B 488 -21.33 -0.61 -13.10
C ARG B 488 -21.20 -0.88 -14.60
N LEU B 489 -22.17 -1.59 -15.20
CA LEU B 489 -22.12 -1.80 -16.63
C LEU B 489 -22.26 -0.49 -17.40
N GLY B 490 -23.09 0.43 -16.88
CA GLY B 490 -23.19 1.74 -17.50
C GLY B 490 -21.90 2.53 -17.42
N PHE B 491 -21.20 2.44 -16.29
CA PHE B 491 -19.89 3.07 -16.19
C PHE B 491 -18.92 2.49 -17.21
N LEU B 492 -18.91 1.16 -17.35
CA LEU B 492 -18.01 0.53 -18.32
C LEU B 492 -18.34 0.96 -19.74
N VAL B 493 -19.63 1.04 -20.07
CA VAL B 493 -20.03 1.48 -21.40
C VAL B 493 -19.62 2.93 -21.63
N ASP B 494 -19.81 3.79 -20.62
CA ASP B 494 -19.49 5.20 -20.78
C ASP B 494 -17.99 5.42 -20.94
N VAL B 495 -17.17 4.61 -20.29
CA VAL B 495 -15.72 4.73 -20.48
C VAL B 495 -15.33 4.43 -21.92
N GLY B 496 -16.17 3.69 -22.66
CA GLY B 496 -15.90 3.40 -24.06
C GLY B 496 -15.43 1.99 -24.30
N LEU B 497 -15.98 1.04 -23.54
CA LEU B 497 -15.54 -0.36 -23.60
C LEU B 497 -16.76 -1.28 -23.67
N ASP B 498 -17.70 -0.96 -24.54
CA ASP B 498 -18.93 -1.73 -24.66
C ASP B 498 -18.79 -2.94 -25.58
N TYR B 499 -17.57 -3.26 -26.02
CA TYR B 499 -17.33 -4.41 -26.86
C TYR B 499 -16.61 -5.55 -26.14
N LEU B 500 -16.05 -5.27 -24.96
CA LEU B 500 -15.34 -6.30 -24.22
C LEU B 500 -16.32 -7.31 -23.62
N THR B 501 -15.78 -8.46 -23.22
CA THR B 501 -16.54 -9.50 -22.54
C THR B 501 -16.07 -9.61 -21.10
N LEU B 502 -17.01 -9.92 -20.20
CA LEU B 502 -16.69 -10.01 -18.79
C LEU B 502 -15.77 -11.18 -18.48
N ALA B 503 -15.70 -12.18 -19.35
CA ALA B 503 -14.87 -13.36 -19.13
C ALA B 503 -13.47 -13.22 -19.67
N ARG B 504 -13.15 -12.12 -20.33
CA ARG B 504 -11.83 -11.95 -20.92
C ARG B 504 -10.77 -11.80 -19.83
N ALA B 505 -9.64 -12.46 -20.01
CA ALA B 505 -8.55 -12.37 -19.05
C ALA B 505 -7.93 -10.98 -19.08
N ALA B 506 -7.62 -10.45 -17.90
CA ALA B 506 -7.04 -9.12 -17.80
C ALA B 506 -5.62 -9.07 -18.34
N GLY B 507 -4.96 -10.22 -18.49
CA GLY B 507 -3.62 -10.23 -19.03
C GLY B 507 -3.55 -9.82 -20.49
N THR B 508 -4.58 -10.16 -21.27
CA THR B 508 -4.55 -9.96 -22.71
C THR B 508 -4.95 -8.54 -23.13
N LEU B 509 -5.34 -7.68 -22.20
CA LEU B 509 -5.76 -6.34 -22.55
C LEU B 509 -4.57 -5.47 -22.94
N SER B 510 -4.83 -4.47 -23.76
CA SER B 510 -3.82 -3.51 -24.14
C SER B 510 -3.66 -2.46 -23.05
N GLY B 511 -2.72 -1.53 -23.25
CA GLY B 511 -2.49 -0.50 -22.25
C GLY B 511 -3.67 0.43 -22.08
N GLY B 512 -4.23 0.89 -23.19
CA GLY B 512 -5.36 1.82 -23.11
C GLY B 512 -6.60 1.17 -22.54
N GLU B 513 -6.88 -0.07 -22.94
CA GLU B 513 -8.04 -0.78 -22.39
C GLU B 513 -7.89 -0.99 -20.90
N ALA B 514 -6.69 -1.38 -20.45
CA ALA B 514 -6.46 -1.57 -19.02
C ALA B 514 -6.61 -0.26 -18.25
N GLN B 515 -6.09 0.83 -18.82
CA GLN B 515 -6.22 2.13 -18.16
C GLN B 515 -7.67 2.55 -18.04
N ARG B 516 -8.46 2.35 -19.11
CA ARG B 516 -9.86 2.74 -19.05
C ARG B 516 -10.66 1.84 -18.11
N ILE B 517 -10.29 0.55 -18.04
CA ILE B 517 -10.95 -0.35 -17.09
C ILE B 517 -10.66 0.09 -15.67
N ARG B 518 -9.42 0.47 -15.38
CA ARG B 518 -9.08 0.98 -14.06
C ARG B 518 -9.85 2.25 -13.75
N LEU B 519 -9.99 3.14 -14.75
CA LEU B 519 -10.76 4.36 -14.56
C LEU B 519 -12.21 4.06 -14.21
N ALA B 520 -12.83 3.12 -14.95
CA ALA B 520 -14.21 2.76 -14.67
C ALA B 520 -14.36 2.15 -13.29
N THR B 521 -13.40 1.29 -12.90
CA THR B 521 -13.45 0.71 -11.56
C THR B 521 -13.34 1.77 -10.49
N GLN B 522 -12.45 2.75 -10.68
CA GLN B 522 -12.31 3.82 -9.71
C GLN B 522 -13.58 4.66 -9.62
N ILE B 523 -14.23 4.91 -10.75
CA ILE B 523 -15.50 5.65 -10.72
C ILE B 523 -16.55 4.85 -9.96
N GLY B 524 -16.62 3.54 -10.20
CA GLY B 524 -17.64 2.73 -9.57
C GLY B 524 -17.41 2.49 -8.08
N SER B 525 -16.15 2.54 -7.64
CA SER B 525 -15.86 2.25 -6.24
C SER B 525 -16.47 3.31 -5.32
N GLY B 526 -16.45 4.57 -5.73
CA GLY B 526 -16.99 5.63 -4.92
C GLY B 526 -16.03 6.25 -3.93
N LEU B 527 -14.73 5.97 -4.04
CA LEU B 527 -13.75 6.56 -3.15
C LEU B 527 -13.69 8.07 -3.35
N MET B 528 -13.49 8.80 -2.25
CA MET B 528 -13.46 10.25 -2.28
C MET B 528 -12.26 10.76 -1.50
N GLY B 529 -11.90 12.02 -1.77
CA GLY B 529 -10.74 12.63 -1.14
C GLY B 529 -9.43 12.04 -1.58
N VAL B 530 -9.28 11.75 -2.87
CA VAL B 530 -8.07 11.15 -3.42
C VAL B 530 -7.63 11.99 -4.62
N ILE B 531 -6.32 12.15 -4.77
CA ILE B 531 -5.75 12.82 -5.93
C ILE B 531 -5.46 11.77 -6.99
N TYR B 532 -6.04 11.95 -8.18
CA TYR B 532 -5.85 11.03 -9.30
C TYR B 532 -4.93 11.67 -10.32
N ILE B 533 -3.90 10.94 -10.72
CA ILE B 533 -2.95 11.40 -11.73
C ILE B 533 -3.05 10.48 -12.93
N LEU B 534 -3.42 11.04 -14.08
CA LEU B 534 -3.70 10.28 -15.29
C LEU B 534 -2.65 10.63 -16.34
N ASP B 535 -2.10 9.59 -16.98
CA ASP B 535 -1.07 9.77 -18.00
C ASP B 535 -1.71 9.57 -19.38
N GLU B 536 -2.27 10.65 -19.91
CA GLU B 536 -2.87 10.68 -21.24
C GLU B 536 -3.93 9.61 -21.39
N PRO B 537 -5.07 9.73 -20.70
CA PRO B 537 -6.10 8.69 -20.79
C PRO B 537 -6.72 8.54 -22.16
N SER B 538 -6.61 9.56 -23.02
CA SER B 538 -7.26 9.54 -24.33
C SER B 538 -6.45 8.81 -25.39
N ILE B 539 -5.27 8.31 -25.07
CA ILE B 539 -4.47 7.61 -26.06
C ILE B 539 -5.12 6.27 -26.39
N GLY B 540 -4.93 5.82 -27.63
CA GLY B 540 -5.54 4.58 -28.07
C GLY B 540 -7.05 4.61 -28.12
N LEU B 541 -7.64 5.80 -28.27
CA LEU B 541 -9.08 5.95 -28.27
C LEU B 541 -9.52 6.76 -29.48
N HIS B 542 -10.60 6.33 -30.12
CA HIS B 542 -11.12 7.03 -31.29
C HIS B 542 -11.64 8.40 -30.91
N GLN B 543 -11.75 9.27 -31.91
CA GLN B 543 -12.20 10.63 -31.66
C GLN B 543 -13.65 10.69 -31.20
N ARG B 544 -14.47 9.73 -31.62
CA ARG B 544 -15.88 9.75 -31.26
C ARG B 544 -16.12 9.48 -29.78
N ASP B 545 -15.14 8.93 -29.07
CA ASP B 545 -15.28 8.60 -27.66
C ASP B 545 -14.71 9.68 -26.73
N ASN B 546 -14.23 10.79 -27.29
CA ASN B 546 -13.63 11.83 -26.46
C ASN B 546 -14.66 12.45 -25.52
N ASP B 547 -15.88 12.69 -26.02
CA ASP B 547 -16.91 13.28 -25.17
C ASP B 547 -17.27 12.34 -24.02
N ARG B 548 -17.40 11.06 -24.30
CA ARG B 548 -17.70 10.09 -23.25
C ARG B 548 -16.58 10.03 -22.21
N LEU B 549 -15.33 10.03 -22.68
CA LEU B 549 -14.22 10.01 -21.75
C LEU B 549 -14.19 11.25 -20.88
N LEU B 550 -14.43 12.42 -21.47
CA LEU B 550 -14.44 13.66 -20.70
C LEU B 550 -15.57 13.67 -19.67
N ARG B 551 -16.75 13.19 -20.06
CA ARG B 551 -17.85 13.10 -19.11
C ARG B 551 -17.52 12.15 -17.97
N SER B 552 -16.86 11.03 -18.27
CA SER B 552 -16.45 10.12 -17.21
C SER B 552 -15.43 10.77 -16.29
N LEU B 553 -14.49 11.53 -16.84
CA LEU B 553 -13.52 12.23 -16.01
C LEU B 553 -14.20 13.23 -15.09
N LYS B 554 -15.16 13.98 -15.63
CA LYS B 554 -15.92 14.91 -14.81
C LYS B 554 -16.74 14.22 -13.73
N LYS B 555 -17.34 13.07 -14.03
CA LYS B 555 -18.03 12.26 -13.04
C LYS B 555 -17.11 11.78 -11.93
N LEU B 556 -15.90 11.34 -12.29
CA LEU B 556 -14.93 10.94 -11.27
C LEU B 556 -14.53 12.13 -10.40
N ARG B 557 -14.35 13.30 -11.00
CA ARG B 557 -14.01 14.49 -10.23
C ARG B 557 -15.14 14.88 -9.29
N ASP B 558 -16.38 14.73 -9.73
CA ASP B 558 -17.54 15.18 -8.94
C ASP B 558 -17.71 14.40 -7.65
N LEU B 559 -17.04 13.26 -7.48
CA LEU B 559 -17.10 12.54 -6.22
C LEU B 559 -16.36 13.25 -5.09
N GLY B 560 -15.59 14.29 -5.40
CA GLY B 560 -14.80 14.96 -4.39
C GLY B 560 -13.32 14.62 -4.51
N ASN B 561 -12.82 14.59 -5.74
CA ASN B 561 -11.44 14.22 -6.02
C ASN B 561 -10.79 15.29 -6.88
N THR B 562 -9.46 15.31 -6.86
CA THR B 562 -8.66 16.21 -7.66
C THR B 562 -8.03 15.43 -8.81
N LEU B 563 -8.13 15.97 -10.02
CA LEU B 563 -7.63 15.30 -11.22
C LEU B 563 -6.45 16.08 -11.79
N LEU B 564 -5.34 15.38 -12.00
CA LEU B 564 -4.17 15.92 -12.68
C LEU B 564 -3.96 15.09 -13.94
N VAL B 565 -4.28 15.68 -15.09
CA VAL B 565 -4.25 14.98 -16.37
C VAL B 565 -3.10 15.53 -17.20
N VAL B 566 -2.20 14.65 -17.61
CA VAL B 566 -1.10 15.00 -18.51
C VAL B 566 -1.56 14.65 -19.91
N GLU B 567 -2.21 15.61 -20.57
CA GLU B 567 -2.83 15.37 -21.86
C GLU B 567 -2.49 16.51 -22.81
N HIS B 568 -2.36 16.17 -24.09
CA HIS B 568 -2.12 17.14 -25.15
C HIS B 568 -3.31 17.35 -26.08
N ASP B 569 -4.45 16.75 -25.78
CA ASP B 569 -5.63 16.89 -26.64
C ASP B 569 -6.23 18.27 -26.51
N GLU B 570 -6.75 18.78 -27.64
CA GLU B 570 -7.39 20.09 -27.64
C GLU B 570 -8.72 20.08 -26.88
N ASP B 571 -9.50 19.00 -27.03
CA ASP B 571 -10.76 18.90 -26.30
C ASP B 571 -10.53 18.88 -24.79
N THR B 572 -9.51 18.14 -24.35
CA THR B 572 -9.15 18.15 -22.94
C THR B 572 -8.70 19.53 -22.48
N MET B 573 -7.99 20.27 -23.32
CA MET B 573 -7.63 21.64 -22.98
C MET B 573 -8.87 22.50 -22.80
N TYR B 574 -9.85 22.35 -23.69
CA TYR B 574 -11.04 23.19 -23.62
C TYR B 574 -12.00 22.77 -22.51
N ALA B 575 -11.90 21.54 -22.02
CA ALA B 575 -12.81 21.03 -21.01
C ALA B 575 -12.23 21.09 -19.60
N SER B 576 -11.13 21.79 -19.40
CA SER B 576 -10.44 21.82 -18.11
C SER B 576 -10.73 23.10 -17.36
N ASP B 577 -10.55 23.03 -16.04
CA ASP B 577 -10.71 24.19 -15.18
C ASP B 577 -9.43 25.01 -15.04
N TYR B 578 -8.28 24.35 -15.06
CA TYR B 578 -7.00 25.03 -14.89
C TYR B 578 -5.96 24.34 -15.75
N ILE B 579 -5.06 25.12 -16.35
CA ILE B 579 -4.02 24.60 -17.23
C ILE B 579 -2.67 25.08 -16.73
N ILE B 580 -1.73 24.16 -16.60
CA ILE B 580 -0.35 24.48 -16.21
C ILE B 580 0.55 24.14 -17.40
N ASP B 581 1.30 25.12 -17.87
CA ASP B 581 2.14 24.97 -19.05
C ASP B 581 3.61 25.01 -18.63
N LEU B 582 4.38 24.03 -19.10
CA LEU B 582 5.81 23.94 -18.82
C LEU B 582 6.61 24.12 -20.10
N GLY B 583 7.79 24.71 -19.95
CA GLY B 583 8.65 24.95 -21.08
C GLY B 583 9.80 25.89 -20.74
N PRO B 584 10.18 26.74 -21.70
CA PRO B 584 9.62 26.90 -23.05
C PRO B 584 10.04 25.77 -23.99
N GLY B 585 11.21 25.20 -23.79
CA GLY B 585 11.72 24.14 -24.64
C GLY B 585 11.65 22.79 -23.97
N ALA B 586 12.68 21.98 -24.18
CA ALA B 586 12.76 20.65 -23.61
C ALA B 586 14.16 20.43 -23.04
N GLY B 587 14.25 19.54 -22.06
CA GLY B 587 15.52 19.25 -21.43
C GLY B 587 16.08 20.43 -20.67
N SER B 588 17.31 20.83 -21.01
CA SER B 588 17.95 21.95 -20.33
C SER B 588 17.22 23.26 -20.55
N HIS B 589 16.45 23.38 -21.63
CA HIS B 589 15.69 24.60 -21.92
C HIS B 589 14.30 24.60 -21.30
N GLY B 590 13.88 23.49 -20.71
CA GLY B 590 12.57 23.43 -20.08
C GLY B 590 12.65 23.53 -18.57
N GLY B 591 11.67 22.94 -17.88
CA GLY B 591 11.67 22.91 -16.44
C GLY B 591 11.08 24.13 -15.76
N GLN B 592 10.55 25.09 -16.51
CA GLN B 592 9.91 26.27 -15.95
C GLN B 592 8.41 26.19 -16.17
N ILE B 593 7.71 27.21 -15.69
CA ILE B 593 6.26 27.33 -15.86
C ILE B 593 6.03 28.59 -16.70
N VAL B 594 5.90 28.40 -18.01
CA VAL B 594 5.80 29.54 -18.91
C VAL B 594 4.46 30.25 -18.74
N ALA B 595 3.37 29.51 -18.58
CA ALA B 595 2.06 30.11 -18.47
C ALA B 595 1.15 29.22 -17.64
N GLU B 596 0.10 29.83 -17.10
CA GLU B 596 -0.91 29.11 -16.33
C GLU B 596 -2.18 29.95 -16.29
N GLY B 597 -3.29 29.27 -16.01
CA GLY B 597 -4.58 29.91 -15.95
C GLY B 597 -5.60 29.10 -16.73
N THR B 598 -6.73 29.74 -17.04
CA THR B 598 -7.76 29.07 -17.81
C THR B 598 -7.35 29.00 -19.29
N VAL B 599 -8.20 28.37 -20.09
CA VAL B 599 -7.87 28.16 -21.50
C VAL B 599 -7.77 29.50 -22.23
N GLU B 600 -8.68 30.43 -21.94
CA GLU B 600 -8.63 31.73 -22.58
C GLU B 600 -7.35 32.48 -22.23
N GLU B 601 -6.95 32.43 -20.95
CA GLU B 601 -5.72 33.08 -20.54
C GLU B 601 -4.51 32.45 -21.23
N ILE B 602 -4.52 31.12 -21.37
CA ILE B 602 -3.43 30.45 -22.07
C ILE B 602 -3.37 30.89 -23.52
N LYS B 603 -4.53 31.00 -24.17
CA LYS B 603 -4.57 31.45 -25.56
C LYS B 603 -4.06 32.87 -25.69
N GLN B 604 -4.39 33.74 -24.74
CA GLN B 604 -3.95 35.13 -24.78
C GLN B 604 -2.46 35.29 -24.45
N ASN B 605 -1.83 34.28 -23.86
CA ASN B 605 -0.45 34.40 -23.44
C ASN B 605 0.48 34.36 -24.65
N PRO B 606 1.32 35.38 -24.86
CA PRO B 606 2.17 35.36 -26.06
C PRO B 606 3.29 34.35 -26.00
N ASN B 607 3.77 34.00 -24.81
CA ASN B 607 4.94 33.13 -24.66
C ASN B 607 4.56 31.71 -24.25
N SER B 608 3.45 31.20 -24.78
CA SER B 608 3.02 29.82 -24.53
C SER B 608 2.88 29.10 -25.87
N VAL B 609 3.51 27.93 -25.97
CA VAL B 609 3.39 27.15 -27.20
C VAL B 609 1.99 26.58 -27.35
N THR B 610 1.42 26.10 -26.24
CA THR B 610 0.06 25.55 -26.30
C THR B 610 -0.93 26.62 -26.73
N GLY B 611 -0.81 27.83 -26.17
CA GLY B 611 -1.66 28.91 -26.61
C GLY B 611 -1.42 29.30 -28.04
N GLU B 612 -0.17 29.25 -28.49
CA GLU B 612 0.16 29.58 -29.87
C GLU B 612 -0.53 28.60 -30.83
N TYR B 613 -0.55 27.32 -30.48
CA TYR B 613 -1.20 26.35 -31.35
C TYR B 613 -2.72 26.39 -31.24
N LEU B 614 -3.25 26.70 -30.05
CA LEU B 614 -4.70 26.77 -29.89
C LEU B 614 -5.27 27.98 -30.60
N SER B 615 -4.58 29.13 -30.55
CA SER B 615 -5.10 30.34 -31.14
C SER B 615 -5.05 30.34 -32.67
N GLY B 616 -4.40 29.36 -33.27
CA GLY B 616 -4.32 29.28 -34.71
C GLY B 616 -3.13 29.99 -35.32
N ARG B 617 -2.23 30.55 -34.51
CA ARG B 617 -1.03 31.17 -35.05
C ARG B 617 -0.15 30.14 -35.75
N LYS B 618 -0.03 28.95 -35.16
CA LYS B 618 0.69 27.85 -35.75
C LYS B 618 -0.27 26.68 -35.96
N LYS B 619 -0.19 26.05 -37.13
CA LYS B 619 -1.09 24.95 -37.45
C LYS B 619 -0.43 24.08 -38.51
N ILE B 620 -0.94 22.86 -38.64
CA ILE B 620 -0.48 21.91 -39.63
C ILE B 620 -1.34 22.06 -40.87
N GLU B 621 -0.72 22.38 -41.99
CA GLU B 621 -1.43 22.67 -43.23
C GLU B 621 -1.77 21.40 -43.98
N VAL B 622 -2.97 21.35 -44.53
CA VAL B 622 -3.42 20.22 -45.34
C VAL B 622 -2.70 20.27 -46.68
N PRO B 623 -2.04 19.19 -47.10
CA PRO B 623 -1.33 19.21 -48.38
C PRO B 623 -2.26 19.43 -49.55
N LYS B 624 -1.78 20.16 -50.56
CA LYS B 624 -2.55 20.41 -51.76
C LYS B 624 -2.43 19.29 -52.79
N GLU B 625 -1.31 18.58 -52.82
CA GLU B 625 -1.10 17.46 -53.73
C GLU B 625 -0.69 16.24 -52.93
N ARG B 626 -1.24 15.08 -53.31
CA ARG B 626 -0.97 13.83 -52.62
C ARG B 626 -0.34 12.84 -53.58
N ARG B 627 0.53 11.99 -53.05
CA ARG B 627 1.18 10.97 -53.87
C ARG B 627 0.17 9.94 -54.35
N LYS B 628 0.53 9.23 -55.41
CA LYS B 628 -0.33 8.22 -55.99
C LYS B 628 0.39 6.88 -56.09
N PRO B 629 -0.34 5.78 -55.99
CA PRO B 629 0.31 4.46 -56.12
C PRO B 629 0.90 4.28 -57.51
N ASN B 630 2.01 3.54 -57.57
CA ASN B 630 2.73 3.29 -58.81
C ASN B 630 2.47 1.90 -59.37
N GLY B 631 1.36 1.29 -59.00
CA GLY B 631 1.02 -0.04 -59.49
C GLY B 631 1.58 -1.18 -58.68
N LYS B 632 2.38 -0.91 -57.65
CA LYS B 632 2.92 -1.94 -56.77
C LYS B 632 2.10 -1.98 -55.50
N TRP B 633 1.52 -3.15 -55.21
CA TRP B 633 0.62 -3.31 -54.07
C TRP B 633 0.99 -4.56 -53.29
N LEU B 634 0.70 -4.52 -51.99
CA LEU B 634 0.85 -5.67 -51.11
C LEU B 634 -0.53 -6.09 -50.65
N GLU B 635 -0.97 -7.28 -51.08
CA GLU B 635 -2.32 -7.76 -50.84
C GLU B 635 -2.31 -8.87 -49.81
N ILE B 636 -3.19 -8.75 -48.82
CA ILE B 636 -3.39 -9.78 -47.80
C ILE B 636 -4.66 -10.54 -48.15
N ILE B 637 -4.56 -11.87 -48.23
CA ILE B 637 -5.66 -12.71 -48.67
C ILE B 637 -6.10 -13.56 -47.49
N GLY B 638 -7.41 -13.55 -47.22
CA GLY B 638 -7.99 -14.40 -46.20
C GLY B 638 -7.53 -14.14 -44.79
N ALA B 639 -7.46 -12.88 -44.39
CA ALA B 639 -7.09 -12.53 -43.02
C ALA B 639 -8.28 -12.76 -42.11
N ARG B 640 -8.15 -13.67 -41.15
CA ARG B 640 -9.27 -14.00 -40.28
C ARG B 640 -8.85 -14.20 -38.83
N GLU B 641 -7.72 -13.63 -38.41
CA GLU B 641 -7.31 -13.76 -37.02
C GLU B 641 -8.22 -12.93 -36.12
N ASN B 642 -8.50 -13.46 -34.93
CA ASN B 642 -9.29 -12.78 -33.91
C ASN B 642 -10.67 -12.48 -34.48
N ASN B 643 -11.08 -11.22 -34.61
CA ASN B 643 -12.42 -10.87 -35.06
C ASN B 643 -12.47 -10.44 -36.51
N LEU B 644 -11.39 -10.62 -37.27
CA LEU B 644 -11.40 -10.26 -38.68
C LEU B 644 -12.28 -11.23 -39.45
N LYS B 645 -13.19 -10.68 -40.27
CA LYS B 645 -14.21 -11.49 -40.93
C LYS B 645 -13.76 -11.95 -42.32
N ASN B 646 -12.58 -12.57 -42.40
CA ASN B 646 -12.06 -13.16 -43.63
C ASN B 646 -12.05 -12.13 -44.77
N ILE B 647 -11.27 -11.08 -44.57
CA ILE B 647 -11.26 -9.94 -45.48
C ILE B 647 -10.00 -9.97 -46.32
N ASN B 648 -10.01 -9.17 -47.39
CA ASN B 648 -8.85 -8.96 -48.25
C ASN B 648 -8.51 -7.49 -48.24
N VAL B 649 -7.24 -7.16 -47.97
CA VAL B 649 -6.78 -5.79 -47.81
C VAL B 649 -5.65 -5.55 -48.81
N ARG B 650 -5.70 -4.41 -49.50
CA ARG B 650 -4.66 -3.99 -50.42
C ARG B 650 -3.98 -2.75 -49.85
N ILE B 651 -2.67 -2.84 -49.63
CA ILE B 651 -1.88 -1.75 -49.08
C ILE B 651 -0.94 -1.25 -50.17
N PRO B 652 -1.08 0.00 -50.63
CA PRO B 652 -0.17 0.50 -51.65
C PRO B 652 1.24 0.68 -51.11
N LEU B 653 2.20 0.62 -52.02
CA LEU B 653 3.61 0.76 -51.67
C LEU B 653 4.15 2.09 -52.17
N GLY B 654 5.12 2.64 -51.44
CA GLY B 654 5.75 3.89 -51.82
C GLY B 654 5.02 5.14 -51.38
N VAL B 655 3.98 5.02 -50.57
CA VAL B 655 3.21 6.16 -50.11
C VAL B 655 3.03 6.05 -48.59
N PHE B 656 2.51 7.11 -48.00
CA PHE B 656 2.22 7.16 -46.57
C PHE B 656 0.80 6.68 -46.34
N THR B 657 0.66 5.58 -45.60
CA THR B 657 -0.62 4.93 -45.38
C THR B 657 -0.95 4.94 -43.90
N CYS B 658 -2.21 5.25 -43.58
CA CYS B 658 -2.70 5.27 -42.20
C CYS B 658 -3.82 4.27 -42.05
N ILE B 659 -3.77 3.49 -40.97
CA ILE B 659 -4.82 2.51 -40.65
C ILE B 659 -5.67 3.11 -39.54
N THR B 660 -6.95 3.33 -39.84
CA THR B 660 -7.87 3.98 -38.91
C THR B 660 -9.04 3.08 -38.61
N GLY B 661 -9.72 3.38 -37.51
CA GLY B 661 -10.88 2.62 -37.09
C GLY B 661 -11.17 2.85 -35.63
N VAL B 662 -12.32 2.35 -35.21
CA VAL B 662 -12.74 2.46 -33.82
C VAL B 662 -11.94 1.47 -32.99
N SER B 663 -11.97 1.62 -31.67
CA SER B 663 -11.26 0.70 -30.80
C SER B 663 -11.88 -0.68 -30.86
N GLY B 664 -11.02 -1.70 -30.89
CA GLY B 664 -11.48 -3.08 -30.94
C GLY B 664 -11.92 -3.57 -32.30
N SER B 665 -11.67 -2.79 -33.36
CA SER B 665 -12.06 -3.19 -34.71
C SER B 665 -11.08 -4.15 -35.35
N GLY B 666 -10.01 -4.53 -34.65
CA GLY B 666 -9.07 -5.50 -35.17
C GLY B 666 -7.97 -4.94 -36.02
N LYS B 667 -7.79 -3.63 -36.08
CA LYS B 667 -6.72 -3.06 -36.89
C LYS B 667 -5.35 -3.43 -36.34
N SER B 668 -5.19 -3.40 -35.02
CA SER B 668 -3.90 -3.74 -34.42
C SER B 668 -3.55 -5.20 -34.67
N SER B 669 -4.49 -6.11 -34.40
CA SER B 669 -4.22 -7.53 -34.62
C SER B 669 -3.89 -7.79 -36.08
N LEU B 670 -4.73 -7.31 -36.99
CA LEU B 670 -4.46 -7.46 -38.42
C LEU B 670 -3.06 -6.97 -38.76
N ILE B 671 -2.81 -5.68 -38.56
CA ILE B 671 -1.55 -5.08 -38.99
C ILE B 671 -0.37 -5.85 -38.37
N ASN B 672 -0.27 -5.81 -37.04
CA ASN B 672 0.87 -6.42 -36.39
C ASN B 672 1.01 -7.90 -36.76
N GLU B 673 0.06 -8.73 -36.31
CA GLU B 673 0.23 -10.17 -36.37
C GLU B 673 -0.13 -10.78 -37.72
N ILE B 674 -0.33 -9.99 -38.77
CA ILE B 674 -0.55 -10.60 -40.07
C ILE B 674 0.44 -9.99 -41.07
N LEU B 675 0.98 -8.82 -40.76
CA LEU B 675 1.92 -8.16 -41.65
C LEU B 675 3.35 -8.16 -41.11
N TYR B 676 3.55 -7.67 -39.88
CA TYR B 676 4.92 -7.53 -39.39
C TYR B 676 5.57 -8.90 -39.21
N LYS B 677 4.86 -9.83 -38.56
CA LYS B 677 5.43 -11.15 -38.33
C LYS B 677 5.69 -11.88 -39.64
N ARG B 678 4.74 -11.81 -40.58
CA ARG B 678 4.91 -12.48 -41.86
C ARG B 678 6.08 -11.90 -42.63
N LEU B 679 6.19 -10.56 -42.68
CA LEU B 679 7.29 -9.94 -43.40
C LEU B 679 8.62 -10.26 -42.74
N ALA B 680 8.67 -10.27 -41.41
CA ALA B 680 9.90 -10.63 -40.71
C ALA B 680 10.30 -12.06 -41.04
N ALA B 681 9.35 -12.99 -41.02
CA ALA B 681 9.68 -14.37 -41.35
C ALA B 681 10.16 -14.49 -42.79
N GLU B 682 9.52 -13.77 -43.71
CA GLU B 682 9.87 -13.88 -45.12
C GLU B 682 11.21 -13.25 -45.45
N LEU B 683 11.56 -12.13 -44.81
CA LEU B 683 12.73 -11.35 -45.20
C LEU B 683 13.89 -11.49 -44.21
N ASN B 684 13.65 -11.28 -42.92
CA ASN B 684 14.71 -11.31 -41.93
C ASN B 684 14.99 -12.72 -41.40
N ARG B 685 14.30 -13.74 -41.93
CA ARG B 685 14.47 -15.12 -41.51
C ARG B 685 14.20 -15.29 -40.02
N ALA B 686 13.20 -14.57 -39.53
CA ALA B 686 12.76 -14.66 -38.14
C ALA B 686 11.91 -15.91 -37.94
N SER B 687 11.84 -16.36 -36.70
CA SER B 687 11.10 -17.56 -36.32
C SER B 687 9.95 -17.15 -35.39
N VAL B 688 8.82 -16.78 -36.00
CA VAL B 688 7.62 -16.41 -35.25
C VAL B 688 6.41 -17.01 -35.97
N LYS B 689 5.31 -17.11 -35.23
CA LYS B 689 4.10 -17.68 -35.77
C LYS B 689 3.15 -16.56 -36.16
N PRO B 690 2.87 -16.35 -37.45
CA PRO B 690 1.93 -15.31 -37.84
C PRO B 690 0.49 -15.66 -37.51
N GLY B 691 -0.44 -14.77 -37.82
CA GLY B 691 -1.85 -15.00 -37.54
C GLY B 691 -2.51 -15.85 -38.61
N GLU B 692 -3.81 -16.06 -38.43
CA GLU B 692 -4.57 -16.91 -39.33
C GLU B 692 -4.86 -16.15 -40.63
N HIS B 693 -4.13 -16.46 -41.68
CA HIS B 693 -4.35 -15.86 -42.98
C HIS B 693 -3.93 -16.84 -44.06
N ASP B 694 -4.43 -16.61 -45.28
CA ASP B 694 -4.12 -17.53 -46.37
C ASP B 694 -2.72 -17.29 -46.92
N LEU B 695 -2.48 -16.11 -47.48
CA LEU B 695 -1.19 -15.80 -48.08
C LEU B 695 -1.11 -14.30 -48.34
N ILE B 696 0.10 -13.83 -48.59
CA ILE B 696 0.36 -12.43 -48.93
C ILE B 696 1.15 -12.40 -50.23
N LYS B 697 0.68 -11.61 -51.19
CA LYS B 697 1.36 -11.45 -52.47
C LYS B 697 1.87 -10.02 -52.60
N GLY B 698 3.09 -9.88 -53.09
CA GLY B 698 3.72 -8.58 -53.20
C GLY B 698 4.94 -8.45 -52.30
N ILE B 699 5.31 -9.55 -51.64
CA ILE B 699 6.46 -9.54 -50.75
C ILE B 699 7.75 -9.30 -51.53
N GLU B 700 7.84 -9.82 -52.75
CA GLU B 700 9.07 -9.68 -53.53
C GLU B 700 9.39 -8.22 -53.83
N TYR B 701 8.40 -7.34 -53.73
CA TYR B 701 8.61 -5.92 -53.99
C TYR B 701 9.39 -5.23 -52.88
N LEU B 702 9.55 -5.87 -51.73
CA LEU B 702 10.27 -5.30 -50.60
C LEU B 702 11.57 -6.06 -50.36
N ASP B 703 12.48 -5.41 -49.64
CA ASP B 703 13.77 -5.99 -49.30
C ASP B 703 13.95 -6.20 -47.80
N LYS B 704 13.43 -5.30 -46.98
CA LYS B 704 13.56 -5.40 -45.54
C LYS B 704 12.37 -4.70 -44.88
N VAL B 705 12.11 -5.08 -43.62
CA VAL B 705 11.06 -4.47 -42.83
C VAL B 705 11.67 -4.02 -41.50
N ILE B 706 11.17 -2.93 -40.95
CA ILE B 706 11.64 -2.38 -39.69
C ILE B 706 10.42 -1.90 -38.90
N ASP B 707 10.42 -2.21 -37.60
CA ASP B 707 9.35 -1.78 -36.70
C ASP B 707 9.92 -0.84 -35.67
N ILE B 708 9.31 0.34 -35.54
CA ILE B 708 9.78 1.39 -34.64
C ILE B 708 8.73 1.56 -33.54
N ASP B 709 9.15 1.47 -32.29
CA ASP B 709 8.26 1.60 -31.16
C ASP B 709 8.98 2.39 -30.07
N GLN B 710 8.39 2.40 -28.87
CA GLN B 710 8.93 3.14 -27.74
C GLN B 710 9.72 2.26 -26.78
N SER B 711 10.06 1.04 -27.19
CA SER B 711 10.87 0.18 -26.36
C SER B 711 12.29 0.76 -26.22
N PRO B 712 12.96 0.49 -25.11
CA PRO B 712 14.31 1.03 -24.93
C PRO B 712 15.29 0.47 -25.93
N ILE B 713 16.29 1.30 -26.29
CA ILE B 713 17.32 0.88 -27.23
C ILE B 713 18.42 0.06 -26.58
N GLY B 714 18.36 -0.14 -25.28
CA GLY B 714 19.36 -0.93 -24.59
C GLY B 714 19.06 -0.98 -23.12
N ARG B 715 19.70 -1.95 -22.45
CA ARG B 715 19.52 -2.15 -21.02
C ARG B 715 20.82 -1.97 -20.25
N THR B 716 21.86 -1.45 -20.91
CA THR B 716 23.17 -1.29 -20.30
C THR B 716 23.69 0.11 -20.57
N PRO B 717 24.50 0.66 -19.65
CA PRO B 717 25.12 1.96 -19.91
C PRO B 717 26.08 1.98 -21.09
N ARG B 718 26.54 0.82 -21.56
CA ARG B 718 27.44 0.76 -22.70
C ARG B 718 26.81 1.26 -23.99
N SER B 719 25.49 1.32 -24.07
CA SER B 719 24.79 1.77 -25.27
C SER B 719 24.25 3.17 -25.04
N ASN B 720 24.60 4.09 -25.92
CA ASN B 720 24.18 5.48 -25.89
C ASN B 720 23.83 5.90 -27.31
N PRO B 721 23.13 7.03 -27.48
CA PRO B 721 22.78 7.46 -28.84
C PRO B 721 23.96 7.58 -29.78
N ALA B 722 25.14 7.96 -29.28
CA ALA B 722 26.31 8.09 -30.15
C ALA B 722 26.67 6.77 -30.80
N THR B 723 26.64 5.67 -30.03
CA THR B 723 26.94 4.37 -30.60
C THR B 723 25.78 3.82 -31.41
N TYR B 724 24.55 4.10 -30.99
CA TYR B 724 23.39 3.60 -31.73
C TYR B 724 23.33 4.19 -33.13
N THR B 725 23.58 5.49 -33.26
CA THR B 725 23.56 6.11 -34.58
C THR B 725 24.80 5.78 -35.40
N GLY B 726 25.84 5.22 -34.78
CA GLY B 726 27.05 4.88 -35.49
C GLY B 726 28.04 6.00 -35.67
N VAL B 727 27.79 7.18 -35.08
CA VAL B 727 28.71 8.28 -35.23
C VAL B 727 29.92 8.14 -34.31
N PHE B 728 29.81 7.28 -33.29
CA PHE B 728 30.92 7.11 -32.36
C PHE B 728 32.15 6.52 -33.05
N ASP B 729 31.94 5.64 -34.04
CA ASP B 729 33.08 5.10 -34.76
C ASP B 729 33.84 6.19 -35.50
N PHE B 730 33.12 7.10 -36.16
CA PHE B 730 33.77 8.22 -36.84
C PHE B 730 34.47 9.14 -35.84
N ILE B 731 33.84 9.37 -34.69
CA ILE B 731 34.48 10.21 -33.66
C ILE B 731 35.78 9.58 -33.19
N ARG B 732 35.76 8.27 -32.95
CA ARG B 732 36.98 7.58 -32.52
C ARG B 732 38.04 7.62 -33.61
N GLU B 733 37.63 7.48 -34.87
CA GLU B 733 38.60 7.53 -35.96
C GLU B 733 39.28 8.89 -36.04
N ILE B 734 38.48 9.97 -35.97
CA ILE B 734 39.09 11.30 -36.05
C ILE B 734 39.92 11.59 -34.82
N PHE B 735 39.55 11.05 -33.66
CA PHE B 735 40.38 11.22 -32.47
C PHE B 735 41.71 10.50 -32.61
N ALA B 736 41.70 9.28 -33.14
CA ALA B 736 42.94 8.55 -33.34
C ALA B 736 43.79 9.14 -34.47
N ASN B 737 43.17 9.91 -35.37
CA ASN B 737 43.92 10.54 -36.45
C ASN B 737 44.75 11.72 -35.97
N THR B 738 44.60 12.16 -34.73
CA THR B 738 45.30 13.33 -34.24
C THR B 738 46.81 13.05 -34.13
N THR B 739 47.58 14.13 -34.03
CA THR B 739 49.03 14.01 -34.00
C THR B 739 49.52 13.28 -32.75
N GLU B 740 48.92 13.57 -31.60
CA GLU B 740 49.36 12.93 -30.36
C GLU B 740 49.13 11.43 -30.39
N ALA B 741 47.96 11.01 -30.91
CA ALA B 741 47.67 9.58 -30.99
C ALA B 741 48.63 8.88 -31.94
N LYS B 742 48.94 9.51 -33.07
CA LYS B 742 49.87 8.94 -34.03
C LYS B 742 51.26 8.82 -33.42
N THR B 743 51.68 9.84 -32.67
CA THR B 743 52.98 9.79 -32.02
C THR B 743 53.04 8.70 -30.97
N ARG B 744 51.97 8.52 -30.20
CA ARG B 744 51.92 7.54 -29.14
C ARG B 744 51.53 6.14 -29.63
N GLY B 745 51.25 5.98 -30.92
CA GLY B 745 50.90 4.69 -31.45
C GLY B 745 49.54 4.18 -31.03
N TYR B 746 48.63 5.08 -30.66
CA TYR B 746 47.30 4.68 -30.22
C TYR B 746 46.45 4.30 -31.43
N LYS B 747 45.64 3.26 -31.28
CA LYS B 747 44.76 2.78 -32.32
C LYS B 747 43.34 3.31 -32.12
N ALA B 748 42.50 3.11 -33.13
CA ALA B 748 41.12 3.59 -33.07
C ALA B 748 40.33 2.86 -32.01
N GLY B 749 40.63 1.58 -31.76
CA GLY B 749 39.91 0.83 -30.75
C GLY B 749 40.30 1.20 -29.34
N ARG B 750 41.37 1.97 -29.19
CA ARG B 750 41.79 2.40 -27.85
C ARG B 750 40.75 3.32 -27.22
N PHE B 751 40.11 4.18 -28.01
CA PHE B 751 39.16 5.16 -27.51
C PHE B 751 37.76 4.58 -27.32
N SER B 752 37.63 3.26 -27.24
CA SER B 752 36.35 2.60 -27.03
C SER B 752 36.34 1.93 -25.67
N PHE B 753 35.25 2.15 -24.92
CA PHE B 753 35.13 1.62 -23.57
C PHE B 753 34.59 0.20 -23.55
N ASN B 754 34.30 -0.39 -24.70
CA ASN B 754 33.78 -1.76 -24.77
C ASN B 754 34.88 -2.81 -24.85
N VAL B 755 36.14 -2.39 -24.95
CA VAL B 755 37.26 -3.32 -25.02
C VAL B 755 38.32 -2.89 -24.01
N LYS B 756 39.13 -3.85 -23.59
CA LYS B 756 40.21 -3.58 -22.65
C LYS B 756 41.35 -2.86 -23.34
N GLY B 757 41.97 -1.93 -22.62
CA GLY B 757 43.11 -1.20 -23.14
C GLY B 757 43.00 0.30 -22.96
N GLY B 758 41.80 0.85 -23.12
CA GLY B 758 41.59 2.27 -22.95
C GLY B 758 40.61 2.60 -21.84
N ARG B 759 39.69 1.69 -21.56
CA ARG B 759 38.70 1.92 -20.53
C ARG B 759 39.32 1.81 -19.14
N CYS B 760 38.61 2.34 -18.15
CA CYS B 760 39.06 2.22 -16.77
C CYS B 760 38.93 0.78 -16.29
N GLU B 761 39.98 0.27 -15.66
CA GLU B 761 39.98 -1.12 -15.24
C GLU B 761 39.04 -1.37 -14.06
N ALA B 762 38.88 -0.38 -13.19
CA ALA B 762 38.07 -0.57 -11.98
C ALA B 762 36.61 -0.80 -12.32
N CYS B 763 36.03 0.08 -13.13
CA CYS B 763 34.63 -0.01 -13.49
C CYS B 763 34.38 -0.75 -14.80
N ALA B 764 35.44 -1.22 -15.45
CA ALA B 764 35.35 -1.93 -16.73
C ALA B 764 34.65 -1.08 -17.78
N GLY B 765 34.81 0.24 -17.70
CA GLY B 765 34.21 1.14 -18.64
C GLY B 765 32.79 1.55 -18.35
N ASP B 766 32.16 0.96 -17.32
CA ASP B 766 30.80 1.34 -16.99
C ASP B 766 30.73 2.70 -16.31
N GLY B 767 31.77 3.06 -15.56
CA GLY B 767 31.79 4.32 -14.84
C GLY B 767 31.06 4.31 -13.51
N ILE B 768 30.46 3.18 -13.13
CA ILE B 768 29.73 3.07 -11.87
C ILE B 768 30.16 1.80 -11.16
N ASN B 769 29.89 1.75 -9.87
CA ASN B 769 30.21 0.61 -9.03
C ASN B 769 28.97 0.17 -8.28
N LYS B 770 28.96 -1.08 -7.86
CA LYS B 770 27.86 -1.66 -7.10
C LYS B 770 28.33 -1.90 -5.66
N ILE B 771 27.61 -1.34 -4.70
CA ILE B 771 27.90 -1.50 -3.29
C ILE B 771 26.67 -2.10 -2.63
N GLU B 772 26.89 -3.19 -1.88
CA GLU B 772 25.80 -3.93 -1.24
C GLU B 772 25.79 -3.63 0.25
N MET B 773 24.63 -3.25 0.77
CA MET B 773 24.43 -3.02 2.19
C MET B 773 23.71 -4.20 2.81
N HIS B 774 23.84 -4.36 4.13
CA HIS B 774 23.36 -5.57 4.78
C HIS B 774 21.85 -5.72 4.68
N PHE B 775 21.11 -4.62 4.83
CA PHE B 775 19.66 -4.69 4.82
C PHE B 775 19.06 -3.72 3.80
N LEU B 776 19.80 -3.44 2.72
CA LEU B 776 19.35 -2.52 1.70
C LEU B 776 19.59 -3.14 0.33
N PRO B 777 18.81 -2.73 -0.67
CA PRO B 777 19.09 -3.16 -2.05
C PRO B 777 20.42 -2.58 -2.53
N ASP B 778 20.96 -3.21 -3.58
CA ASP B 778 22.23 -2.79 -4.12
C ASP B 778 22.15 -1.33 -4.59
N ILE B 779 23.19 -0.57 -4.29
CA ILE B 779 23.25 0.85 -4.58
C ILE B 779 24.38 1.09 -5.58
N TYR B 780 24.10 1.87 -6.62
CA TYR B 780 25.09 2.20 -7.64
C TYR B 780 25.62 3.60 -7.38
N VAL B 781 26.95 3.72 -7.30
CA VAL B 781 27.60 4.99 -7.04
C VAL B 781 28.66 5.22 -8.11
N PRO B 782 29.01 6.47 -8.41
CA PRO B 782 30.06 6.72 -9.41
C PRO B 782 31.39 6.14 -8.97
N CYS B 783 32.14 5.62 -9.95
CA CYS B 783 33.44 5.04 -9.67
C CYS B 783 34.41 6.11 -9.21
N GLU B 784 35.17 5.79 -8.15
CA GLU B 784 36.10 6.77 -7.59
C GLU B 784 37.36 6.93 -8.42
N VAL B 785 37.83 5.87 -9.06
CA VAL B 785 39.11 5.93 -9.76
C VAL B 785 39.03 6.84 -10.98
N CYS B 786 38.00 6.66 -11.81
CA CYS B 786 37.85 7.42 -13.04
C CYS B 786 36.85 8.56 -12.93
N LYS B 787 36.24 8.75 -11.76
CA LYS B 787 35.26 9.81 -11.51
C LYS B 787 34.08 9.73 -12.47
N GLY B 788 33.78 8.54 -12.98
CA GLY B 788 32.68 8.39 -13.91
C GLY B 788 33.02 8.69 -15.36
N LYS B 789 34.28 8.99 -15.67
CA LYS B 789 34.68 9.30 -17.04
C LYS B 789 34.87 8.05 -17.90
N ARG B 790 34.92 6.87 -17.30
CA ARG B 790 34.98 5.58 -17.99
C ARG B 790 36.21 5.42 -18.86
N TYR B 791 37.27 6.20 -18.63
CA TYR B 791 38.47 6.12 -19.44
C TYR B 791 39.69 6.21 -18.55
N ASN B 792 40.80 5.64 -19.03
CA ASN B 792 42.07 5.70 -18.31
C ASN B 792 42.65 7.10 -18.36
N ARG B 793 43.48 7.42 -17.38
CA ARG B 793 44.10 8.74 -17.32
C ARG B 793 45.01 8.98 -18.51
N GLU B 794 45.75 7.95 -18.94
CA GLU B 794 46.66 8.11 -20.07
C GLU B 794 45.90 8.42 -21.36
N THR B 795 44.77 7.76 -21.58
CA THR B 795 44.00 7.98 -22.79
C THR B 795 43.33 9.35 -22.79
N LEU B 796 43.02 9.88 -21.61
CA LEU B 796 42.33 11.16 -21.52
C LEU B 796 43.29 12.31 -21.81
N GLU B 797 44.59 12.01 -21.86
CA GLU B 797 45.61 13.01 -22.14
C GLU B 797 45.62 13.47 -23.60
N VAL B 798 44.93 12.76 -24.49
CA VAL B 798 44.88 13.14 -25.89
C VAL B 798 43.72 14.09 -26.09
N ARG B 799 44.00 15.28 -26.62
CA ARG B 799 42.99 16.31 -26.85
C ARG B 799 42.95 16.66 -28.33
N TYR B 800 41.75 16.64 -28.91
CA TYR B 800 41.53 17.06 -30.29
C TYR B 800 40.78 18.38 -30.27
N LYS B 801 41.40 19.42 -30.82
CA LYS B 801 40.82 20.76 -30.85
C LYS B 801 40.44 21.22 -29.44
N GLY B 802 41.29 20.89 -28.47
CA GLY B 802 41.09 21.32 -27.10
C GLY B 802 40.10 20.52 -26.29
N LYS B 803 39.59 19.41 -26.83
CA LYS B 803 38.61 18.59 -26.12
C LYS B 803 39.00 17.13 -26.20
N ASN B 804 38.77 16.41 -25.11
CA ASN B 804 39.06 14.99 -25.02
C ASN B 804 37.78 14.19 -25.19
N ILE B 805 37.88 12.87 -24.99
CA ILE B 805 36.74 11.99 -25.20
C ILE B 805 35.65 12.27 -24.18
N ALA B 806 36.01 12.61 -22.95
CA ALA B 806 35.00 12.82 -21.91
C ALA B 806 34.15 14.04 -22.23
N GLU B 807 34.78 15.14 -22.63
CA GLU B 807 34.03 16.34 -22.95
C GLU B 807 33.21 16.15 -24.21
N VAL B 808 33.73 15.40 -25.18
CA VAL B 808 32.97 15.13 -26.40
C VAL B 808 31.71 14.33 -26.07
N LEU B 809 31.85 13.31 -25.23
CA LEU B 809 30.67 12.53 -24.83
C LEU B 809 29.70 13.37 -24.02
N ASP B 810 30.21 14.25 -23.15
CA ASP B 810 29.32 15.08 -22.34
C ASP B 810 28.63 16.17 -23.16
N MET B 811 29.14 16.46 -24.36
CA MET B 811 28.56 17.51 -25.18
C MET B 811 27.17 17.11 -25.68
N THR B 812 26.29 18.09 -25.78
CA THR B 812 24.94 17.87 -26.29
C THR B 812 24.95 17.90 -27.82
N VAL B 813 23.79 17.59 -28.41
CA VAL B 813 23.68 17.56 -29.86
C VAL B 813 23.84 18.96 -30.44
N GLU B 814 23.25 19.96 -29.78
CA GLU B 814 23.36 21.34 -30.27
C GLU B 814 24.81 21.80 -30.30
N GLU B 815 25.56 21.53 -29.23
CA GLU B 815 26.96 21.90 -29.19
C GLU B 815 27.78 21.11 -30.21
N ALA B 816 27.50 19.81 -30.34
CA ALA B 816 28.25 18.99 -31.29
C ALA B 816 27.98 19.40 -32.73
N LEU B 817 26.81 19.99 -32.99
CA LEU B 817 26.51 20.45 -34.35
C LEU B 817 27.50 21.54 -34.78
N GLU B 818 27.78 22.49 -33.89
CA GLU B 818 28.77 23.52 -34.19
C GLU B 818 30.19 23.00 -34.08
N PHE B 819 30.45 22.09 -33.13
CA PHE B 819 31.81 21.61 -32.92
C PHE B 819 32.32 20.83 -34.13
N PHE B 820 31.48 19.98 -34.72
CA PHE B 820 31.87 19.14 -35.85
C PHE B 820 31.42 19.71 -37.19
N LYS B 821 31.39 21.03 -37.31
CA LYS B 821 30.96 21.65 -38.56
C LYS B 821 31.95 21.36 -39.69
N ASN B 822 33.25 21.32 -39.37
CA ASN B 822 34.26 21.10 -40.40
C ASN B 822 34.13 19.71 -41.03
N ILE B 823 33.93 18.69 -40.21
CA ILE B 823 33.82 17.32 -40.71
C ILE B 823 32.42 17.11 -41.29
N PRO B 824 32.29 16.79 -42.58
CA PRO B 824 30.96 16.69 -43.17
C PRO B 824 30.21 15.42 -42.79
N ARG B 825 30.93 14.29 -42.73
CA ARG B 825 30.28 13.01 -42.47
C ARG B 825 29.68 12.99 -41.07
N ILE B 826 30.42 13.48 -40.07
CA ILE B 826 29.89 13.52 -38.72
C ILE B 826 28.78 14.57 -38.61
N HIS B 827 28.95 15.70 -39.30
CA HIS B 827 27.95 16.76 -39.26
C HIS B 827 26.62 16.28 -39.82
N LYS B 828 26.64 15.45 -40.86
CA LYS B 828 25.40 14.95 -41.44
C LYS B 828 24.60 14.16 -40.41
N LYS B 829 25.25 13.23 -39.70
CA LYS B 829 24.55 12.43 -38.71
C LYS B 829 24.13 13.25 -37.50
N ILE B 830 24.95 14.22 -37.08
CA ILE B 830 24.56 15.07 -35.97
C ILE B 830 23.33 15.90 -36.34
N GLU B 831 23.29 16.41 -37.58
CA GLU B 831 22.12 17.15 -38.04
C GLU B 831 20.90 16.25 -38.13
N THR B 832 21.10 14.99 -38.53
CA THR B 832 19.99 14.05 -38.55
C THR B 832 19.43 13.84 -37.14
N LEU B 833 20.31 13.71 -36.15
CA LEU B 833 19.85 13.59 -34.77
C LEU B 833 19.15 14.86 -34.31
N TYR B 834 19.63 16.02 -34.75
CA TYR B 834 19.04 17.28 -34.34
C TYR B 834 17.67 17.51 -34.96
N ASP B 835 17.45 16.99 -36.17
CA ASP B 835 16.20 17.24 -36.88
C ASP B 835 15.00 16.57 -36.22
N VAL B 836 15.21 15.50 -35.46
CA VAL B 836 14.10 14.79 -34.82
C VAL B 836 13.79 15.44 -33.49
N GLY B 837 14.39 16.59 -33.22
CA GLY B 837 14.10 17.33 -32.00
C GLY B 837 14.87 16.87 -30.79
N LEU B 838 16.02 16.22 -30.97
CA LEU B 838 16.83 15.72 -29.87
C LEU B 838 18.07 16.59 -29.64
N GLY B 839 17.95 17.89 -29.93
CA GLY B 839 19.08 18.77 -29.76
C GLY B 839 19.46 19.03 -28.31
N TYR B 840 18.53 18.81 -27.39
CA TYR B 840 18.80 19.02 -25.97
C TYR B 840 19.53 17.85 -25.32
N ILE B 841 19.55 16.68 -25.96
CA ILE B 841 20.15 15.50 -25.36
C ILE B 841 21.64 15.49 -25.61
N LYS B 842 22.35 14.70 -24.81
CA LYS B 842 23.80 14.56 -24.93
C LYS B 842 24.17 13.20 -25.48
N LEU B 843 25.29 13.15 -26.20
CA LEU B 843 25.71 11.92 -26.87
C LEU B 843 26.03 10.80 -25.91
N GLY B 844 26.49 11.11 -24.70
CA GLY B 844 26.91 10.11 -23.75
C GLY B 844 25.85 9.61 -22.79
N GLN B 845 24.60 9.99 -22.98
CA GLN B 845 23.55 9.58 -22.05
C GLN B 845 23.28 8.10 -22.17
N SER B 846 23.25 7.41 -21.04
CA SER B 846 23.03 5.97 -21.03
C SER B 846 21.62 5.65 -21.51
N SER B 847 21.48 4.53 -22.24
CA SER B 847 20.19 4.14 -22.76
C SER B 847 19.21 3.75 -21.67
N THR B 848 19.70 3.45 -20.46
CA THR B 848 18.80 3.10 -19.37
C THR B 848 17.93 4.29 -18.98
N THR B 849 18.49 5.49 -18.99
CA THR B 849 17.76 6.68 -18.55
C THR B 849 16.87 7.27 -19.64
N LEU B 850 16.99 6.82 -20.88
CA LEU B 850 16.15 7.35 -21.95
C LEU B 850 14.69 6.92 -21.76
N SER B 851 13.78 7.78 -22.18
CA SER B 851 12.36 7.49 -22.10
C SER B 851 11.88 6.86 -23.41
N GLY B 852 10.58 6.63 -23.51
CA GLY B 852 10.03 6.06 -24.73
C GLY B 852 10.15 7.00 -25.92
N GLY B 853 9.82 8.28 -25.72
CA GLY B 853 9.92 9.23 -26.81
C GLY B 853 11.34 9.43 -27.28
N GLU B 854 12.28 9.50 -26.33
CA GLU B 854 13.69 9.66 -26.70
C GLU B 854 14.19 8.45 -27.48
N ALA B 855 13.82 7.24 -27.06
CA ALA B 855 14.23 6.05 -27.78
C ALA B 855 13.62 6.00 -29.18
N GLN B 856 12.34 6.37 -29.30
CA GLN B 856 11.71 6.39 -30.61
C GLN B 856 12.37 7.40 -31.53
N ARG B 857 12.71 8.58 -31.00
CA ARG B 857 13.39 9.59 -31.81
C ARG B 857 14.78 9.13 -32.22
N VAL B 858 15.48 8.45 -31.31
CA VAL B 858 16.81 7.92 -31.66
C VAL B 858 16.69 6.91 -32.79
N LYS B 859 15.69 6.02 -32.71
CA LYS B 859 15.48 5.04 -33.78
C LYS B 859 15.16 5.73 -35.10
N LEU B 860 14.31 6.76 -35.06
CA LEU B 860 13.97 7.48 -36.28
C LEU B 860 15.19 8.16 -36.89
N ALA B 861 16.03 8.76 -36.04
CA ALA B 861 17.26 9.38 -36.54
C ALA B 861 18.18 8.34 -37.16
N THR B 862 18.30 7.18 -36.52
CA THR B 862 19.13 6.12 -37.09
C THR B 862 18.62 5.68 -38.45
N GLU B 863 17.29 5.54 -38.58
CA GLU B 863 16.72 5.17 -39.87
C GLU B 863 16.94 6.24 -40.92
N LEU B 864 16.84 7.51 -40.53
CA LEU B 864 17.07 8.60 -41.48
C LEU B 864 18.52 8.63 -41.94
N SER B 865 19.46 8.34 -41.04
CA SER B 865 20.87 8.39 -41.39
C SER B 865 21.24 7.35 -42.44
N ARG B 866 20.70 6.15 -42.34
CA ARG B 866 21.05 5.06 -43.25
C ARG B 866 20.66 5.39 -44.68
N LYS B 867 21.51 4.96 -45.61
CA LYS B 867 21.25 5.17 -47.04
C LYS B 867 20.20 4.16 -47.48
N SER B 868 18.95 4.62 -47.56
CA SER B 868 17.85 3.73 -47.91
C SER B 868 17.96 3.27 -49.35
N THR B 869 17.61 2.01 -49.60
CA THR B 869 17.63 1.44 -50.94
C THR B 869 16.29 1.56 -51.64
N GLY B 870 15.29 2.18 -51.01
CA GLY B 870 13.99 2.34 -51.62
C GLY B 870 13.09 1.13 -51.56
N LYS B 871 13.46 0.10 -50.80
CA LYS B 871 12.69 -1.12 -50.68
C LYS B 871 12.56 -1.53 -49.22
N THR B 872 12.18 -0.58 -48.38
CA THR B 872 12.01 -0.81 -46.95
C THR B 872 10.62 -0.38 -46.53
N MET B 873 10.08 -1.05 -45.51
CA MET B 873 8.77 -0.72 -44.96
C MET B 873 8.89 -0.47 -43.48
N TYR B 874 8.31 0.64 -43.02
CA TYR B 874 8.32 1.03 -41.62
C TYR B 874 6.91 0.91 -41.05
N ILE B 875 6.80 0.30 -39.88
CA ILE B 875 5.51 0.10 -39.21
C ILE B 875 5.58 0.79 -37.86
N LEU B 876 4.62 1.68 -37.60
CA LEU B 876 4.57 2.43 -36.35
C LEU B 876 3.19 2.28 -35.74
N ASP B 877 3.15 1.98 -34.44
CA ASP B 877 1.90 1.81 -33.70
C ASP B 877 1.74 2.98 -32.76
N GLU B 878 0.80 3.87 -33.07
CA GLU B 878 0.54 5.07 -32.29
C GLU B 878 1.81 5.87 -32.02
N PRO B 879 2.48 6.38 -33.06
CA PRO B 879 3.70 7.15 -32.83
C PRO B 879 3.49 8.44 -32.06
N THR B 880 2.26 8.97 -32.05
CA THR B 880 1.97 10.23 -31.36
C THR B 880 1.52 9.99 -29.92
N THR B 881 2.33 9.24 -29.17
CA THR B 881 2.07 8.97 -27.77
C THR B 881 2.95 9.88 -26.93
N GLY B 882 2.33 10.77 -26.15
CA GLY B 882 3.09 11.71 -25.36
C GLY B 882 3.74 12.82 -26.16
N LEU B 883 3.20 13.16 -27.32
CA LEU B 883 3.76 14.17 -28.19
C LEU B 883 2.87 15.40 -28.20
N HIS B 884 3.48 16.57 -28.03
CA HIS B 884 2.78 17.84 -28.14
C HIS B 884 2.35 18.08 -29.59
N MET B 885 1.63 19.18 -29.81
CA MET B 885 1.23 19.53 -31.17
C MET B 885 2.45 19.84 -32.04
N ALA B 886 3.42 20.57 -31.49
CA ALA B 886 4.64 20.84 -32.23
C ALA B 886 5.43 19.56 -32.50
N ASP B 887 5.44 18.66 -31.53
CA ASP B 887 6.09 17.36 -31.73
C ASP B 887 5.39 16.57 -32.83
N VAL B 888 4.06 16.65 -32.88
CA VAL B 888 3.31 15.98 -33.95
C VAL B 888 3.66 16.59 -35.29
N HIS B 889 3.78 17.91 -35.36
CA HIS B 889 4.18 18.57 -36.61
C HIS B 889 5.54 18.09 -37.07
N ARG B 890 6.51 18.04 -36.15
CA ARG B 890 7.85 17.59 -36.50
C ARG B 890 7.84 16.13 -36.94
N LEU B 891 7.07 15.29 -36.25
CA LEU B 891 7.00 13.88 -36.63
C LEU B 891 6.37 13.70 -38.00
N VAL B 892 5.34 14.48 -38.31
CA VAL B 892 4.73 14.42 -39.63
C VAL B 892 5.74 14.80 -40.70
N GLY B 893 6.52 15.87 -40.45
CA GLY B 893 7.55 16.22 -41.41
C GLY B 893 8.58 15.12 -41.60
N ILE B 894 9.00 14.49 -40.50
CA ILE B 894 10.00 13.42 -40.58
C ILE B 894 9.45 12.24 -41.37
N LEU B 895 8.21 11.86 -41.10
CA LEU B 895 7.61 10.72 -41.81
C LEU B 895 7.46 11.02 -43.30
N HIS B 896 7.07 12.24 -43.64
CA HIS B 896 6.97 12.60 -45.05
C HIS B 896 8.33 12.59 -45.72
N ARG B 897 9.38 13.02 -45.01
CA ARG B 897 10.73 12.93 -45.56
C ARG B 897 11.13 11.48 -45.80
N LEU B 898 10.81 10.60 -44.85
CA LEU B 898 11.13 9.19 -45.03
C LEU B 898 10.40 8.60 -46.24
N VAL B 899 9.13 8.97 -46.41
CA VAL B 899 8.38 8.48 -47.57
C VAL B 899 8.99 9.01 -48.86
N GLU B 900 9.33 10.30 -48.89
CA GLU B 900 9.91 10.88 -50.10
C GLU B 900 11.27 10.29 -50.41
N ALA B 901 11.95 9.73 -49.40
CA ALA B 901 13.21 9.05 -49.67
C ALA B 901 13.04 7.82 -50.55
N GLY B 902 11.82 7.27 -50.63
CA GLY B 902 11.54 6.13 -51.49
C GLY B 902 11.01 4.90 -50.78
N ASN B 903 10.69 4.97 -49.50
CA ASN B 903 10.21 3.82 -48.76
C ASN B 903 8.70 3.90 -48.54
N SER B 904 8.17 2.94 -47.79
CA SER B 904 6.75 2.88 -47.49
C SER B 904 6.56 2.92 -45.98
N VAL B 905 5.60 3.72 -45.52
CA VAL B 905 5.33 3.91 -44.10
C VAL B 905 3.87 3.54 -43.84
N VAL B 906 3.65 2.66 -42.87
CA VAL B 906 2.31 2.27 -42.44
C VAL B 906 2.19 2.60 -40.96
N VAL B 907 1.17 3.38 -40.59
CA VAL B 907 1.02 3.90 -39.25
C VAL B 907 -0.40 3.63 -38.77
N ILE B 908 -0.53 3.05 -37.58
CA ILE B 908 -1.82 2.89 -36.92
C ILE B 908 -2.02 4.12 -36.04
N GLU B 909 -2.91 5.01 -36.46
CA GLU B 909 -3.06 6.30 -35.80
C GLU B 909 -4.52 6.61 -35.54
N HIS B 910 -4.77 7.30 -34.41
CA HIS B 910 -6.07 7.84 -34.08
C HIS B 910 -6.09 9.36 -34.13
N ASN B 911 -4.96 10.00 -34.40
CA ASN B 911 -4.87 11.45 -34.43
C ASN B 911 -5.30 11.98 -35.79
N LEU B 912 -6.21 12.95 -35.79
CA LEU B 912 -6.71 13.47 -37.06
C LEU B 912 -5.70 14.36 -37.76
N ASP B 913 -4.81 15.02 -37.01
CA ASP B 913 -3.79 15.84 -37.63
C ASP B 913 -2.84 15.00 -38.47
N VAL B 914 -2.45 13.84 -37.97
CA VAL B 914 -1.62 12.93 -38.76
C VAL B 914 -2.42 12.33 -39.91
N ILE B 915 -3.69 12.01 -39.65
CA ILE B 915 -4.51 11.33 -40.65
C ILE B 915 -4.74 12.21 -41.86
N LYS B 916 -5.02 13.49 -41.64
CA LYS B 916 -5.36 14.38 -42.75
C LYS B 916 -4.20 14.59 -43.72
N THR B 917 -2.97 14.26 -43.33
CA THR B 917 -1.82 14.41 -44.20
C THR B 917 -1.45 13.14 -44.94
N ALA B 918 -2.08 12.02 -44.62
CA ALA B 918 -1.72 10.75 -45.23
C ALA B 918 -2.19 10.69 -46.68
N ASP B 919 -1.46 9.93 -47.50
CA ASP B 919 -1.82 9.73 -48.89
C ASP B 919 -2.81 8.59 -49.10
N TYR B 920 -3.03 7.76 -48.09
CA TYR B 920 -3.94 6.63 -48.21
C TYR B 920 -4.45 6.26 -46.84
N ILE B 921 -5.74 5.99 -46.73
CA ILE B 921 -6.38 5.67 -45.46
C ILE B 921 -7.19 4.39 -45.63
N ILE B 922 -7.01 3.45 -44.71
CA ILE B 922 -7.78 2.22 -44.67
C ILE B 922 -8.56 2.20 -43.36
N ASP B 923 -9.89 2.14 -43.46
CA ASP B 923 -10.78 2.24 -42.31
C ASP B 923 -11.40 0.88 -42.04
N LEU B 924 -11.33 0.43 -40.79
CA LEU B 924 -11.90 -0.85 -40.38
C LEU B 924 -13.03 -0.62 -39.38
N GLY B 925 -14.02 -1.50 -39.43
CA GLY B 925 -15.14 -1.41 -38.52
C GLY B 925 -16.31 -2.26 -38.94
N PRO B 926 -17.53 -1.70 -38.88
CA PRO B 926 -17.84 -0.33 -38.47
C PRO B 926 -17.91 -0.17 -36.96
N GLU B 927 -17.82 -1.26 -36.20
CA GLU B 927 -17.83 -1.19 -34.75
C GLU B 927 -16.67 -1.97 -34.17
N GLY B 928 -16.68 -2.18 -32.85
CA GLY B 928 -15.61 -2.93 -32.21
C GLY B 928 -16.04 -4.33 -31.81
N GLY B 929 -15.10 -5.13 -31.35
CA GLY B 929 -15.43 -6.48 -30.91
C GLY B 929 -15.92 -7.33 -32.07
N SER B 930 -16.95 -8.12 -31.81
CA SER B 930 -17.51 -8.98 -32.86
C SER B 930 -18.27 -8.19 -33.90
N GLY B 931 -18.57 -6.92 -33.64
CA GLY B 931 -19.27 -6.10 -34.62
C GLY B 931 -18.39 -5.50 -35.69
N GLY B 932 -17.07 -5.65 -35.57
CA GLY B 932 -16.16 -5.09 -36.55
C GLY B 932 -15.49 -6.14 -37.41
N GLY B 933 -14.23 -5.93 -37.75
CA GLY B 933 -13.48 -6.87 -38.55
C GLY B 933 -13.69 -6.76 -40.04
N LEU B 934 -14.40 -5.74 -40.51
CA LEU B 934 -14.64 -5.53 -41.94
C LEU B 934 -13.94 -4.25 -42.40
N VAL B 935 -13.90 -4.07 -43.71
CA VAL B 935 -13.32 -2.88 -44.32
C VAL B 935 -14.46 -1.95 -44.71
N VAL B 936 -14.40 -0.71 -44.23
CA VAL B 936 -15.48 0.25 -44.45
C VAL B 936 -15.15 1.15 -45.64
N ALA B 937 -14.03 1.85 -45.56
CA ALA B 937 -13.65 2.80 -46.60
C ALA B 937 -12.16 2.70 -46.87
N GLU B 938 -11.76 3.10 -48.07
CA GLU B 938 -10.36 3.11 -48.47
C GLU B 938 -10.14 4.19 -49.51
N GLY B 939 -8.90 4.64 -49.61
CA GLY B 939 -8.50 5.64 -50.57
C GLY B 939 -7.95 6.90 -49.92
N THR B 940 -7.93 7.97 -50.70
CA THR B 940 -7.43 9.24 -50.23
C THR B 940 -8.36 9.80 -49.15
N PRO B 941 -7.87 10.72 -48.30
CA PRO B 941 -8.72 11.25 -47.24
C PRO B 941 -10.02 11.87 -47.75
N GLU B 942 -10.00 12.49 -48.93
CA GLU B 942 -11.24 13.03 -49.49
C GLU B 942 -12.22 11.91 -49.82
N GLU B 943 -11.73 10.83 -50.42
CA GLU B 943 -12.60 9.69 -50.73
C GLU B 943 -13.20 9.09 -49.48
N VAL B 944 -12.39 8.96 -48.42
CA VAL B 944 -12.91 8.44 -47.16
C VAL B 944 -13.95 9.39 -46.57
N ALA B 945 -13.69 10.70 -46.66
CA ALA B 945 -14.64 11.67 -46.15
C ALA B 945 -15.96 11.62 -46.92
N LYS B 946 -15.91 11.19 -48.18
CA LYS B 946 -17.14 11.05 -48.95
C LYS B 946 -18.03 9.93 -48.43
N VAL B 947 -17.49 8.98 -47.69
CA VAL B 947 -18.26 7.84 -47.20
C VAL B 947 -19.11 8.29 -46.01
N GLU B 948 -20.41 8.07 -46.10
CA GLU B 948 -21.32 8.54 -45.05
C GLU B 948 -21.23 7.68 -43.80
N ASN B 949 -21.17 6.35 -43.98
CA ASN B 949 -21.23 5.43 -42.83
C ASN B 949 -19.83 5.11 -42.33
N SER B 950 -19.10 6.16 -41.97
CA SER B 950 -17.75 6.00 -41.44
C SER B 950 -17.46 7.15 -40.49
N TYR B 951 -17.15 6.81 -39.24
CA TYR B 951 -16.85 7.85 -38.25
C TYR B 951 -15.60 8.63 -38.64
N THR B 952 -14.57 7.94 -39.12
CA THR B 952 -13.37 8.63 -39.57
C THR B 952 -13.67 9.58 -40.71
N GLY B 953 -14.51 9.15 -41.66
CA GLY B 953 -14.91 10.04 -42.73
C GLY B 953 -15.71 11.23 -42.23
N GLN B 954 -16.60 11.00 -41.26
CA GLN B 954 -17.39 12.09 -40.71
C GLN B 954 -16.50 13.14 -40.05
N PHE B 955 -15.49 12.71 -39.31
CA PHE B 955 -14.61 13.67 -38.66
C PHE B 955 -13.67 14.34 -39.65
N LEU B 956 -13.22 13.59 -40.66
CA LEU B 956 -12.36 14.18 -41.68
C LEU B 956 -13.10 15.22 -42.50
N LYS B 957 -14.41 15.06 -42.67
CA LYS B 957 -15.18 16.05 -43.40
C LYS B 957 -15.13 17.41 -42.70
N LYS B 958 -15.23 17.41 -41.37
CA LYS B 958 -15.14 18.66 -40.63
C LYS B 958 -13.70 19.16 -40.56
N VAL B 959 -12.73 18.25 -40.43
CA VAL B 959 -11.33 18.66 -40.29
C VAL B 959 -10.85 19.36 -41.56
N LEU B 960 -11.16 18.78 -42.71
CA LEU B 960 -10.71 19.34 -43.98
C LEU B 960 -11.45 20.63 -44.31
ZN ZN C . 43.62 19.54 9.64
ZN ZN D . 30.51 1.38 12.80
ZN ZN E . -13.12 -35.33 9.87
ZN ZN F . -32.54 -34.58 -11.09
ZN ZN G . -11.65 -26.97 -15.27
ZN ZN H . 36.58 3.48 -12.93
#